data_6WR0
#
_entry.id   6WR0
#
_cell.length_a   90.347
_cell.length_b   152.981
_cell.length_c   168.499
_cell.angle_alpha   90.000
_cell.angle_beta   90.000
_cell.angle_gamma   90.000
#
_symmetry.space_group_name_H-M   'P 21 21 21'
#
loop_
_entity.id
_entity.type
_entity.pdbx_description
1 polymer 'Steroid 17-alpha-hydroxylase/17,20 lyase'
2 non-polymer 'PROTOPORPHYRIN IX CONTAINING FE'
3 non-polymer (8alpha)-17-(pyridin-3-yl)androsta-4,16-dien-3-one
4 non-polymer 'CHLORIDE ION'
5 water water
#
_entity_poly.entity_id   1
_entity_poly.type   'polypeptide(L)'
_entity_poly.pdbx_seq_one_letter_code
;MAKKTGAKYPKSLLSLPLVGSLPFLPRHGHMHNNFFKLQKKYGPIYSVRMGTKTTVIVGHHQLAKEVLIKKGKDFSGRPQ
MATLDIASNNRKGIAFADSGAHWQLHRRLAMATFALFKDGDQKLEKIICQEISTLCDMLATHNGQSIDISFPVFVAVTNV
ISLICFNTSYKNGDPELNVIQNYNEGIIDNLSKDSLVDLVPWLKIFPNKTLEKLKSHVKIRNDLLNKILENYKEKFRSDS
ITNMLDTLMQAKMNSDNGNAGPDQDSELLSDNHILTTIGDIFGAGVETTTSVVKWTLAFLLHNPQVKKKLYEEIDQNVGF
SRTPTISDRNRLLLLEATIREVLRLRPVAPMLIPHKANVDSSIGEFAVDKGTEVIINLWALHHNEKEWHQPDQFMPERFL
NPAGTQLISPSVSYLPFGAGPRSCIGEILARQELFLIMAWLLQRFDLEVPDDGQLPSLEGIPKVVFLIDSFKVKIKVRQA
WREAQAEGSTHHHH
;
_entity_poly.pdbx_strand_id   A,B,C,D
#
loop_
_chem_comp.id
_chem_comp.type
_chem_comp.name
_chem_comp.formula
CL non-polymer 'CHLORIDE ION' 'Cl -1'
HEM non-polymer 'PROTOPORPHYRIN IX CONTAINING FE' 'C34 H32 Fe N4 O4'
U7P non-polymer (8alpha)-17-(pyridin-3-yl)androsta-4,16-dien-3-one 'C24 H29 N O'
#
# COMPACT_ATOMS: atom_id res chain seq x y z
N LEU A 13 -37.71 7.19 -29.54
CA LEU A 13 -36.32 6.79 -29.38
C LEU A 13 -36.25 5.41 -28.74
N LEU A 14 -35.39 4.55 -29.29
CA LEU A 14 -35.35 3.14 -28.96
C LEU A 14 -34.38 2.82 -27.83
N SER A 15 -34.61 1.66 -27.21
CA SER A 15 -33.87 1.22 -26.05
C SER A 15 -32.89 0.13 -26.50
N LEU A 16 -31.68 0.17 -25.95
CA LEU A 16 -30.59 -0.67 -26.44
C LEU A 16 -30.84 -2.15 -26.17
N PRO A 17 -30.46 -3.02 -27.09
CA PRO A 17 -30.43 -4.47 -26.80
C PRO A 17 -29.51 -4.75 -25.61
N LEU A 18 -30.03 -5.51 -24.64
CA LEU A 18 -29.28 -5.93 -23.46
C LEU A 18 -28.91 -7.42 -23.58
N VAL A 19 -27.61 -7.71 -23.66
CA VAL A 19 -27.15 -9.08 -23.76
C VAL A 19 -26.62 -9.60 -22.42
N GLY A 20 -26.58 -8.75 -21.41
CA GLY A 20 -26.06 -9.19 -20.11
C GLY A 20 -26.45 -8.23 -19.03
N SER A 21 -26.70 -8.78 -17.84
CA SER A 21 -27.07 -7.96 -16.68
C SER A 21 -26.61 -8.67 -15.41
N LEU A 22 -25.88 -7.95 -14.55
CA LEU A 22 -25.52 -8.40 -13.21
C LEU A 22 -25.95 -7.37 -12.18
N PRO A 23 -26.50 -7.79 -11.04
CA PRO A 23 -27.07 -6.80 -10.11
C PRO A 23 -26.06 -5.87 -9.48
N PHE A 24 -24.81 -6.30 -9.27
CA PHE A 24 -23.80 -5.46 -8.66
C PHE A 24 -22.45 -5.71 -9.34
N LEU A 25 -21.48 -4.84 -9.06
CA LEU A 25 -20.20 -4.90 -9.74
C LEU A 25 -19.37 -6.10 -9.26
N PRO A 26 -18.68 -6.73 -10.18
CA PRO A 26 -17.84 -7.79 -9.73
C PRO A 26 -16.60 -7.17 -9.11
N ARG A 27 -16.08 -7.78 -8.06
CA ARG A 27 -14.93 -7.36 -7.28
C ARG A 27 -15.05 -6.05 -6.55
N HIS A 28 -16.23 -5.70 -6.06
CA HIS A 28 -16.40 -4.49 -5.30
C HIS A 28 -17.21 -4.83 -4.03
N GLY A 29 -16.59 -4.85 -2.85
CA GLY A 29 -17.15 -5.30 -1.60
C GLY A 29 -17.05 -6.81 -1.48
N HIS A 30 -17.33 -7.36 -0.30
CA HIS A 30 -17.40 -8.81 -0.16
C HIS A 30 -18.69 -9.31 -0.81
N MET A 31 -18.61 -10.46 -1.49
CA MET A 31 -19.79 -10.91 -2.23
C MET A 31 -20.87 -11.41 -1.28
N HIS A 32 -20.50 -11.94 -0.11
CA HIS A 32 -21.53 -12.37 0.83
C HIS A 32 -22.34 -11.17 1.32
N ASN A 33 -21.75 -9.99 1.36
CA ASN A 33 -22.49 -8.79 1.74
C ASN A 33 -23.19 -8.16 0.55
N ASN A 34 -22.68 -8.38 -0.67
CA ASN A 34 -23.37 -7.90 -1.86
C ASN A 34 -24.67 -8.67 -2.08
N PHE A 35 -24.63 -10.00 -1.90
CA PHE A 35 -25.86 -10.79 -1.96
C PHE A 35 -26.82 -10.38 -0.85
N PHE A 36 -26.29 -10.10 0.34
CA PHE A 36 -27.12 -9.69 1.47
C PHE A 36 -27.82 -8.37 1.19
N LYS A 37 -27.07 -7.37 0.73
CA LYS A 37 -27.65 -6.07 0.42
C LYS A 37 -28.68 -6.16 -0.70
N LEU A 38 -28.57 -7.17 -1.57
CA LEU A 38 -29.55 -7.33 -2.62
C LEU A 38 -30.89 -7.85 -2.12
N GLN A 39 -30.95 -8.39 -0.88
CA GLN A 39 -32.22 -8.92 -0.36
C GLN A 39 -33.23 -7.80 -0.14
N LYS A 40 -32.75 -6.58 0.11
CA LYS A 40 -33.66 -5.46 0.34
C LYS A 40 -34.40 -5.07 -0.94
N LYS A 41 -33.91 -5.51 -2.07
CA LYS A 41 -34.52 -5.26 -3.33
C LYS A 41 -35.22 -6.44 -3.96
N TYR A 42 -34.74 -7.64 -3.74
CA TYR A 42 -35.24 -8.83 -4.41
C TYR A 42 -35.71 -9.93 -3.47
N GLY A 43 -35.60 -9.73 -2.16
CA GLY A 43 -36.07 -10.71 -1.21
C GLY A 43 -35.00 -11.69 -0.80
N PRO A 44 -35.37 -12.69 0.00
CA PRO A 44 -34.39 -13.62 0.58
C PRO A 44 -34.00 -14.81 -0.28
N ILE A 45 -34.56 -14.93 -1.48
CA ILE A 45 -34.19 -16.01 -2.40
C ILE A 45 -34.32 -15.49 -3.80
N TYR A 46 -33.22 -15.54 -4.56
CA TYR A 46 -33.18 -15.09 -5.94
C TYR A 46 -32.07 -15.87 -6.62
N SER A 47 -32.03 -15.77 -7.94
CA SER A 47 -31.13 -16.60 -8.75
C SER A 47 -30.37 -15.76 -9.76
N VAL A 48 -29.26 -16.31 -10.22
CA VAL A 48 -28.45 -15.70 -11.28
C VAL A 48 -28.04 -16.78 -12.24
N ARG A 49 -28.05 -16.46 -13.52
CA ARG A 49 -27.72 -17.38 -14.60
C ARG A 49 -26.51 -16.87 -15.37
N MET A 50 -25.52 -17.74 -15.64
CA MET A 50 -24.28 -17.46 -16.36
C MET A 50 -24.05 -18.58 -17.34
N GLY A 51 -24.28 -18.37 -18.62
CA GLY A 51 -24.30 -19.48 -19.57
C GLY A 51 -25.37 -20.46 -19.23
N THR A 52 -24.96 -21.71 -19.12
CA THR A 52 -25.90 -22.75 -18.76
C THR A 52 -26.10 -22.87 -17.24
N LYS A 53 -25.31 -22.20 -16.42
CA LYS A 53 -25.45 -22.38 -15.01
C LYS A 53 -26.41 -21.46 -14.31
N THR A 54 -27.22 -21.99 -13.38
CA THR A 54 -28.16 -21.18 -12.65
C THR A 54 -27.73 -21.38 -11.20
N THR A 55 -27.68 -20.30 -10.44
CA THR A 55 -27.26 -20.38 -9.07
C THR A 55 -28.31 -19.73 -8.16
N VAL A 56 -28.69 -20.39 -7.07
CA VAL A 56 -29.67 -19.81 -6.18
C VAL A 56 -29.03 -19.37 -4.86
N ILE A 57 -29.28 -18.14 -4.42
CA ILE A 57 -28.74 -17.61 -3.18
C ILE A 57 -29.88 -17.47 -2.19
N VAL A 58 -29.71 -18.07 -1.01
CA VAL A 58 -30.74 -18.11 0.03
C VAL A 58 -30.20 -17.38 1.25
N GLY A 59 -31.00 -16.43 1.76
CA GLY A 59 -30.55 -15.58 2.85
C GLY A 59 -31.49 -15.42 4.03
N HIS A 60 -32.39 -16.40 4.27
CA HIS A 60 -33.27 -16.43 5.43
C HIS A 60 -33.22 -17.82 6.08
N HIS A 61 -33.31 -17.85 7.42
CA HIS A 61 -33.04 -19.09 8.15
C HIS A 61 -34.06 -20.19 7.78
N GLN A 62 -35.30 -19.86 7.62
CA GLN A 62 -36.29 -20.76 7.16
C GLN A 62 -35.89 -21.44 5.87
N LEU A 63 -35.62 -20.69 4.81
CA LEU A 63 -35.23 -21.30 3.59
C LEU A 63 -33.91 -22.04 3.74
N ALA A 64 -33.01 -21.52 4.57
CA ALA A 64 -31.73 -22.17 4.75
C ALA A 64 -31.92 -23.51 5.44
N LYS A 65 -32.80 -23.56 6.45
CA LYS A 65 -33.03 -24.83 7.13
C LYS A 65 -33.74 -25.84 6.25
N GLU A 66 -34.46 -25.36 5.23
CA GLU A 66 -35.06 -26.27 4.26
C GLU A 66 -34.01 -26.87 3.35
N VAL A 67 -33.05 -26.07 2.89
CA VAL A 67 -32.02 -26.57 1.98
C VAL A 67 -31.09 -27.53 2.70
N LEU A 68 -30.69 -27.20 3.94
CA LEU A 68 -29.67 -28.01 4.62
C LEU A 68 -30.26 -29.21 5.34
N ILE A 69 -31.39 -29.03 5.97
CA ILE A 69 -31.99 -30.04 6.81
C ILE A 69 -33.25 -30.75 6.40
N LYS A 70 -34.35 -30.07 6.12
CA LYS A 70 -35.61 -30.70 5.73
C LYS A 70 -35.58 -31.44 4.45
N LYS A 71 -34.91 -30.88 3.47
CA LYS A 71 -34.71 -31.58 2.22
C LYS A 71 -33.23 -31.73 2.03
N GLY A 72 -32.49 -31.86 3.11
CA GLY A 72 -31.07 -31.97 3.09
C GLY A 72 -30.48 -32.89 2.08
N LYS A 73 -31.08 -34.04 1.89
CA LYS A 73 -30.60 -34.99 0.94
C LYS A 73 -30.73 -34.55 -0.47
N ASP A 74 -31.71 -33.74 -0.78
CA ASP A 74 -31.91 -33.24 -2.11
C ASP A 74 -30.90 -32.21 -2.50
N PHE A 75 -30.28 -31.56 -1.53
CA PHE A 75 -29.37 -30.46 -1.86
C PHE A 75 -27.97 -30.73 -1.32
N SER A 76 -27.63 -32.00 -1.15
CA SER A 76 -26.36 -32.41 -0.57
C SER A 76 -25.25 -32.55 -1.61
N GLY A 77 -25.47 -32.10 -2.84
CA GLY A 77 -24.44 -32.18 -3.83
C GLY A 77 -23.43 -31.05 -3.73
N ARG A 78 -22.30 -31.22 -4.42
CA ARG A 78 -21.30 -30.17 -4.56
C ARG A 78 -21.08 -29.89 -6.04
N PRO A 79 -21.08 -28.63 -6.47
CA PRO A 79 -20.82 -28.33 -7.89
C PRO A 79 -19.36 -28.59 -8.26
N GLN A 80 -19.16 -28.93 -9.53
CA GLN A 80 -17.82 -29.14 -10.08
C GLN A 80 -17.18 -27.84 -10.52
N MET A 81 -15.97 -27.57 -10.05
CA MET A 81 -15.21 -26.42 -10.47
C MET A 81 -13.79 -26.85 -10.77
N ALA A 82 -13.21 -26.31 -11.84
CA ALA A 82 -11.86 -26.73 -12.23
C ALA A 82 -10.89 -26.59 -11.07
N THR A 83 -11.05 -25.54 -10.28
CA THR A 83 -10.14 -25.26 -9.19
C THR A 83 -10.30 -26.25 -8.04
N LEU A 84 -11.54 -26.63 -7.72
CA LEU A 84 -11.75 -27.57 -6.63
C LEU A 84 -11.45 -29.01 -7.05
N ASP A 85 -11.49 -29.29 -8.35
CA ASP A 85 -11.05 -30.59 -8.84
C ASP A 85 -9.60 -30.85 -8.48
N ILE A 86 -8.76 -29.81 -8.58
CA ILE A 86 -7.33 -30.00 -8.35
C ILE A 86 -7.06 -30.26 -6.88
N ALA A 87 -7.64 -29.44 -6.00
CA ALA A 87 -7.37 -29.60 -4.58
C ALA A 87 -7.93 -30.91 -4.06
N SER A 88 -8.97 -31.44 -4.71
CA SER A 88 -9.64 -32.65 -4.28
C SER A 88 -9.19 -33.86 -5.09
N ASN A 89 -8.22 -33.70 -5.98
CA ASN A 89 -7.76 -34.77 -6.87
C ASN A 89 -8.94 -35.39 -7.60
N ASN A 90 -9.71 -34.51 -8.26
CA ASN A 90 -10.91 -34.88 -8.99
C ASN A 90 -12.00 -35.42 -8.04
N ARG A 91 -12.37 -34.58 -7.08
CA ARG A 91 -13.57 -34.80 -6.27
C ARG A 91 -13.53 -36.12 -5.50
N LYS A 92 -12.34 -36.48 -5.02
CA LYS A 92 -12.23 -37.44 -3.94
C LYS A 92 -12.23 -36.67 -2.62
N GLY A 93 -11.95 -37.34 -1.51
CA GLY A 93 -12.05 -36.65 -0.24
C GLY A 93 -13.48 -36.50 0.24
N ILE A 94 -13.72 -35.42 0.99
CA ILE A 94 -15.02 -35.22 1.62
C ILE A 94 -15.67 -33.90 1.22
N ALA A 95 -14.97 -32.79 1.45
CA ALA A 95 -15.62 -31.48 1.38
C ALA A 95 -16.00 -31.11 -0.04
N PHE A 96 -15.17 -31.45 -1.02
CA PHE A 96 -15.43 -31.08 -2.40
C PHE A 96 -15.87 -32.28 -3.24
N ALA A 97 -16.07 -33.44 -2.60
CA ALA A 97 -16.57 -34.60 -3.32
C ALA A 97 -18.09 -34.48 -3.43
N ASP A 98 -18.62 -34.87 -4.58
CA ASP A 98 -20.05 -34.84 -4.79
C ASP A 98 -20.75 -35.89 -3.93
N SER A 99 -22.06 -35.74 -3.80
CA SER A 99 -22.85 -36.76 -3.13
C SER A 99 -22.67 -38.10 -3.83
N GLY A 100 -22.75 -39.18 -3.06
CA GLY A 100 -22.52 -40.50 -3.59
C GLY A 100 -21.73 -41.38 -2.63
N ALA A 101 -21.31 -42.52 -3.16
CA ALA A 101 -20.69 -43.54 -2.33
C ALA A 101 -19.37 -43.06 -1.73
N HIS A 102 -18.50 -42.46 -2.55
CA HIS A 102 -17.21 -41.99 -2.06
C HIS A 102 -17.40 -41.10 -0.84
N TRP A 103 -18.16 -40.02 -1.02
CA TRP A 103 -18.34 -39.02 0.02
C TRP A 103 -18.93 -39.65 1.29
N GLN A 104 -19.97 -40.47 1.12
CA GLN A 104 -20.67 -41.00 2.29
C GLN A 104 -19.82 -41.97 3.09
N LEU A 105 -18.99 -42.78 2.41
CA LEU A 105 -18.14 -43.71 3.14
C LEU A 105 -17.03 -42.96 3.91
N HIS A 106 -16.33 -42.04 3.23
CA HIS A 106 -15.18 -41.41 3.88
C HIS A 106 -15.59 -40.44 4.97
N ARG A 107 -16.75 -39.79 4.82
CA ARG A 107 -17.20 -38.92 5.88
C ARG A 107 -17.54 -39.72 7.14
N ARG A 108 -18.10 -40.88 6.97
CA ARG A 108 -18.49 -41.70 8.08
C ARG A 108 -17.32 -42.21 8.84
N LEU A 109 -16.36 -42.71 8.12
CA LEU A 109 -15.12 -43.25 8.68
C LEU A 109 -14.29 -42.13 9.27
N ALA A 110 -14.36 -40.93 8.66
CA ALA A 110 -13.75 -39.75 9.27
C ALA A 110 -14.44 -39.39 10.58
N MET A 111 -15.78 -39.44 10.60
CA MET A 111 -16.51 -39.17 11.83
C MET A 111 -16.34 -40.30 12.83
N ALA A 112 -16.23 -41.54 12.35
CA ALA A 112 -15.97 -42.67 13.23
C ALA A 112 -14.63 -42.51 13.93
N THR A 113 -13.64 -41.93 13.26
CA THR A 113 -12.33 -41.75 13.86
C THR A 113 -12.38 -40.82 15.07
N PHE A 114 -13.20 -39.78 15.01
CA PHE A 114 -13.27 -38.84 16.12
C PHE A 114 -13.84 -39.49 17.37
N ALA A 115 -14.65 -40.54 17.22
CA ALA A 115 -15.22 -41.22 18.38
C ALA A 115 -14.14 -41.86 19.25
N LEU A 116 -13.04 -42.21 18.61
CA LEU A 116 -11.91 -42.84 19.25
C LEU A 116 -11.22 -41.96 20.23
N PHE A 117 -11.63 -40.72 20.39
CA PHE A 117 -10.95 -39.91 21.38
C PHE A 117 -11.87 -39.57 22.53
N LYS A 118 -12.76 -40.50 22.88
CA LYS A 118 -13.71 -40.28 23.95
C LYS A 118 -13.06 -40.12 25.31
N ASP A 119 -12.17 -41.04 25.66
CA ASP A 119 -11.45 -40.99 26.93
C ASP A 119 -10.28 -41.93 26.91
N GLY A 120 -9.31 -41.70 27.76
CA GLY A 120 -8.18 -42.58 27.83
C GLY A 120 -6.94 -41.73 27.93
N ASP A 121 -5.81 -42.37 27.60
CA ASP A 121 -4.51 -41.72 27.56
C ASP A 121 -4.31 -40.87 26.32
N GLN A 122 -5.26 -40.95 25.38
CA GLN A 122 -5.27 -40.25 24.13
C GLN A 122 -6.62 -39.59 24.02
N LYS A 123 -6.97 -38.81 25.04
CA LYS A 123 -8.22 -38.09 25.13
C LYS A 123 -8.06 -36.85 24.30
N LEU A 124 -9.11 -36.31 23.67
CA LEU A 124 -8.85 -35.20 22.79
C LEU A 124 -8.42 -33.98 23.61
N GLU A 125 -9.02 -33.80 24.79
CA GLU A 125 -8.61 -32.69 25.65
C GLU A 125 -7.13 -32.79 25.99
N LYS A 126 -6.63 -34.01 26.24
CA LYS A 126 -5.24 -34.15 26.68
C LYS A 126 -4.29 -33.94 25.51
N ILE A 127 -4.68 -34.33 24.31
CA ILE A 127 -3.83 -34.09 23.13
C ILE A 127 -3.77 -32.59 22.83
N ILE A 128 -4.89 -31.88 23.02
CA ILE A 128 -4.92 -30.43 22.76
C ILE A 128 -4.02 -29.70 23.74
N CYS A 129 -4.20 -29.96 25.03
CA CYS A 129 -3.45 -29.28 26.06
C CYS A 129 -1.96 -29.58 25.99
N GLN A 130 -1.58 -30.76 25.51
CA GLN A 130 -0.17 -31.07 25.37
C GLN A 130 0.49 -30.11 24.38
N GLU A 131 -0.20 -29.79 23.29
CA GLU A 131 0.35 -28.89 22.29
C GLU A 131 0.16 -27.44 22.69
N ILE A 132 -0.87 -27.15 23.48
CA ILE A 132 -1.05 -25.79 23.97
C ILE A 132 0.02 -25.46 25.00
N SER A 133 0.48 -26.46 25.76
CA SER A 133 1.52 -26.20 26.75
C SER A 133 2.81 -25.75 26.08
N THR A 134 3.22 -26.45 25.02
CA THR A 134 4.37 -26.01 24.25
C THR A 134 4.15 -24.65 23.61
N LEU A 135 2.94 -24.40 23.11
CA LEU A 135 2.63 -23.11 22.50
C LEU A 135 2.88 -21.97 23.47
N CYS A 136 2.37 -22.10 24.71
CA CYS A 136 2.47 -20.99 25.65
C CYS A 136 3.89 -20.85 26.16
N ASP A 137 4.65 -21.94 26.22
CA ASP A 137 6.07 -21.83 26.51
C ASP A 137 6.76 -21.00 25.45
N MET A 138 6.43 -21.23 24.17
CA MET A 138 7.08 -20.50 23.10
C MET A 138 6.65 -19.03 23.11
N LEU A 139 5.37 -18.77 23.39
CA LEU A 139 4.92 -17.38 23.45
C LEU A 139 5.50 -16.65 24.67
N ALA A 140 5.74 -17.36 25.77
CA ALA A 140 6.29 -16.69 26.94
C ALA A 140 7.71 -16.18 26.66
N THR A 141 8.44 -16.85 25.76
CA THR A 141 9.75 -16.35 25.36
C THR A 141 9.68 -14.96 24.76
N HIS A 142 8.56 -14.55 24.22
CA HIS A 142 8.43 -13.26 23.62
C HIS A 142 7.87 -12.22 24.55
N ASN A 143 8.04 -12.42 25.84
CA ASN A 143 7.60 -11.47 26.87
C ASN A 143 8.07 -10.06 26.56
N GLY A 144 7.12 -9.13 26.50
CA GLY A 144 7.45 -7.75 26.29
C GLY A 144 7.58 -7.34 24.84
N GLN A 145 7.41 -8.27 23.90
CA GLN A 145 7.51 -8.00 22.47
C GLN A 145 6.15 -8.13 21.79
N SER A 146 6.02 -7.49 20.64
CA SER A 146 4.86 -7.57 19.76
C SER A 146 5.17 -8.52 18.61
N ILE A 147 4.26 -9.49 18.38
CA ILE A 147 4.47 -10.51 17.36
C ILE A 147 3.17 -10.84 16.63
N ASP A 148 3.33 -11.51 15.50
CA ASP A 148 2.22 -12.14 14.80
C ASP A 148 2.08 -13.56 15.31
N ILE A 149 0.99 -13.92 15.94
CA ILE A 149 0.90 -15.25 16.49
C ILE A 149 0.41 -16.29 15.56
N SER A 150 0.33 -15.99 14.29
CA SER A 150 -0.18 -16.97 13.33
C SER A 150 0.58 -18.28 13.38
N PHE A 151 1.90 -18.23 13.20
CA PHE A 151 2.68 -19.45 13.05
C PHE A 151 2.69 -20.29 14.34
N PRO A 152 2.90 -19.68 15.51
CA PRO A 152 2.84 -20.50 16.74
C PRO A 152 1.53 -21.26 16.89
N VAL A 153 0.41 -20.63 16.56
CA VAL A 153 -0.88 -21.32 16.58
C VAL A 153 -0.93 -22.37 15.50
N PHE A 154 -0.44 -22.03 14.30
CA PHE A 154 -0.40 -22.99 13.20
C PHE A 154 0.32 -24.26 13.62
N VAL A 155 1.47 -24.12 14.28
CA VAL A 155 2.20 -25.30 14.74
C VAL A 155 1.34 -26.10 15.72
N ALA A 156 0.69 -25.41 16.65
CA ALA A 156 -0.06 -26.11 17.68
C ALA A 156 -1.15 -26.98 17.08
N VAL A 157 -2.02 -26.38 16.26
CA VAL A 157 -3.14 -27.15 15.70
C VAL A 157 -2.66 -28.16 14.67
N THR A 158 -1.56 -27.88 13.97
CA THR A 158 -1.06 -28.84 13.01
C THR A 158 -0.66 -30.14 13.70
N ASN A 159 -0.05 -30.03 14.90
CA ASN A 159 0.37 -31.23 15.60
C ASN A 159 -0.83 -32.00 16.14
N VAL A 160 -1.87 -31.30 16.57
CA VAL A 160 -3.09 -31.98 17.03
C VAL A 160 -3.69 -32.82 15.91
N ILE A 161 -3.88 -32.22 14.74
CA ILE A 161 -4.54 -32.92 13.65
C ILE A 161 -3.62 -34.00 13.08
N SER A 162 -2.31 -33.80 13.16
CA SER A 162 -1.38 -34.84 12.70
C SER A 162 -1.36 -36.01 13.69
N LEU A 163 -1.61 -35.73 14.97
CA LEU A 163 -1.76 -36.81 15.95
C LEU A 163 -3.04 -37.59 15.70
N ILE A 164 -4.14 -36.88 15.41
CA ILE A 164 -5.41 -37.53 15.12
C ILE A 164 -5.33 -38.33 13.83
N CYS A 165 -4.50 -37.91 12.88
CA CYS A 165 -4.43 -38.59 11.60
C CYS A 165 -3.38 -39.69 11.59
N PHE A 166 -2.27 -39.50 12.31
CA PHE A 166 -1.12 -40.40 12.22
C PHE A 166 -0.55 -40.82 13.57
N ASN A 167 -1.01 -40.24 14.68
CA ASN A 167 -0.35 -40.40 15.98
C ASN A 167 1.13 -40.02 15.89
N THR A 168 1.39 -38.90 15.21
CA THR A 168 2.71 -38.30 15.12
C THR A 168 2.57 -36.80 15.31
N SER A 169 3.64 -36.17 15.78
CA SER A 169 3.70 -34.73 15.94
C SER A 169 5.05 -34.26 15.42
N TYR A 170 5.16 -32.95 15.21
CA TYR A 170 6.38 -32.33 14.73
C TYR A 170 7.12 -31.70 15.90
N LYS A 171 8.43 -31.96 15.97
CA LYS A 171 9.26 -31.35 16.99
C LYS A 171 9.52 -29.88 16.67
N ASN A 172 9.86 -29.10 17.69
CA ASN A 172 10.08 -27.68 17.46
C ASN A 172 11.20 -27.50 16.43
N GLY A 173 10.99 -26.58 15.49
CA GLY A 173 11.99 -26.32 14.48
C GLY A 173 11.94 -27.21 13.24
N ASP A 174 11.06 -28.21 13.20
CA ASP A 174 10.97 -29.08 12.03
C ASP A 174 10.68 -28.26 10.77
N PRO A 175 11.49 -28.39 9.72
CA PRO A 175 11.24 -27.59 8.51
C PRO A 175 9.98 -27.98 7.78
N GLU A 176 9.49 -29.21 7.96
CA GLU A 176 8.25 -29.61 7.30
C GLU A 176 7.10 -28.69 7.68
N LEU A 177 7.11 -28.15 8.90
CA LEU A 177 6.07 -27.21 9.30
C LEU A 177 6.08 -25.96 8.41
N ASN A 178 7.26 -25.45 8.06
CA ASN A 178 7.32 -24.28 7.19
C ASN A 178 6.96 -24.64 5.76
N VAL A 179 7.29 -25.86 5.34
CA VAL A 179 6.87 -26.33 4.01
C VAL A 179 5.36 -26.40 3.94
N ILE A 180 4.72 -26.94 4.98
CA ILE A 180 3.27 -27.05 5.00
C ILE A 180 2.64 -25.66 4.96
N GLN A 181 3.14 -24.75 5.79
CA GLN A 181 2.60 -23.39 5.79
C GLN A 181 2.68 -22.78 4.40
N ASN A 182 3.78 -23.04 3.68
CA ASN A 182 3.95 -22.43 2.36
C ASN A 182 2.89 -22.91 1.38
N TYR A 183 2.64 -24.20 1.33
CA TYR A 183 1.67 -24.68 0.41
C TYR A 183 0.26 -24.43 0.84
N ASN A 184 0.01 -24.32 2.13
CA ASN A 184 -1.31 -24.02 2.60
C ASN A 184 -1.69 -22.70 2.12
N GLU A 185 -0.82 -21.75 2.25
CA GLU A 185 -1.10 -20.45 1.84
C GLU A 185 -1.24 -20.39 0.42
N GLY A 186 -0.39 -21.05 -0.39
CA GLY A 186 -0.42 -21.04 -1.84
C GLY A 186 -1.70 -21.63 -2.39
N ILE A 187 -2.18 -22.71 -1.79
CA ILE A 187 -3.43 -23.32 -2.23
C ILE A 187 -4.60 -22.39 -1.96
N ILE A 188 -4.69 -21.87 -0.73
CA ILE A 188 -5.81 -20.99 -0.41
C ILE A 188 -5.83 -19.80 -1.35
N ASP A 189 -4.65 -19.24 -1.65
CA ASP A 189 -4.60 -18.02 -2.44
C ASP A 189 -5.08 -18.24 -3.88
N ASN A 190 -4.84 -19.43 -4.44
CA ASN A 190 -5.23 -19.72 -5.81
C ASN A 190 -6.49 -20.57 -5.94
N LEU A 191 -7.07 -21.05 -4.84
CA LEU A 191 -8.31 -21.82 -4.92
C LEU A 191 -9.48 -20.95 -5.37
N SER A 192 -9.41 -19.67 -5.04
CA SER A 192 -10.42 -18.70 -5.43
C SER A 192 -9.85 -17.31 -5.26
N LYS A 193 -10.14 -16.39 -6.17
CA LYS A 193 -9.63 -15.04 -6.03
C LYS A 193 -10.23 -14.37 -4.82
N ASP A 194 -11.52 -14.50 -4.63
CA ASP A 194 -12.15 -13.92 -3.46
C ASP A 194 -12.81 -15.13 -2.78
N SER A 195 -14.13 -15.23 -2.61
CA SER A 195 -14.72 -16.41 -2.04
C SER A 195 -14.93 -17.43 -3.14
N LEU A 196 -15.33 -18.64 -2.80
CA LEU A 196 -15.58 -19.65 -3.82
C LEU A 196 -16.64 -19.26 -4.86
N VAL A 197 -17.58 -18.40 -4.52
CA VAL A 197 -18.62 -18.02 -5.47
C VAL A 197 -18.08 -16.90 -6.37
N ASP A 198 -17.71 -17.26 -7.60
CA ASP A 198 -17.35 -16.29 -8.63
C ASP A 198 -18.56 -16.13 -9.53
N LEU A 199 -19.16 -14.94 -9.55
CA LEU A 199 -20.28 -14.72 -10.47
C LEU A 199 -19.85 -15.00 -11.91
N VAL A 200 -18.86 -14.24 -12.39
CA VAL A 200 -18.32 -14.34 -13.75
C VAL A 200 -17.16 -15.33 -13.73
N PRO A 201 -17.08 -16.29 -14.67
CA PRO A 201 -15.92 -17.22 -14.63
C PRO A 201 -14.67 -16.67 -15.31
N TRP A 202 -14.01 -15.76 -14.60
CA TRP A 202 -12.86 -15.04 -15.14
C TRP A 202 -11.74 -16.01 -15.55
N LEU A 203 -11.61 -17.13 -14.83
CA LEU A 203 -10.50 -18.07 -15.03
C LEU A 203 -10.52 -18.78 -16.38
N LYS A 204 -11.66 -18.80 -17.08
CA LYS A 204 -11.74 -19.42 -18.40
C LYS A 204 -11.92 -18.38 -19.50
N ILE A 205 -11.94 -17.10 -19.15
CA ILE A 205 -12.15 -16.02 -20.10
C ILE A 205 -10.83 -15.41 -20.58
N PHE A 206 -9.83 -15.26 -19.72
CA PHE A 206 -8.57 -14.62 -20.04
C PHE A 206 -7.40 -15.53 -19.74
N PRO A 207 -6.27 -15.34 -20.41
CA PRO A 207 -5.08 -16.14 -20.07
C PRO A 207 -4.53 -15.74 -18.71
N ASN A 208 -4.57 -16.72 -17.81
CA ASN A 208 -3.96 -16.62 -16.49
C ASN A 208 -3.17 -17.90 -16.18
N LYS A 209 -2.50 -17.89 -15.02
CA LYS A 209 -1.74 -19.03 -14.57
C LYS A 209 -2.23 -19.50 -13.20
N THR A 210 -3.55 -19.39 -12.95
CA THR A 210 -4.08 -19.78 -11.65
C THR A 210 -4.11 -21.30 -11.49
N LEU A 211 -4.61 -22.03 -12.48
CA LEU A 211 -4.64 -23.49 -12.37
C LEU A 211 -3.25 -24.08 -12.26
N GLU A 212 -2.31 -23.55 -12.99
CA GLU A 212 -0.96 -24.02 -12.98
C GLU A 212 -0.33 -23.78 -11.65
N LYS A 213 -0.46 -22.59 -11.14
CA LYS A 213 0.10 -22.29 -9.83
C LYS A 213 -0.54 -23.17 -8.76
N LEU A 214 -1.86 -23.37 -8.85
CA LEU A 214 -2.56 -24.20 -7.86
C LEU A 214 -2.09 -25.65 -7.93
N LYS A 215 -1.98 -26.21 -9.13
CA LYS A 215 -1.45 -27.56 -9.27
C LYS A 215 -0.07 -27.69 -8.60
N SER A 216 0.77 -26.68 -8.77
CA SER A 216 2.12 -26.73 -8.19
C SER A 216 2.07 -26.91 -6.68
N HIS A 217 1.23 -26.12 -5.97
CA HIS A 217 1.19 -26.27 -4.52
C HIS A 217 0.52 -27.59 -4.11
N VAL A 218 -0.52 -28.01 -4.84
CA VAL A 218 -1.20 -29.27 -4.52
C VAL A 218 -0.27 -30.47 -4.74
N LYS A 219 0.61 -30.39 -5.74
CA LYS A 219 1.54 -31.49 -5.95
C LYS A 219 2.46 -31.65 -4.74
N ILE A 220 2.89 -30.54 -4.14
CA ILE A 220 3.71 -30.64 -2.95
C ILE A 220 2.92 -31.23 -1.80
N ARG A 221 1.67 -30.80 -1.63
CA ARG A 221 0.81 -31.37 -0.61
C ARG A 221 0.67 -32.87 -0.78
N ASN A 222 0.29 -33.32 -1.99
CA ASN A 222 0.08 -34.73 -2.26
C ASN A 222 1.35 -35.55 -2.10
N ASP A 223 2.45 -35.03 -2.64
CA ASP A 223 3.72 -35.74 -2.49
C ASP A 223 4.11 -35.89 -1.04
N LEU A 224 3.81 -34.88 -0.22
CA LEU A 224 4.22 -34.95 1.17
C LEU A 224 3.39 -35.97 1.93
N LEU A 225 2.09 -36.04 1.63
CA LEU A 225 1.23 -37.00 2.32
C LEU A 225 1.32 -38.40 1.72
N ASN A 226 1.72 -38.50 0.45
CA ASN A 226 1.93 -39.80 -0.15
C ASN A 226 3.09 -40.53 0.51
N LYS A 227 4.13 -39.81 0.85
CA LYS A 227 5.26 -40.43 1.44
C LYS A 227 4.91 -40.89 2.81
N ILE A 228 4.08 -40.14 3.51
CA ILE A 228 3.67 -40.52 4.82
C ILE A 228 2.85 -41.77 4.79
N LEU A 229 1.98 -41.89 3.82
CA LEU A 229 1.15 -43.04 3.74
C LEU A 229 1.93 -44.27 3.48
N GLU A 230 2.89 -44.18 2.60
CA GLU A 230 3.67 -45.33 2.26
C GLU A 230 4.45 -45.82 3.44
N ASN A 231 5.09 -44.93 4.12
CA ASN A 231 5.85 -45.27 5.32
C ASN A 231 4.96 -45.97 6.36
N TYR A 232 3.68 -45.60 6.41
CA TYR A 232 2.78 -46.12 7.43
C TYR A 232 2.23 -47.51 7.11
N LYS A 233 2.32 -47.97 5.87
CA LYS A 233 1.82 -49.31 5.56
C LYS A 233 2.67 -50.39 6.22
N GLU A 234 3.93 -50.07 6.55
CA GLU A 234 4.75 -51.01 7.31
C GLU A 234 4.43 -50.97 8.80
N LYS A 235 3.96 -49.83 9.31
CA LYS A 235 3.61 -49.70 10.73
C LYS A 235 2.20 -50.15 11.08
N PHE A 236 1.29 -50.20 10.10
CA PHE A 236 -0.11 -50.50 10.41
C PHE A 236 -0.27 -51.94 10.89
N ARG A 237 -1.05 -52.11 11.95
CA ARG A 237 -1.47 -53.44 12.40
C ARG A 237 -2.95 -53.44 12.72
N SER A 238 -3.65 -54.48 12.26
CA SER A 238 -5.10 -54.54 12.38
C SER A 238 -5.56 -54.51 13.84
N ASP A 239 -4.74 -55.01 14.73
CA ASP A 239 -5.09 -55.05 16.12
C ASP A 239 -4.98 -53.74 16.81
N SER A 240 -4.35 -52.75 16.21
CA SER A 240 -4.26 -51.47 16.83
C SER A 240 -4.80 -50.40 15.92
N ILE A 241 -5.99 -49.88 16.18
CA ILE A 241 -6.55 -48.83 15.39
C ILE A 241 -6.68 -47.60 16.24
N THR A 242 -5.84 -46.59 16.07
CA THR A 242 -5.89 -45.43 16.95
C THR A 242 -5.95 -44.02 16.36
N ASN A 243 -5.95 -43.91 15.06
CA ASN A 243 -5.95 -42.66 14.32
C ASN A 243 -6.74 -42.88 13.05
N MET A 244 -6.90 -41.81 12.28
CA MET A 244 -7.78 -41.85 11.12
C MET A 244 -7.20 -42.68 9.98
N LEU A 245 -5.89 -42.65 9.80
CA LEU A 245 -5.32 -43.46 8.73
C LEU A 245 -5.47 -44.94 9.05
N ASP A 246 -5.40 -45.30 10.34
CA ASP A 246 -5.70 -46.67 10.74
C ASP A 246 -7.13 -47.01 10.36
N THR A 247 -8.07 -46.13 10.74
CA THR A 247 -9.48 -46.35 10.44
C THR A 247 -9.73 -46.60 8.97
N LEU A 248 -9.11 -45.80 8.07
CA LEU A 248 -9.45 -45.88 6.65
C LEU A 248 -8.82 -47.09 5.99
N MET A 249 -7.59 -47.40 6.31
CA MET A 249 -6.98 -48.58 5.70
C MET A 249 -7.54 -49.86 6.32
N GLN A 250 -7.99 -49.82 7.57
CA GLN A 250 -8.80 -50.90 8.12
C GLN A 250 -10.00 -51.17 7.21
N ALA A 251 -10.64 -50.11 6.73
CA ALA A 251 -11.77 -50.27 5.84
C ALA A 251 -11.37 -50.90 4.51
N LYS A 252 -10.22 -50.52 4.00
CA LYS A 252 -9.74 -51.04 2.75
C LYS A 252 -9.43 -52.46 2.93
N MET A 253 -8.84 -52.77 4.06
CA MET A 253 -8.49 -54.14 4.34
C MET A 253 -9.75 -54.96 4.46
N ASN A 254 -10.72 -54.45 5.15
CA ASN A 254 -11.92 -55.19 5.38
C ASN A 254 -12.62 -55.46 4.13
N SER A 255 -12.71 -54.54 3.20
CA SER A 255 -13.35 -54.85 1.96
C SER A 255 -12.49 -55.72 1.08
N ASP A 256 -12.39 -57.01 1.38
CA ASP A 256 -11.55 -57.90 0.62
C ASP A 256 -12.13 -59.31 0.63
N ASP A 265 -16.84 -51.49 -2.20
CA ASP A 265 -16.20 -50.61 -1.23
C ASP A 265 -14.74 -50.45 -1.57
N SER A 266 -14.15 -51.45 -2.21
CA SER A 266 -12.74 -51.43 -2.50
C SER A 266 -12.32 -50.31 -3.41
N GLU A 267 -13.11 -50.02 -4.43
CA GLU A 267 -12.79 -48.94 -5.37
C GLU A 267 -12.77 -47.59 -4.70
N LEU A 268 -13.66 -47.41 -3.75
CA LEU A 268 -13.79 -46.23 -2.96
C LEU A 268 -12.61 -45.97 -2.10
N LEU A 269 -11.97 -47.00 -1.63
CA LEU A 269 -10.83 -46.81 -0.77
C LEU A 269 -9.46 -47.02 -1.35
N SER A 270 -9.12 -46.44 -2.51
CA SER A 270 -7.78 -46.46 -3.07
C SER A 270 -6.87 -45.52 -2.27
N ASP A 271 -5.57 -45.57 -2.60
CA ASP A 271 -4.61 -44.75 -1.87
C ASP A 271 -4.87 -43.26 -2.09
N ASN A 272 -5.30 -42.89 -3.30
CA ASN A 272 -5.58 -41.49 -3.60
C ASN A 272 -6.91 -41.05 -2.98
N HIS A 273 -7.85 -41.99 -2.80
CA HIS A 273 -9.03 -41.72 -1.99
C HIS A 273 -8.65 -41.50 -0.53
N ILE A 274 -7.79 -42.36 0.00
CA ILE A 274 -7.37 -42.22 1.39
C ILE A 274 -6.56 -40.95 1.58
N LEU A 275 -5.64 -40.67 0.64
CA LEU A 275 -4.82 -39.47 0.76
C LEU A 275 -5.67 -38.21 0.75
N THR A 276 -6.60 -38.11 -0.21
CA THR A 276 -7.39 -36.88 -0.33
C THR A 276 -8.26 -36.68 0.90
N THR A 277 -8.82 -37.75 1.45
CA THR A 277 -9.61 -37.58 2.67
C THR A 277 -8.75 -37.05 3.80
N ILE A 278 -7.55 -37.58 3.97
CA ILE A 278 -6.62 -37.04 4.96
C ILE A 278 -6.33 -35.57 4.66
N GLY A 279 -6.09 -35.26 3.39
CA GLY A 279 -5.78 -33.89 3.02
C GLY A 279 -6.86 -32.91 3.42
N ASP A 280 -8.13 -33.30 3.25
CA ASP A 280 -9.23 -32.45 3.69
C ASP A 280 -9.19 -32.26 5.20
N ILE A 281 -9.00 -33.35 5.94
CA ILE A 281 -8.93 -33.28 7.39
C ILE A 281 -7.72 -32.46 7.83
N PHE A 282 -6.56 -32.71 7.21
CA PHE A 282 -5.37 -31.94 7.55
C PHE A 282 -5.60 -30.46 7.30
N GLY A 283 -6.15 -30.12 6.13
CA GLY A 283 -6.33 -28.72 5.80
C GLY A 283 -7.37 -28.02 6.65
N ALA A 284 -8.52 -28.68 6.87
CA ALA A 284 -9.56 -28.06 7.67
C ALA A 284 -9.14 -27.92 9.12
N GLY A 285 -8.49 -28.94 9.67
CA GLY A 285 -8.13 -28.91 11.08
C GLY A 285 -7.20 -27.77 11.44
N VAL A 286 -6.46 -27.23 10.48
CA VAL A 286 -5.47 -26.20 10.72
C VAL A 286 -5.99 -24.81 10.36
N GLU A 287 -6.56 -24.67 9.18
CA GLU A 287 -6.86 -23.34 8.65
C GLU A 287 -8.08 -22.72 9.30
N THR A 288 -9.06 -23.52 9.70
CA THR A 288 -10.25 -22.98 10.34
C THR A 288 -9.92 -22.55 11.76
N THR A 289 -9.38 -23.47 12.57
CA THR A 289 -9.09 -23.19 13.97
C THR A 289 -8.08 -22.07 14.12
N THR A 290 -6.98 -22.11 13.34
CA THR A 290 -6.02 -21.02 13.38
C THR A 290 -6.69 -19.68 13.09
N SER A 291 -7.62 -19.66 12.13
CA SER A 291 -8.26 -18.42 11.71
C SER A 291 -9.18 -17.87 12.77
N VAL A 292 -10.00 -18.71 13.41
CA VAL A 292 -10.93 -18.20 14.41
C VAL A 292 -10.16 -17.66 15.60
N VAL A 293 -9.04 -18.31 15.95
CA VAL A 293 -8.23 -17.82 17.06
C VAL A 293 -7.74 -16.41 16.78
N LYS A 294 -7.18 -16.18 15.59
CA LYS A 294 -6.70 -14.84 15.27
C LYS A 294 -7.85 -13.84 15.29
N TRP A 295 -9.02 -14.24 14.81
CA TRP A 295 -10.18 -13.34 14.82
C TRP A 295 -10.54 -12.94 16.23
N THR A 296 -10.53 -13.90 17.16
CA THR A 296 -10.95 -13.60 18.53
C THR A 296 -10.00 -12.60 19.17
N LEU A 297 -8.69 -12.84 19.02
CA LEU A 297 -7.72 -11.89 19.55
C LEU A 297 -7.91 -10.51 18.95
N ALA A 298 -8.18 -10.43 17.65
CA ALA A 298 -8.40 -9.13 17.03
C ALA A 298 -9.59 -8.42 17.67
N PHE A 299 -10.66 -9.14 17.99
CA PHE A 299 -11.81 -8.51 18.62
C PHE A 299 -11.49 -8.08 20.04
N LEU A 300 -10.77 -8.90 20.80
CA LEU A 300 -10.40 -8.53 22.16
C LEU A 300 -9.46 -7.32 22.20
N LEU A 301 -8.60 -7.16 21.19
CA LEU A 301 -7.82 -5.94 21.13
C LEU A 301 -8.69 -4.71 20.91
N HIS A 302 -9.84 -4.89 20.25
CA HIS A 302 -10.76 -3.79 19.98
C HIS A 302 -11.73 -3.54 21.13
N ASN A 303 -11.84 -4.45 22.09
CA ASN A 303 -12.81 -4.35 23.18
C ASN A 303 -12.14 -4.71 24.49
N PRO A 304 -11.32 -3.83 25.03
CA PRO A 304 -10.62 -4.15 26.29
C PRO A 304 -11.57 -4.50 27.43
N GLN A 305 -12.72 -3.82 27.53
CA GLN A 305 -13.70 -4.14 28.56
C GLN A 305 -14.09 -5.62 28.53
N VAL A 306 -14.40 -6.15 27.34
CA VAL A 306 -14.73 -7.56 27.27
C VAL A 306 -13.51 -8.41 27.65
N LYS A 307 -12.34 -7.99 27.19
CA LYS A 307 -11.11 -8.70 27.52
C LYS A 307 -10.88 -8.77 29.02
N LYS A 308 -11.13 -7.67 29.73
CA LYS A 308 -10.85 -7.64 31.16
C LYS A 308 -11.82 -8.54 31.92
N LYS A 309 -13.08 -8.56 31.51
CA LYS A 309 -14.06 -9.43 32.17
C LYS A 309 -13.72 -10.90 31.95
N LEU A 310 -13.00 -11.22 30.87
CA LEU A 310 -12.53 -12.59 30.70
C LEU A 310 -11.40 -12.89 31.66
N TYR A 311 -10.52 -11.91 31.89
CA TYR A 311 -9.47 -12.09 32.89
C TYR A 311 -10.06 -12.27 34.28
N GLU A 312 -11.08 -11.46 34.63
CA GLU A 312 -11.71 -11.57 35.93
C GLU A 312 -12.41 -12.92 36.09
N GLU A 313 -13.11 -13.37 35.04
CA GLU A 313 -13.84 -14.62 35.11
C GLU A 313 -12.91 -15.80 35.34
N ILE A 314 -11.84 -15.88 34.57
CA ILE A 314 -10.96 -17.06 34.64
C ILE A 314 -10.15 -17.05 35.93
N ASP A 315 -9.82 -15.87 36.47
CA ASP A 315 -9.13 -15.83 37.76
C ASP A 315 -10.02 -16.35 38.87
N GLN A 316 -11.32 -16.14 38.74
CA GLN A 316 -12.27 -16.50 39.77
C GLN A 316 -12.81 -17.88 39.65
N ASN A 317 -12.69 -18.48 38.52
CA ASN A 317 -13.21 -19.82 38.30
C ASN A 317 -12.12 -20.85 38.05
N VAL A 318 -10.90 -20.43 37.75
CA VAL A 318 -9.81 -21.38 37.55
C VAL A 318 -8.59 -20.95 38.36
N GLY A 319 -8.38 -19.65 38.47
CA GLY A 319 -7.23 -19.21 39.24
C GLY A 319 -5.93 -19.55 38.54
N PHE A 320 -4.91 -19.79 39.35
CA PHE A 320 -3.58 -20.15 38.88
C PHE A 320 -3.09 -21.42 39.52
N SER A 321 -3.92 -22.07 40.34
CA SER A 321 -3.60 -23.39 40.89
C SER A 321 -3.31 -24.40 39.78
N ARG A 322 -4.10 -24.38 38.71
CA ARG A 322 -4.02 -25.41 37.67
C ARG A 322 -4.25 -24.75 36.32
N THR A 323 -4.06 -25.54 35.25
CA THR A 323 -4.32 -25.05 33.90
C THR A 323 -5.76 -25.36 33.50
N PRO A 324 -6.31 -24.64 32.51
CA PRO A 324 -7.70 -24.90 32.13
C PRO A 324 -8.00 -26.26 31.60
N THR A 325 -9.25 -26.64 31.68
CA THR A 325 -9.66 -27.92 31.20
C THR A 325 -10.99 -27.76 30.48
N ILE A 326 -11.46 -28.81 29.88
CA ILE A 326 -12.70 -28.88 29.13
C ILE A 326 -13.87 -28.87 30.05
N SER A 327 -13.66 -29.16 31.31
CA SER A 327 -14.74 -29.06 32.24
C SER A 327 -14.95 -27.63 32.62
N ASP A 328 -14.00 -26.74 32.40
CA ASP A 328 -14.14 -25.34 32.80
C ASP A 328 -15.05 -24.54 31.87
N ARG A 329 -15.52 -25.13 30.77
CA ARG A 329 -16.50 -24.41 29.97
C ARG A 329 -17.82 -24.27 30.71
N ASN A 330 -18.05 -25.07 31.76
CA ASN A 330 -19.25 -24.95 32.57
C ASN A 330 -19.26 -23.67 33.39
N ARG A 331 -18.09 -23.08 33.65
CA ARG A 331 -17.97 -21.87 34.45
C ARG A 331 -17.32 -20.70 33.73
N LEU A 332 -16.62 -20.93 32.64
CA LEU A 332 -16.07 -19.84 31.81
C LEU A 332 -17.11 -19.53 30.73
N LEU A 333 -18.17 -18.85 31.15
CA LEU A 333 -19.33 -18.70 30.28
C LEU A 333 -19.25 -17.45 29.43
N LEU A 334 -18.53 -16.43 29.88
CA LEU A 334 -18.28 -15.30 29.01
C LEU A 334 -17.29 -15.68 27.93
N LEU A 335 -16.40 -16.64 28.22
CA LEU A 335 -15.47 -17.11 27.18
C LEU A 335 -16.22 -17.91 26.12
N GLU A 336 -17.05 -18.85 26.54
CA GLU A 336 -17.85 -19.60 25.58
C GLU A 336 -18.75 -18.69 24.76
N ALA A 337 -19.27 -17.62 25.37
CA ALA A 337 -20.10 -16.69 24.63
C ALA A 337 -19.27 -15.87 23.65
N THR A 338 -18.05 -15.49 24.04
CA THR A 338 -17.20 -14.73 23.13
C THR A 338 -16.90 -15.54 21.87
N ILE A 339 -16.59 -16.83 22.04
CA ILE A 339 -16.33 -17.67 20.88
C ILE A 339 -17.57 -17.76 20.01
N ARG A 340 -18.73 -17.95 20.63
CA ARG A 340 -19.97 -18.02 19.86
C ARG A 340 -20.16 -16.75 19.03
N GLU A 341 -19.84 -15.59 19.61
CA GLU A 341 -20.09 -14.33 18.92
C GLU A 341 -19.13 -14.10 17.75
N VAL A 342 -17.89 -14.58 17.85
CA VAL A 342 -16.99 -14.45 16.70
C VAL A 342 -17.48 -15.33 15.55
N LEU A 343 -17.90 -16.56 15.86
CA LEU A 343 -18.44 -17.44 14.83
C LEU A 343 -19.72 -16.89 14.21
N ARG A 344 -20.38 -15.93 14.86
CA ARG A 344 -21.53 -15.24 14.27
C ARG A 344 -21.10 -14.06 13.41
N LEU A 345 -20.35 -13.11 13.98
CA LEU A 345 -20.00 -11.89 13.25
C LEU A 345 -19.04 -12.18 12.11
N ARG A 346 -18.20 -13.19 12.23
CA ARG A 346 -17.21 -13.51 11.22
C ARG A 346 -17.20 -15.02 11.04
N PRO A 347 -18.23 -15.56 10.40
CA PRO A 347 -18.30 -17.01 10.24
C PRO A 347 -17.12 -17.49 9.39
N VAL A 348 -16.60 -18.67 9.76
CA VAL A 348 -15.49 -19.25 8.99
C VAL A 348 -15.87 -19.36 7.52
N ALA A 349 -17.12 -19.74 7.24
CA ALA A 349 -17.62 -19.89 5.89
C ALA A 349 -18.89 -19.06 5.79
N PRO A 350 -18.75 -17.76 5.49
CA PRO A 350 -19.93 -16.89 5.46
C PRO A 350 -20.97 -17.29 4.42
N MET A 351 -20.60 -18.12 3.47
CA MET A 351 -21.52 -18.72 2.50
C MET A 351 -21.28 -20.21 2.45
N LEU A 352 -20.93 -20.80 3.60
CA LEU A 352 -20.68 -22.24 3.72
C LEU A 352 -19.78 -22.73 2.58
N ILE A 353 -20.09 -23.91 2.04
CA ILE A 353 -19.51 -24.40 0.79
C ILE A 353 -20.68 -24.54 -0.18
N PRO A 354 -20.51 -24.27 -1.46
CA PRO A 354 -21.66 -24.36 -2.37
C PRO A 354 -22.32 -25.74 -2.30
N HIS A 355 -23.65 -25.74 -2.31
CA HIS A 355 -24.44 -26.95 -2.44
C HIS A 355 -24.94 -27.05 -3.87
N LYS A 356 -25.51 -28.22 -4.21
CA LYS A 356 -26.09 -28.47 -5.52
C LYS A 356 -27.31 -29.37 -5.36
N ALA A 357 -28.33 -29.12 -6.19
CA ALA A 357 -29.55 -29.93 -6.16
C ALA A 357 -29.26 -31.29 -6.80
N ASN A 358 -29.41 -32.36 -6.03
CA ASN A 358 -29.18 -33.69 -6.58
C ASN A 358 -30.34 -34.19 -7.42
N VAL A 359 -31.53 -33.61 -7.23
CA VAL A 359 -32.73 -33.98 -7.98
C VAL A 359 -33.61 -32.73 -8.09
N ASP A 360 -34.59 -32.78 -8.99
CA ASP A 360 -35.59 -31.72 -9.03
C ASP A 360 -36.25 -31.59 -7.67
N SER A 361 -36.42 -30.35 -7.22
CA SER A 361 -36.94 -30.12 -5.87
C SER A 361 -37.47 -28.70 -5.78
N SER A 362 -37.57 -28.18 -4.56
CA SER A 362 -38.17 -26.88 -4.34
C SER A 362 -37.53 -26.24 -3.11
N ILE A 363 -37.48 -24.92 -3.13
CA ILE A 363 -37.06 -24.13 -1.98
C ILE A 363 -38.08 -23.03 -1.79
N GLY A 364 -38.72 -22.91 -0.65
CA GLY A 364 -39.76 -21.93 -0.45
C GLY A 364 -40.91 -21.92 -1.35
N GLU A 365 -41.18 -23.09 -1.90
CA GLU A 365 -42.21 -23.44 -2.87
C GLU A 365 -41.86 -23.02 -4.24
N PHE A 366 -40.62 -22.68 -4.47
CA PHE A 366 -40.19 -22.26 -5.74
C PHE A 366 -39.45 -23.42 -6.30
N ALA A 367 -39.54 -23.60 -7.58
CA ALA A 367 -38.92 -24.76 -8.21
C ALA A 367 -37.41 -24.56 -8.35
N VAL A 368 -36.67 -25.65 -8.12
CA VAL A 368 -35.23 -25.69 -8.29
C VAL A 368 -34.90 -26.99 -9.02
N ASP A 369 -34.29 -26.86 -10.20
CA ASP A 369 -33.99 -28.02 -11.05
C ASP A 369 -32.75 -28.76 -10.57
N LYS A 370 -32.73 -30.07 -10.85
CA LYS A 370 -31.53 -30.87 -10.66
C LYS A 370 -30.32 -30.18 -11.28
N GLY A 371 -29.19 -30.25 -10.56
CA GLY A 371 -27.93 -29.70 -11.01
C GLY A 371 -27.72 -28.23 -10.70
N THR A 372 -28.74 -27.54 -10.19
CA THR A 372 -28.61 -26.12 -9.91
C THR A 372 -27.74 -25.88 -8.69
N GLU A 373 -26.88 -24.88 -8.76
CA GLU A 373 -26.08 -24.52 -7.59
C GLU A 373 -26.92 -23.73 -6.60
N VAL A 374 -26.79 -24.08 -5.32
CA VAL A 374 -27.52 -23.43 -4.25
C VAL A 374 -26.51 -22.98 -3.20
N ILE A 375 -26.57 -21.71 -2.81
CA ILE A 375 -25.66 -21.17 -1.87
C ILE A 375 -26.42 -20.57 -0.69
N ILE A 376 -26.08 -20.95 0.51
CA ILE A 376 -26.65 -20.42 1.75
C ILE A 376 -25.78 -19.26 2.19
N ASN A 377 -26.37 -18.07 2.28
CA ASN A 377 -25.67 -16.86 2.71
C ASN A 377 -25.77 -16.80 4.24
N LEU A 378 -24.86 -17.53 4.88
CA LEU A 378 -24.86 -17.56 6.34
C LEU A 378 -24.64 -16.16 6.91
N TRP A 379 -23.90 -15.31 6.18
CA TRP A 379 -23.69 -13.93 6.60
C TRP A 379 -25.03 -13.21 6.76
N ALA A 380 -25.96 -13.46 5.83
CA ALA A 380 -27.28 -12.85 5.91
C ALA A 380 -28.06 -13.34 7.13
N LEU A 381 -27.94 -14.63 7.45
CA LEU A 381 -28.64 -15.14 8.63
C LEU A 381 -28.08 -14.53 9.92
N HIS A 382 -26.77 -14.34 9.99
CA HIS A 382 -26.12 -13.89 11.21
C HIS A 382 -26.15 -12.37 11.36
N HIS A 383 -26.61 -11.64 10.33
CA HIS A 383 -26.71 -10.19 10.40
C HIS A 383 -28.13 -9.68 10.14
N ASN A 384 -29.12 -10.59 10.09
CA ASN A 384 -30.53 -10.22 9.94
C ASN A 384 -30.98 -9.36 11.11
N GLU A 385 -31.51 -8.16 10.87
CA GLU A 385 -31.90 -7.25 11.92
C GLU A 385 -33.16 -7.59 12.65
N LYS A 386 -33.94 -8.50 12.12
CA LYS A 386 -35.11 -8.92 12.79
C LYS A 386 -34.84 -10.11 13.67
N GLU A 387 -33.71 -10.77 13.49
CA GLU A 387 -33.37 -11.91 14.34
C GLU A 387 -32.32 -11.57 15.39
N TRP A 388 -31.64 -10.43 15.26
CA TRP A 388 -30.53 -10.09 16.14
C TRP A 388 -30.62 -8.63 16.57
N HIS A 389 -30.25 -8.38 17.82
CA HIS A 389 -30.15 -7.01 18.29
C HIS A 389 -28.79 -6.44 17.90
N GLN A 390 -28.81 -5.38 17.07
CA GLN A 390 -27.60 -4.72 16.62
C GLN A 390 -26.57 -5.73 16.11
N PRO A 391 -26.87 -6.39 14.98
CA PRO A 391 -25.98 -7.44 14.47
C PRO A 391 -24.63 -6.93 14.00
N ASP A 392 -24.39 -5.66 13.83
CA ASP A 392 -23.07 -5.21 13.47
C ASP A 392 -22.12 -5.21 14.61
N GLN A 393 -22.64 -5.08 15.82
CA GLN A 393 -21.81 -4.98 17.00
C GLN A 393 -21.30 -6.28 17.58
N PHE A 394 -20.17 -6.24 18.28
CA PHE A 394 -19.56 -7.39 18.91
C PHE A 394 -20.12 -7.43 20.28
N MET A 395 -20.94 -8.41 20.58
CA MET A 395 -21.61 -8.42 21.88
C MET A 395 -21.72 -9.84 22.39
N PRO A 396 -20.68 -10.36 23.02
CA PRO A 396 -20.78 -11.69 23.64
C PRO A 396 -21.95 -11.78 24.60
N GLU A 397 -22.37 -10.66 25.20
CA GLU A 397 -23.50 -10.67 26.13
C GLU A 397 -24.76 -11.26 25.49
N ARG A 398 -24.94 -11.06 24.18
CA ARG A 398 -26.16 -11.52 23.52
C ARG A 398 -26.36 -13.02 23.68
N PHE A 399 -25.29 -13.76 23.96
CA PHE A 399 -25.36 -15.21 24.14
C PHE A 399 -25.43 -15.59 25.61
N LEU A 400 -25.64 -14.65 26.48
CA LEU A 400 -25.73 -14.95 27.86
C LEU A 400 -27.03 -14.41 28.34
N ASN A 401 -27.49 -14.94 29.45
CA ASN A 401 -28.70 -14.44 30.03
C ASN A 401 -28.39 -13.14 30.73
N PRO A 402 -29.40 -12.36 31.08
CA PRO A 402 -29.07 -11.04 31.63
C PRO A 402 -28.20 -10.94 32.88
N ALA A 403 -28.23 -11.95 33.73
CA ALA A 403 -27.41 -12.01 34.91
C ALA A 403 -26.07 -12.65 34.67
N GLY A 404 -25.82 -13.14 33.47
CA GLY A 404 -24.53 -13.73 33.20
C GLY A 404 -24.32 -15.09 33.76
N THR A 405 -25.37 -15.81 34.06
CA THR A 405 -25.23 -17.13 34.63
C THR A 405 -25.51 -18.36 33.80
N GLN A 406 -26.06 -18.20 32.62
CA GLN A 406 -26.41 -19.33 31.80
C GLN A 406 -26.27 -18.92 30.37
N LEU A 407 -25.85 -19.81 29.49
CA LEU A 407 -25.71 -19.47 28.09
C LEU A 407 -27.04 -19.68 27.39
N ILE A 408 -27.38 -18.86 26.40
CA ILE A 408 -28.66 -18.95 25.71
C ILE A 408 -28.38 -19.01 24.22
N SER A 409 -29.40 -19.41 23.47
CA SER A 409 -29.37 -19.36 22.02
C SER A 409 -30.31 -18.24 21.62
N PRO A 410 -29.83 -16.99 21.50
CA PRO A 410 -30.77 -15.87 21.36
C PRO A 410 -31.52 -15.84 20.05
N SER A 411 -31.12 -16.64 19.07
CA SER A 411 -31.72 -16.59 17.75
C SER A 411 -31.66 -17.95 17.08
N VAL A 412 -32.73 -18.27 16.33
CA VAL A 412 -32.74 -19.48 15.51
C VAL A 412 -32.01 -19.27 14.19
N SER A 413 -31.54 -18.05 13.91
CA SER A 413 -30.83 -17.76 12.66
C SER A 413 -29.31 -17.82 12.88
N TYR A 414 -28.82 -18.99 13.27
CA TYR A 414 -27.43 -19.16 13.70
C TYR A 414 -27.01 -20.58 13.38
N LEU A 415 -26.12 -20.74 12.41
CA LEU A 415 -25.62 -22.06 12.00
C LEU A 415 -24.14 -21.93 11.63
N PRO A 416 -23.29 -21.65 12.63
CA PRO A 416 -21.85 -21.50 12.32
C PRO A 416 -21.23 -22.74 11.69
N PHE A 417 -21.68 -23.93 12.06
CA PHE A 417 -21.09 -25.17 11.57
C PHE A 417 -21.97 -25.88 10.56
N GLY A 418 -22.94 -25.17 9.98
CA GLY A 418 -23.85 -25.74 9.01
C GLY A 418 -24.83 -26.67 9.72
N ALA A 419 -25.45 -27.53 8.92
CA ALA A 419 -26.45 -28.47 9.41
C ALA A 419 -26.79 -29.46 8.31
N GLY A 420 -27.25 -30.65 8.71
CA GLY A 420 -27.68 -31.65 7.78
C GLY A 420 -26.54 -32.49 7.23
N PRO A 421 -26.79 -33.20 6.12
CA PRO A 421 -25.79 -34.15 5.60
C PRO A 421 -24.42 -33.55 5.41
N ARG A 422 -24.34 -32.25 5.14
CA ARG A 422 -23.07 -31.57 4.85
C ARG A 422 -22.58 -30.76 6.03
N SER A 423 -23.06 -31.02 7.21
CA SER A 423 -22.57 -30.29 8.34
C SER A 423 -21.09 -30.52 8.61
N CYS A 424 -20.54 -29.77 9.45
CA CYS A 424 -19.13 -29.89 9.73
C CYS A 424 -18.88 -31.11 10.58
N ILE A 425 -17.87 -31.92 10.20
CA ILE A 425 -17.54 -33.09 10.99
C ILE A 425 -16.48 -32.83 12.05
N GLY A 426 -15.84 -31.66 12.06
CA GLY A 426 -14.82 -31.31 13.02
C GLY A 426 -15.30 -30.30 14.04
N GLU A 427 -16.59 -30.19 14.23
CA GLU A 427 -17.13 -29.23 15.14
C GLU A 427 -16.66 -29.45 16.51
N ILE A 428 -16.68 -30.69 16.97
CA ILE A 428 -16.28 -30.97 18.31
C ILE A 428 -14.87 -30.62 18.61
N LEU A 429 -13.96 -30.94 17.70
CA LEU A 429 -12.57 -30.63 17.84
C LEU A 429 -12.38 -29.17 17.82
N ALA A 430 -13.08 -28.50 16.95
CA ALA A 430 -12.95 -27.08 16.87
C ALA A 430 -13.37 -26.36 18.10
N ARG A 431 -14.47 -26.74 18.71
CA ARG A 431 -14.90 -26.01 19.86
C ARG A 431 -14.00 -26.27 21.04
N GLN A 432 -13.40 -27.44 21.13
CA GLN A 432 -12.43 -27.73 22.18
C GLN A 432 -11.13 -26.98 21.95
N GLU A 433 -10.60 -27.05 20.73
CA GLU A 433 -9.37 -26.32 20.41
C GLU A 433 -9.53 -24.83 20.69
N LEU A 434 -10.66 -24.27 20.25
CA LEU A 434 -10.86 -22.83 20.41
C LEU A 434 -10.99 -22.46 21.89
N PHE A 435 -11.76 -23.25 22.66
CA PHE A 435 -11.96 -22.91 24.07
C PHE A 435 -10.69 -23.06 24.88
N LEU A 436 -9.93 -24.13 24.64
CA LEU A 436 -8.73 -24.38 25.43
C LEU A 436 -7.60 -23.40 25.08
N ILE A 437 -7.43 -23.08 23.79
CA ILE A 437 -6.38 -22.15 23.39
C ILE A 437 -6.60 -20.80 24.08
N MET A 438 -7.81 -20.25 23.98
CA MET A 438 -8.03 -18.91 24.53
C MET A 438 -8.03 -18.93 26.05
N ALA A 439 -8.43 -20.04 26.67
CA ALA A 439 -8.37 -20.15 28.13
C ALA A 439 -6.92 -20.15 28.61
N TRP A 440 -6.08 -20.99 28.02
CA TRP A 440 -4.69 -21.01 28.43
C TRP A 440 -4.01 -19.67 28.19
N LEU A 441 -4.35 -19.00 27.09
CA LEU A 441 -3.70 -17.74 26.78
C LEU A 441 -4.16 -16.64 27.73
N LEU A 442 -5.47 -16.59 28.01
CA LEU A 442 -5.97 -15.54 28.89
C LEU A 442 -5.49 -15.75 30.32
N GLN A 443 -5.30 -17.01 30.73
CA GLN A 443 -4.77 -17.26 32.06
C GLN A 443 -3.37 -16.67 32.21
N ARG A 444 -2.55 -16.83 31.17
CA ARG A 444 -1.11 -16.61 31.27
C ARG A 444 -0.64 -15.27 30.73
N PHE A 445 -1.35 -14.67 29.78
CA PHE A 445 -0.80 -13.57 29.01
C PHE A 445 -1.69 -12.34 29.01
N ASP A 446 -1.06 -11.18 29.16
CA ASP A 446 -1.66 -9.91 28.79
C ASP A 446 -1.49 -9.75 27.28
N LEU A 447 -2.57 -9.38 26.61
CA LEU A 447 -2.59 -9.32 25.14
C LEU A 447 -3.10 -7.93 24.76
N GLU A 448 -2.17 -7.07 24.34
CA GLU A 448 -2.41 -5.65 24.23
C GLU A 448 -2.03 -5.13 22.85
N VAL A 449 -2.45 -3.91 22.56
CA VAL A 449 -2.09 -3.28 21.29
C VAL A 449 -0.58 -3.06 21.24
N PRO A 450 0.07 -3.29 20.10
CA PRO A 450 1.52 -3.06 20.01
C PRO A 450 1.89 -1.59 20.20
N ASP A 451 3.20 -1.36 20.32
CA ASP A 451 3.70 0.00 20.58
C ASP A 451 3.30 1.00 19.49
N ASP A 452 3.31 0.56 18.23
CA ASP A 452 2.90 1.47 17.16
C ASP A 452 1.47 1.96 17.35
N GLY A 453 0.62 1.18 18.02
CA GLY A 453 -0.76 1.55 18.23
C GLY A 453 -1.72 1.10 17.16
N GLN A 454 -1.32 0.19 16.29
CA GLN A 454 -2.17 -0.26 15.19
C GLN A 454 -3.12 -1.35 15.67
N LEU A 455 -4.38 -1.16 15.40
CA LEU A 455 -5.34 -2.20 15.70
C LEU A 455 -5.60 -3.05 14.47
N PRO A 456 -5.87 -4.34 14.62
CA PRO A 456 -6.12 -5.17 13.45
C PRO A 456 -7.40 -4.74 12.76
N SER A 457 -7.39 -4.80 11.43
CA SER A 457 -8.59 -4.51 10.66
C SER A 457 -9.54 -5.68 10.78
N LEU A 458 -10.79 -5.39 11.17
CA LEU A 458 -11.81 -6.41 11.32
C LEU A 458 -12.63 -6.61 10.06
N GLU A 459 -12.21 -6.01 8.93
CA GLU A 459 -12.95 -6.15 7.68
C GLU A 459 -12.88 -7.58 7.15
N GLY A 460 -11.73 -8.22 7.26
CA GLY A 460 -11.56 -9.59 6.82
C GLY A 460 -11.16 -9.68 5.35
N ILE A 461 -10.77 -10.90 4.98
CA ILE A 461 -10.32 -11.21 3.63
C ILE A 461 -11.05 -12.48 3.20
N PRO A 462 -12.09 -12.37 2.37
CA PRO A 462 -12.83 -13.59 2.00
C PRO A 462 -12.01 -14.46 1.06
N LYS A 463 -11.74 -15.69 1.50
CA LYS A 463 -11.15 -16.72 0.65
C LYS A 463 -12.09 -17.91 0.83
N VAL A 464 -11.60 -19.12 0.57
CA VAL A 464 -12.37 -20.31 0.91
C VAL A 464 -12.67 -20.35 2.40
N VAL A 465 -11.85 -19.65 3.19
CA VAL A 465 -12.13 -19.34 4.59
C VAL A 465 -12.11 -17.83 4.73
N PHE A 466 -12.85 -17.31 5.71
CA PHE A 466 -12.93 -15.87 5.94
C PHE A 466 -11.78 -15.49 6.86
N LEU A 467 -10.67 -15.04 6.28
CA LEU A 467 -9.42 -14.77 6.98
C LEU A 467 -9.34 -13.32 7.43
N ILE A 468 -8.44 -13.07 8.39
CA ILE A 468 -8.14 -11.73 8.87
C ILE A 468 -6.74 -11.34 8.39
N ASP A 469 -6.56 -10.05 8.11
CA ASP A 469 -5.22 -9.54 7.80
C ASP A 469 -4.26 -9.83 8.94
N SER A 470 -3.04 -10.19 8.59
CA SER A 470 -1.98 -10.33 9.59
C SER A 470 -1.93 -9.08 10.47
N PHE A 471 -1.70 -9.31 11.76
CA PHE A 471 -1.57 -8.22 12.72
C PHE A 471 -0.66 -8.68 13.86
N LYS A 472 -0.17 -7.71 14.61
CA LYS A 472 0.71 -7.99 15.74
C LYS A 472 0.00 -7.69 17.05
N VAL A 473 0.38 -8.46 18.08
CA VAL A 473 -0.12 -8.26 19.43
C VAL A 473 1.07 -8.23 20.38
N LYS A 474 1.08 -7.26 21.29
CA LYS A 474 2.09 -7.21 22.33
C LYS A 474 1.69 -8.19 23.42
N ILE A 475 2.56 -9.15 23.70
CA ILE A 475 2.27 -10.23 24.62
C ILE A 475 3.19 -10.11 25.83
N LYS A 476 2.58 -10.09 27.01
CA LYS A 476 3.31 -10.01 28.26
C LYS A 476 2.81 -11.09 29.20
N VAL A 477 3.72 -11.70 29.96
CA VAL A 477 3.30 -12.64 30.99
C VAL A 477 2.57 -11.85 32.08
N ARG A 478 1.38 -12.31 32.44
CA ARG A 478 0.58 -11.64 33.47
C ARG A 478 1.28 -11.69 34.82
N GLN A 479 1.15 -10.60 35.60
CA GLN A 479 1.78 -10.59 36.91
C GLN A 479 1.14 -11.61 37.84
N ALA A 480 -0.19 -11.74 37.80
CA ALA A 480 -0.90 -12.69 38.64
C ALA A 480 -0.48 -14.12 38.38
N TRP A 481 -0.03 -14.44 37.18
CA TRP A 481 0.45 -15.78 36.87
C TRP A 481 1.85 -16.00 37.45
N ARG A 482 2.66 -14.95 37.41
CA ARG A 482 4.02 -15.03 37.89
C ARG A 482 4.05 -15.20 39.37
N GLU A 483 3.27 -14.41 40.02
CA GLU A 483 3.30 -14.39 41.48
C GLU A 483 2.85 -15.70 42.07
N ALA A 484 2.10 -16.48 41.29
CA ALA A 484 1.67 -17.82 41.63
C ALA A 484 2.74 -18.86 41.33
N GLN A 485 3.93 -18.43 40.96
CA GLN A 485 4.96 -19.41 40.62
C GLN A 485 5.98 -19.57 41.72
N ALA A 486 5.70 -19.05 42.89
CA ALA A 486 6.56 -19.21 44.02
C ALA A 486 5.90 -20.20 44.98
N LEU B 13 9.50 46.94 -3.74
CA LEU B 13 9.13 45.94 -2.74
C LEU B 13 10.37 45.22 -2.21
N LEU B 14 10.37 44.91 -0.92
CA LEU B 14 11.52 44.31 -0.25
C LEU B 14 11.45 42.79 -0.24
N SER B 15 12.55 42.12 0.12
CA SER B 15 12.65 40.69 0.27
C SER B 15 12.29 40.34 1.68
N LEU B 16 11.69 39.18 1.91
CA LEU B 16 11.21 38.81 3.23
C LEU B 16 12.36 38.46 4.17
N PRO B 17 12.25 38.76 5.46
CA PRO B 17 13.22 38.24 6.42
C PRO B 17 13.26 36.72 6.33
N LEU B 18 14.47 36.19 6.20
CA LEU B 18 14.70 34.75 6.14
C LEU B 18 15.32 34.23 7.44
N VAL B 19 14.60 33.38 8.16
CA VAL B 19 15.14 32.83 9.41
C VAL B 19 15.63 31.39 9.24
N GLY B 20 15.43 30.79 8.07
CA GLY B 20 15.82 29.40 7.90
C GLY B 20 15.86 29.04 6.43
N SER B 21 16.80 28.16 6.08
CA SER B 21 16.95 27.72 4.71
C SER B 21 17.60 26.35 4.70
N LEU B 22 17.00 25.40 3.97
CA LEU B 22 17.64 24.13 3.70
C LEU B 22 17.68 23.89 2.20
N PRO B 23 18.79 23.35 1.68
CA PRO B 23 18.94 23.26 0.22
C PRO B 23 17.97 22.30 -0.44
N PHE B 24 17.49 21.27 0.27
CA PHE B 24 16.52 20.33 -0.29
C PHE B 24 15.50 19.98 0.79
N LEU B 25 14.42 19.33 0.37
CA LEU B 25 13.34 19.03 1.30
C LEU B 25 13.72 17.93 2.28
N PRO B 26 13.32 18.04 3.54
CA PRO B 26 13.51 16.93 4.48
C PRO B 26 12.57 15.79 4.13
N ARG B 27 13.00 14.54 4.24
CA ARG B 27 12.23 13.33 3.94
C ARG B 27 11.71 13.17 2.55
N HIS B 28 12.42 13.64 1.56
CA HIS B 28 12.02 13.49 0.16
C HIS B 28 13.29 13.02 -0.56
N GLY B 29 13.32 11.73 -0.87
CA GLY B 29 14.49 11.09 -1.44
C GLY B 29 15.40 10.56 -0.35
N HIS B 30 16.36 9.74 -0.76
CA HIS B 30 17.37 9.26 0.17
C HIS B 30 18.38 10.37 0.46
N MET B 31 18.81 10.45 1.72
CA MET B 31 19.65 11.57 2.12
C MET B 31 21.05 11.48 1.54
N HIS B 32 21.57 10.26 1.35
CA HIS B 32 22.88 10.15 0.73
C HIS B 32 22.84 10.60 -0.72
N ASN B 33 21.70 10.44 -1.40
CA ASN B 33 21.60 10.87 -2.77
C ASN B 33 21.24 12.35 -2.89
N ASN B 34 20.56 12.91 -1.89
CA ASN B 34 20.32 14.35 -1.91
C ASN B 34 21.62 15.12 -1.73
N PHE B 35 22.47 14.67 -0.82
CA PHE B 35 23.77 15.29 -0.64
C PHE B 35 24.61 15.15 -1.92
N PHE B 36 24.51 13.99 -2.57
CA PHE B 36 25.26 13.79 -3.81
C PHE B 36 24.78 14.73 -4.89
N LYS B 37 23.50 14.86 -5.02
CA LYS B 37 22.97 15.71 -6.00
C LYS B 37 23.26 17.12 -5.79
N LEU B 38 23.46 17.50 -4.58
CA LEU B 38 23.84 18.86 -4.25
C LEU B 38 25.29 19.18 -4.63
N GLN B 39 26.12 18.17 -4.91
CA GLN B 39 27.50 18.44 -5.27
C GLN B 39 27.60 19.19 -6.59
N LYS B 40 26.60 19.01 -7.47
CA LYS B 40 26.65 19.67 -8.77
C LYS B 40 26.48 21.18 -8.64
N LYS B 41 25.88 21.65 -7.55
CA LYS B 41 25.66 23.07 -7.32
C LYS B 41 26.66 23.70 -6.38
N TYR B 42 27.19 22.94 -5.42
CA TYR B 42 28.01 23.50 -4.36
C TYR B 42 29.35 22.84 -4.20
N GLY B 43 29.64 21.80 -4.97
CA GLY B 43 30.92 21.14 -4.91
C GLY B 43 30.97 19.97 -3.94
N PRO B 44 32.16 19.41 -3.75
CA PRO B 44 32.30 18.16 -2.97
C PRO B 44 32.45 18.33 -1.47
N ILE B 45 32.44 19.54 -0.94
CA ILE B 45 32.51 19.75 0.50
C ILE B 45 31.74 21.01 0.85
N TYR B 46 30.73 20.86 1.70
CA TYR B 46 29.91 21.97 2.14
C TYR B 46 29.39 21.64 3.53
N SER B 47 28.80 22.65 4.18
CA SER B 47 28.38 22.52 5.56
C SER B 47 26.95 22.98 5.68
N VAL B 48 26.31 22.52 6.75
CA VAL B 48 24.95 22.94 7.12
C VAL B 48 24.96 23.20 8.62
N ARG B 49 24.21 24.20 9.07
CA ARG B 49 24.17 24.56 10.46
C ARG B 49 22.76 24.45 11.01
N MET B 50 22.61 23.85 12.18
CA MET B 50 21.33 23.60 12.83
C MET B 50 21.51 24.00 14.27
N GLY B 51 20.90 25.06 14.77
CA GLY B 51 21.25 25.53 16.10
C GLY B 51 22.73 25.88 16.13
N THR B 52 23.44 25.39 17.13
CA THR B 52 24.87 25.60 17.32
C THR B 52 25.67 24.53 16.57
N LYS B 53 24.99 23.50 16.09
CA LYS B 53 25.63 22.29 15.57
C LYS B 53 25.96 22.53 14.11
N THR B 54 27.15 22.09 13.74
CA THR B 54 27.60 22.22 12.37
C THR B 54 28.05 20.86 11.84
N THR B 55 27.66 20.61 10.61
CA THR B 55 27.96 19.34 9.97
C THR B 55 28.57 19.57 8.61
N VAL B 56 29.65 18.83 8.33
CA VAL B 56 30.34 18.89 7.04
C VAL B 56 30.03 17.62 6.26
N ILE B 57 29.67 17.78 4.98
CA ILE B 57 29.39 16.67 4.07
C ILE B 57 30.53 16.57 3.06
N VAL B 58 31.12 15.39 2.96
CA VAL B 58 32.28 15.17 2.10
C VAL B 58 31.89 14.15 1.04
N GLY B 59 32.14 14.50 -0.22
CA GLY B 59 31.70 13.68 -1.34
C GLY B 59 32.72 13.45 -2.44
N HIS B 60 34.01 13.60 -2.14
CA HIS B 60 35.06 13.27 -3.09
C HIS B 60 36.13 12.43 -2.39
N HIS B 61 36.69 11.46 -3.11
CA HIS B 61 37.55 10.47 -2.47
C HIS B 61 38.83 11.09 -1.89
N GLN B 62 39.38 12.11 -2.53
CA GLN B 62 40.59 12.73 -2.00
C GLN B 62 40.31 13.35 -0.64
N LEU B 63 39.20 14.06 -0.53
CA LEU B 63 38.82 14.62 0.77
C LEU B 63 38.40 13.52 1.75
N ALA B 64 37.78 12.45 1.26
CA ALA B 64 37.38 11.35 2.14
C ALA B 64 38.59 10.67 2.73
N LYS B 65 39.63 10.45 1.91
CA LYS B 65 40.87 9.84 2.40
C LYS B 65 41.63 10.79 3.29
N GLU B 66 41.40 12.09 3.17
CA GLU B 66 41.98 13.02 4.12
C GLU B 66 41.32 12.89 5.48
N VAL B 67 39.99 12.79 5.50
CA VAL B 67 39.24 12.66 6.75
C VAL B 67 39.50 11.30 7.39
N LEU B 68 39.48 10.24 6.57
CA LEU B 68 39.54 8.90 7.11
C LEU B 68 40.97 8.46 7.39
N ILE B 69 41.93 8.82 6.53
CA ILE B 69 43.26 8.24 6.61
C ILE B 69 44.30 9.29 6.99
N LYS B 70 44.50 10.27 6.09
CA LYS B 70 45.65 11.16 6.21
C LYS B 70 45.57 12.03 7.45
N LYS B 71 44.36 12.31 7.93
CA LYS B 71 44.09 12.93 9.21
C LYS B 71 43.07 12.09 9.97
N GLY B 72 43.23 10.76 9.93
CA GLY B 72 42.30 9.87 10.62
C GLY B 72 42.04 10.22 12.07
N LYS B 73 43.11 10.51 12.81
CA LYS B 73 42.96 10.66 14.25
C LYS B 73 42.34 12.01 14.62
N ASP B 74 42.36 12.97 13.69
CA ASP B 74 41.67 14.23 13.92
C ASP B 74 40.15 14.09 13.81
N PHE B 75 39.66 13.13 13.03
CA PHE B 75 38.23 12.99 12.80
C PHE B 75 37.71 11.64 13.27
N SER B 76 38.40 11.03 14.23
CA SER B 76 38.05 9.70 14.70
C SER B 76 37.01 9.74 15.81
N GLY B 77 36.43 10.88 16.07
CA GLY B 77 35.37 10.95 17.06
C GLY B 77 34.01 10.54 16.52
N ARG B 78 33.06 10.37 17.45
CA ARG B 78 31.67 10.10 17.11
C ARG B 78 30.75 11.16 17.73
N PRO B 79 29.81 11.70 16.96
CA PRO B 79 28.86 12.65 17.55
C PRO B 79 27.91 11.99 18.54
N GLN B 80 27.48 12.77 19.54
CA GLN B 80 26.53 12.30 20.54
C GLN B 80 25.09 12.48 20.04
N MET B 81 24.31 11.41 20.12
CA MET B 81 22.90 11.45 19.74
C MET B 81 22.07 10.75 20.81
N ALA B 82 20.89 11.31 21.11
CA ALA B 82 20.02 10.69 22.10
C ALA B 82 19.73 9.24 21.73
N THR B 83 19.51 8.98 20.44
CA THR B 83 19.15 7.64 20.01
C THR B 83 20.33 6.68 20.11
N LEU B 84 21.55 7.14 19.78
CA LEU B 84 22.71 6.28 19.84
C LEU B 84 23.23 6.09 21.26
N ASP B 85 22.92 7.02 22.17
CA ASP B 85 23.25 6.81 23.58
C ASP B 85 22.54 5.59 24.14
N ILE B 86 21.28 5.37 23.73
CA ILE B 86 20.49 4.26 24.27
C ILE B 86 21.00 2.93 23.75
N ALA B 87 21.26 2.82 22.45
CA ALA B 87 21.72 1.55 21.91
C ALA B 87 23.09 1.16 22.43
N SER B 88 23.91 2.14 22.80
CA SER B 88 25.27 1.90 23.25
C SER B 88 25.41 1.97 24.77
N ASN B 89 24.31 2.15 25.50
CA ASN B 89 24.37 2.32 26.96
C ASN B 89 25.33 3.45 27.33
N ASN B 90 25.02 4.63 26.83
CA ASN B 90 25.79 5.85 26.98
C ASN B 90 27.18 5.74 26.46
N ARG B 91 27.32 5.60 25.16
CA ARG B 91 28.54 5.55 24.48
C ARG B 91 29.60 4.59 24.91
N LYS B 92 29.27 3.38 25.38
CA LYS B 92 30.22 2.31 25.59
C LYS B 92 30.29 1.52 24.29
N GLY B 93 30.91 0.35 24.31
CA GLY B 93 31.03 -0.41 23.08
C GLY B 93 32.11 0.14 22.17
N ILE B 94 31.89 -0.01 20.87
CA ILE B 94 32.89 0.37 19.86
C ILE B 94 32.35 1.38 18.86
N ALA B 95 31.29 1.02 18.16
CA ALA B 95 30.90 1.78 16.97
C ALA B 95 30.35 3.16 17.32
N PHE B 96 29.62 3.28 18.43
CA PHE B 96 28.99 4.54 18.80
C PHE B 96 29.71 5.22 19.96
N ALA B 97 30.85 4.67 20.39
CA ALA B 97 31.68 5.29 21.42
C ALA B 97 32.58 6.34 20.81
N ASP B 98 32.79 7.42 21.57
CA ASP B 98 33.71 8.47 21.14
C ASP B 98 35.15 7.94 21.18
N SER B 99 36.04 8.65 20.48
CA SER B 99 37.48 8.36 20.57
C SER B 99 37.97 8.60 22.00
N GLY B 100 38.91 7.78 22.43
CA GLY B 100 39.37 7.86 23.78
C GLY B 100 39.77 6.50 24.24
N ALA B 101 39.97 6.37 25.53
CA ALA B 101 40.49 5.20 26.10
C ALA B 101 39.72 4.01 25.90
N HIS B 102 38.45 4.02 26.19
CA HIS B 102 37.71 2.80 26.04
C HIS B 102 37.42 2.35 24.63
N TRP B 103 37.29 3.24 23.68
CA TRP B 103 37.06 2.82 22.34
C TRP B 103 38.27 2.09 21.87
N GLN B 104 39.40 2.67 22.15
CA GLN B 104 40.67 2.13 21.79
C GLN B 104 40.94 0.78 22.33
N LEU B 105 40.55 0.58 23.56
CA LEU B 105 40.79 -0.68 24.21
C LEU B 105 39.86 -1.74 23.71
N HIS B 106 38.57 -1.41 23.59
CA HIS B 106 37.61 -2.42 23.19
C HIS B 106 37.73 -2.75 21.71
N ARG B 107 38.18 -1.79 20.90
CA ARG B 107 38.35 -2.08 19.48
C ARG B 107 39.48 -3.06 19.22
N ARG B 108 40.58 -2.85 19.91
CA ARG B 108 41.75 -3.67 19.84
C ARG B 108 41.50 -5.09 20.29
N LEU B 109 40.76 -5.25 21.35
CA LEU B 109 40.50 -6.54 21.92
C LEU B 109 39.57 -7.32 21.02
N ALA B 110 38.66 -6.63 20.31
CA ALA B 110 37.78 -7.31 19.38
C ALA B 110 38.54 -7.87 18.19
N MET B 111 39.47 -7.08 17.62
CA MET B 111 40.24 -7.54 16.47
C MET B 111 41.25 -8.60 16.87
N ALA B 112 41.80 -8.49 18.08
CA ALA B 112 42.66 -9.54 18.61
C ALA B 112 41.91 -10.87 18.66
N THR B 113 40.61 -10.83 18.95
CA THR B 113 39.81 -12.06 18.99
C THR B 113 39.75 -12.72 17.62
N PHE B 114 39.67 -11.93 16.56
CA PHE B 114 39.58 -12.49 15.21
C PHE B 114 40.86 -13.23 14.82
N ALA B 115 41.99 -12.88 15.43
CA ALA B 115 43.23 -13.62 15.16
C ALA B 115 43.13 -15.06 15.65
N LEU B 116 42.33 -15.29 16.67
CA LEU B 116 42.15 -16.62 17.19
C LEU B 116 41.45 -17.56 16.24
N PHE B 117 40.78 -17.05 15.23
CA PHE B 117 40.12 -17.88 14.26
C PHE B 117 40.84 -17.95 12.94
N LYS B 118 42.10 -17.58 12.91
CA LYS B 118 42.92 -17.61 11.70
C LYS B 118 43.22 -19.01 11.11
N ASP B 119 43.48 -19.98 11.96
CA ASP B 119 43.80 -21.35 11.54
C ASP B 119 43.43 -22.29 12.67
N GLY B 120 43.13 -23.56 12.40
CA GLY B 120 42.89 -24.48 13.48
C GLY B 120 41.72 -25.40 13.37
N ASP B 121 41.35 -25.95 14.52
CA ASP B 121 40.18 -26.80 14.63
C ASP B 121 39.00 -25.89 14.40
N GLN B 122 39.06 -24.72 15.03
CA GLN B 122 38.10 -23.65 14.86
C GLN B 122 38.57 -22.64 13.81
N LYS B 123 38.81 -23.06 12.59
CA LYS B 123 39.20 -22.13 11.55
C LYS B 123 37.94 -21.40 11.20
N LEU B 124 38.03 -20.13 10.88
CA LEU B 124 36.84 -19.36 10.57
C LEU B 124 36.03 -19.89 9.46
N GLU B 125 36.68 -20.45 8.48
CA GLU B 125 35.99 -21.00 7.36
C GLU B 125 35.17 -22.18 7.71
N LYS B 126 35.62 -22.99 8.60
CA LYS B 126 34.88 -24.20 8.98
C LYS B 126 33.71 -23.89 9.88
N ILE B 127 33.82 -22.89 10.77
CA ILE B 127 32.65 -22.51 11.56
C ILE B 127 31.57 -21.94 10.66
N ILE B 128 31.96 -21.18 9.64
CA ILE B 128 30.99 -20.66 8.67
C ILE B 128 30.40 -21.81 7.85
N CYS B 129 31.26 -22.66 7.30
CA CYS B 129 30.77 -23.72 6.42
C CYS B 129 29.86 -24.67 7.18
N GLN B 130 30.10 -24.84 8.48
CA GLN B 130 29.24 -25.71 9.26
C GLN B 130 27.83 -25.16 9.37
N GLU B 131 27.72 -23.85 9.56
CA GLU B 131 26.40 -23.24 9.68
C GLU B 131 25.75 -23.01 8.32
N ILE B 132 26.54 -22.88 7.26
CA ILE B 132 25.97 -22.77 5.93
C ILE B 132 25.38 -24.10 5.49
N SER B 133 25.98 -25.21 5.92
CA SER B 133 25.47 -26.53 5.56
C SER B 133 24.08 -26.74 6.14
N THR B 134 23.90 -26.39 7.42
CA THR B 134 22.58 -26.44 8.02
C THR B 134 21.60 -25.54 7.28
N LEU B 135 22.06 -24.33 6.91
CA LEU B 135 21.25 -23.43 6.09
C LEU B 135 20.85 -24.10 4.78
N CYS B 136 21.80 -24.75 4.10
CA CYS B 136 21.52 -25.27 2.77
C CYS B 136 20.67 -26.54 2.82
N ASP B 137 20.79 -27.33 3.89
CA ASP B 137 19.90 -28.46 4.07
C ASP B 137 18.46 -28.02 4.28
N MET B 138 18.26 -27.00 5.13
CA MET B 138 16.92 -26.54 5.48
C MET B 138 16.27 -25.81 4.32
N LEU B 139 17.03 -25.06 3.53
CA LEU B 139 16.44 -24.42 2.36
C LEU B 139 15.99 -25.46 1.34
N ALA B 140 16.68 -26.60 1.28
CA ALA B 140 16.32 -27.64 0.34
C ALA B 140 14.95 -28.24 0.64
N THR B 141 14.53 -28.22 1.91
CA THR B 141 13.17 -28.65 2.24
C THR B 141 12.13 -27.82 1.49
N HIS B 142 12.46 -26.59 1.10
CA HIS B 142 11.52 -25.71 0.40
C HIS B 142 11.66 -25.82 -1.12
N ASN B 143 12.22 -26.93 -1.61
CA ASN B 143 12.35 -27.16 -3.05
C ASN B 143 11.01 -26.94 -3.75
N GLY B 144 11.03 -26.09 -4.77
CA GLY B 144 9.84 -25.84 -5.55
C GLY B 144 8.95 -24.76 -4.99
N GLN B 145 9.32 -24.17 -3.87
CA GLN B 145 8.54 -23.12 -3.24
C GLN B 145 9.27 -21.78 -3.31
N SER B 146 8.50 -20.71 -3.20
CA SER B 146 9.01 -19.35 -3.12
C SER B 146 8.99 -18.94 -1.65
N ILE B 147 10.14 -18.46 -1.15
CA ILE B 147 10.27 -18.16 0.26
C ILE B 147 11.07 -16.86 0.42
N ASP B 148 10.97 -16.30 1.63
CA ASP B 148 11.84 -15.21 2.05
C ASP B 148 13.00 -15.83 2.81
N ILE B 149 14.20 -15.76 2.23
CA ILE B 149 15.35 -16.44 2.85
C ILE B 149 15.96 -15.64 3.96
N SER B 150 15.35 -14.51 4.33
CA SER B 150 15.93 -13.63 5.33
C SER B 150 16.22 -14.38 6.62
N PHE B 151 15.19 -15.03 7.19
CA PHE B 151 15.38 -15.61 8.51
C PHE B 151 16.37 -16.76 8.47
N PRO B 152 16.29 -17.71 7.53
CA PRO B 152 17.30 -18.80 7.53
C PRO B 152 18.73 -18.30 7.47
N VAL B 153 18.99 -17.24 6.70
CA VAL B 153 20.33 -16.64 6.66
C VAL B 153 20.67 -16.00 8.00
N PHE B 154 19.72 -15.25 8.58
CA PHE B 154 19.90 -14.63 9.90
C PHE B 154 20.33 -15.67 10.92
N VAL B 155 19.67 -16.82 10.94
CA VAL B 155 20.02 -17.88 11.87
C VAL B 155 21.45 -18.34 11.65
N ALA B 156 21.85 -18.51 10.38
CA ALA B 156 23.19 -19.00 10.07
C ALA B 156 24.26 -18.06 10.61
N VAL B 157 24.20 -16.79 10.21
CA VAL B 157 25.20 -15.82 10.63
C VAL B 157 25.09 -15.52 12.12
N THR B 158 23.90 -15.65 12.71
CA THR B 158 23.79 -15.40 14.15
C THR B 158 24.58 -16.42 14.94
N ASN B 159 24.56 -17.69 14.51
CA ASN B 159 25.30 -18.72 15.20
C ASN B 159 26.80 -18.62 14.96
N VAL B 160 27.21 -18.21 13.77
CA VAL B 160 28.63 -17.93 13.54
C VAL B 160 29.13 -16.89 14.51
N ILE B 161 28.39 -15.79 14.65
CA ILE B 161 28.86 -14.70 15.50
C ILE B 161 28.74 -15.10 16.96
N SER B 162 27.76 -15.92 17.29
CA SER B 162 27.60 -16.38 18.67
C SER B 162 28.68 -17.38 19.05
N LEU B 163 29.16 -18.15 18.07
CA LEU B 163 30.30 -19.01 18.32
C LEU B 163 31.56 -18.19 18.54
N ILE B 164 31.75 -17.14 17.74
CA ILE B 164 32.92 -16.29 17.88
C ILE B 164 32.90 -15.55 19.21
N CYS B 165 31.71 -15.25 19.72
CA CYS B 165 31.60 -14.50 20.96
C CYS B 165 31.53 -15.39 22.20
N PHE B 166 30.87 -16.56 22.12
CA PHE B 166 30.60 -17.38 23.31
C PHE B 166 30.95 -18.85 23.13
N ASN B 167 31.32 -19.28 21.94
CA ASN B 167 31.42 -20.71 21.62
C ASN B 167 30.10 -21.43 21.91
N THR B 168 28.99 -20.82 21.49
CA THR B 168 27.68 -21.45 21.57
C THR B 168 26.92 -21.20 20.27
N SER B 169 26.01 -22.10 19.96
CA SER B 169 25.15 -22.00 18.79
C SER B 169 23.72 -22.35 19.20
N TYR B 170 22.77 -21.98 18.35
CA TYR B 170 21.36 -22.22 18.60
C TYR B 170 20.89 -23.41 17.78
N LYS B 171 20.18 -24.33 18.43
CA LYS B 171 19.57 -25.45 17.71
C LYS B 171 18.37 -24.94 16.93
N ASN B 172 18.01 -25.67 15.87
CA ASN B 172 16.89 -25.22 15.05
C ASN B 172 15.61 -25.21 15.88
N GLY B 173 14.81 -24.16 15.70
CA GLY B 173 13.59 -24.01 16.43
C GLY B 173 13.75 -23.32 17.76
N ASP B 174 14.97 -23.03 18.19
CA ASP B 174 15.18 -22.34 19.45
C ASP B 174 14.43 -21.01 19.43
N PRO B 175 13.51 -20.76 20.37
CA PRO B 175 12.73 -19.52 20.30
C PRO B 175 13.57 -18.26 20.51
N GLU B 176 14.71 -18.37 21.16
CA GLU B 176 15.54 -17.19 21.35
C GLU B 176 15.93 -16.55 20.02
N LEU B 177 16.06 -17.36 18.96
CA LEU B 177 16.36 -16.79 17.65
C LEU B 177 15.25 -15.86 17.18
N ASN B 178 14.00 -16.20 17.47
CA ASN B 178 12.91 -15.33 17.07
C ASN B 178 12.83 -14.10 17.97
N VAL B 179 13.22 -14.22 19.23
CA VAL B 179 13.28 -13.07 20.13
C VAL B 179 14.35 -12.08 19.67
N ILE B 180 15.54 -12.57 19.31
CA ILE B 180 16.61 -11.68 18.88
C ILE B 180 16.20 -10.94 17.61
N GLN B 181 15.59 -11.64 16.72
CA GLN B 181 15.19 -11.07 15.51
C GLN B 181 14.20 -9.99 15.70
N ASN B 182 13.34 -10.16 16.69
CA ASN B 182 12.34 -9.15 16.97
C ASN B 182 12.98 -7.89 17.48
N TYR B 183 13.83 -7.98 18.48
CA TYR B 183 14.42 -6.77 18.98
C TYR B 183 15.44 -6.20 18.01
N ASN B 184 16.07 -6.99 17.16
CA ASN B 184 16.98 -6.43 16.22
C ASN B 184 16.26 -5.54 15.29
N GLU B 185 15.11 -5.97 14.86
CA GLU B 185 14.31 -5.26 13.99
C GLU B 185 13.79 -4.07 14.67
N GLY B 186 13.39 -4.10 15.98
CA GLY B 186 12.85 -3.00 16.76
C GLY B 186 13.87 -1.91 17.00
N ILE B 187 15.11 -2.30 17.28
CA ILE B 187 16.17 -1.32 17.50
C ILE B 187 16.47 -0.57 16.20
N ILE B 188 16.62 -1.31 15.09
CA ILE B 188 16.97 -0.67 13.82
C ILE B 188 15.91 0.34 13.42
N ASP B 189 14.67 -0.06 13.57
CA ASP B 189 13.55 0.74 13.22
C ASP B 189 13.43 2.01 13.95
N ASN B 190 13.82 2.06 15.14
CA ASN B 190 13.75 3.22 16.01
C ASN B 190 15.11 3.89 16.23
N LEU B 191 16.21 3.33 15.72
CA LEU B 191 17.51 4.00 15.89
C LEU B 191 17.55 5.30 15.12
N SER B 192 16.87 5.30 13.99
CA SER B 192 16.76 6.46 13.12
C SER B 192 15.57 6.30 12.19
N LYS B 193 14.89 7.38 11.85
CA LYS B 193 13.77 7.31 10.91
C LYS B 193 14.23 6.98 9.52
N ASP B 194 15.30 7.57 9.07
CA ASP B 194 15.80 7.29 7.75
C ASP B 194 17.29 6.98 7.95
N SER B 195 18.27 7.75 7.45
CA SER B 195 19.66 7.46 7.69
C SER B 195 20.06 7.99 9.05
N LEU B 196 21.24 7.64 9.54
CA LEU B 196 21.61 8.16 10.85
C LEU B 196 21.70 9.68 10.79
N VAL B 197 22.09 10.21 9.66
CA VAL B 197 22.19 11.63 9.49
C VAL B 197 20.81 12.24 9.34
N ASP B 198 20.42 13.13 10.21
CA ASP B 198 19.13 13.74 10.09
C ASP B 198 19.32 15.23 10.04
N LEU B 199 18.76 15.90 9.06
CA LEU B 199 18.95 17.33 9.03
C LEU B 199 18.25 18.02 10.16
N VAL B 200 16.93 17.91 10.26
CA VAL B 200 16.15 18.58 11.30
C VAL B 200 16.06 17.67 12.52
N PRO B 201 16.29 18.18 13.74
CA PRO B 201 16.19 17.26 14.90
C PRO B 201 14.75 17.01 15.34
N TRP B 202 14.02 16.26 14.56
CA TRP B 202 12.63 16.09 14.82
C TRP B 202 12.29 15.48 16.14
N LEU B 203 13.22 14.80 16.77
CA LEU B 203 12.97 14.21 18.04
C LEU B 203 12.70 15.16 19.13
N LYS B 204 13.30 16.33 19.08
CA LYS B 204 13.16 17.30 20.08
C LYS B 204 12.11 18.31 19.75
N ILE B 205 11.52 18.27 18.58
CA ILE B 205 10.56 19.27 18.21
C ILE B 205 9.14 18.91 18.47
N PHE B 206 8.77 17.69 18.19
CA PHE B 206 7.39 17.26 18.37
C PHE B 206 7.31 16.08 19.33
N PRO B 207 6.17 15.92 20.02
CA PRO B 207 6.01 14.79 20.94
C PRO B 207 5.91 13.48 20.22
N ASN B 208 6.85 12.60 20.52
CA ASN B 208 6.93 11.26 19.97
C ASN B 208 7.37 10.29 21.06
N LYS B 209 7.31 9.02 20.76
CA LYS B 209 7.72 7.97 21.64
C LYS B 209 8.81 7.11 21.06
N THR B 210 9.64 7.63 20.19
CA THR B 210 10.71 6.88 19.54
C THR B 210 11.75 6.40 20.56
N LEU B 211 12.20 7.30 21.45
CA LEU B 211 13.16 6.89 22.48
C LEU B 211 12.55 5.87 23.43
N GLU B 212 11.28 6.03 23.78
CA GLU B 212 10.67 5.08 24.69
C GLU B 212 10.59 3.69 24.05
N LYS B 213 10.20 3.63 22.78
CA LYS B 213 10.19 2.34 22.08
C LYS B 213 11.60 1.80 21.92
N LEU B 214 12.57 2.68 21.63
CA LEU B 214 13.95 2.23 21.47
C LEU B 214 14.49 1.62 22.76
N LYS B 215 14.26 2.29 23.89
CA LYS B 215 14.68 1.75 25.17
C LYS B 215 14.12 0.35 25.39
N SER B 216 12.85 0.15 24.99
CA SER B 216 12.19 -1.14 25.23
C SER B 216 12.94 -2.29 24.58
N HIS B 217 13.30 -2.13 23.31
CA HIS B 217 13.97 -3.22 22.61
C HIS B 217 15.40 -3.39 23.11
N VAL B 218 16.08 -2.29 23.43
CA VAL B 218 17.43 -2.39 23.99
C VAL B 218 17.38 -3.03 25.37
N LYS B 219 16.31 -2.78 26.13
CA LYS B 219 16.21 -3.42 27.43
C LYS B 219 16.11 -4.93 27.29
N ILE B 220 15.41 -5.41 26.27
CA ILE B 220 15.36 -6.85 26.03
C ILE B 220 16.71 -7.37 25.58
N ARG B 221 17.37 -6.65 24.66
CA ARG B 221 18.71 -7.03 24.21
C ARG B 221 19.68 -7.11 25.39
N ASN B 222 19.73 -6.04 26.20
CA ASN B 222 20.65 -6.02 27.32
C ASN B 222 20.33 -7.11 28.34
N ASP B 223 19.04 -7.35 28.60
CA ASP B 223 18.68 -8.42 29.54
C ASP B 223 19.17 -9.77 29.07
N LEU B 224 19.14 -10.00 27.75
CA LEU B 224 19.44 -11.31 27.20
C LEU B 224 20.95 -11.60 27.24
N LEU B 225 21.76 -10.59 27.02
CA LEU B 225 23.22 -10.74 27.06
C LEU B 225 23.78 -10.67 28.47
N ASN B 226 23.09 -10.03 29.41
CA ASN B 226 23.56 -10.07 30.79
C ASN B 226 23.51 -11.50 31.35
N LYS B 227 22.45 -12.20 31.04
CA LYS B 227 22.23 -13.56 31.47
C LYS B 227 23.30 -14.50 30.93
N ILE B 228 23.56 -14.45 29.64
CA ILE B 228 24.61 -15.26 29.03
C ILE B 228 25.95 -14.90 29.67
N LEU B 229 26.12 -13.63 30.03
CA LEU B 229 27.37 -13.15 30.60
C LEU B 229 27.51 -13.55 32.07
N GLU B 230 26.39 -13.65 32.77
CA GLU B 230 26.39 -14.03 34.15
C GLU B 230 26.70 -15.48 34.33
N ASN B 231 26.05 -16.32 33.58
CA ASN B 231 26.28 -17.76 33.62
C ASN B 231 27.65 -18.12 33.08
N TYR B 232 28.19 -17.31 32.16
CA TYR B 232 29.49 -17.62 31.60
C TYR B 232 30.64 -17.32 32.57
N LYS B 233 30.37 -16.60 33.66
CA LYS B 233 31.45 -16.24 34.58
C LYS B 233 32.03 -17.44 35.34
N GLU B 234 31.24 -18.46 35.54
CA GLU B 234 31.72 -19.63 36.20
C GLU B 234 32.35 -20.54 35.21
N LYS B 235 32.10 -20.37 33.94
CA LYS B 235 32.72 -21.24 32.99
C LYS B 235 34.05 -20.67 32.53
N PHE B 236 34.35 -19.43 32.86
CA PHE B 236 35.57 -18.84 32.38
C PHE B 236 36.83 -19.40 33.02
N ARG B 237 37.84 -19.73 32.24
CA ARG B 237 39.07 -20.20 32.82
C ARG B 237 40.18 -19.42 32.16
N SER B 238 41.19 -18.99 32.89
CA SER B 238 42.26 -18.22 32.28
C SER B 238 43.04 -18.98 31.23
N ASP B 239 43.21 -20.28 31.38
CA ASP B 239 43.90 -21.07 30.39
C ASP B 239 43.17 -21.15 29.07
N SER B 240 41.85 -21.10 29.09
CA SER B 240 41.12 -21.21 27.85
C SER B 240 40.68 -19.86 27.24
N ILE B 241 41.31 -19.43 26.17
CA ILE B 241 41.00 -18.19 25.51
C ILE B 241 40.66 -18.53 24.08
N THR B 242 39.38 -18.63 23.74
CA THR B 242 38.97 -19.14 22.45
C THR B 242 37.93 -18.28 21.73
N ASN B 243 37.37 -17.27 22.39
CA ASN B 243 36.25 -16.51 21.85
C ASN B 243 36.35 -15.09 22.41
N MET B 244 35.42 -14.22 21.99
CA MET B 244 35.54 -12.81 22.34
C MET B 244 35.23 -12.56 23.81
N LEU B 245 34.31 -13.31 24.41
CA LEU B 245 34.00 -13.03 25.81
C LEU B 245 35.18 -13.43 26.70
N ASP B 246 35.91 -14.48 26.34
CA ASP B 246 37.14 -14.79 27.06
C ASP B 246 38.13 -13.65 26.95
N THR B 247 38.38 -13.18 25.72
CA THR B 247 39.33 -12.10 25.50
C THR B 247 39.04 -10.90 26.39
N LEU B 248 37.79 -10.61 26.59
CA LEU B 248 37.43 -9.47 27.35
C LEU B 248 37.57 -9.68 28.82
N MET B 249 37.18 -10.82 29.30
CA MET B 249 37.30 -11.09 30.73
C MET B 249 38.74 -11.35 31.14
N GLN B 250 39.55 -11.94 30.25
CA GLN B 250 40.99 -12.01 30.48
C GLN B 250 41.55 -10.61 30.72
N ALA B 251 41.10 -9.64 29.92
CA ALA B 251 41.59 -8.27 30.07
C ALA B 251 41.21 -7.70 31.43
N LYS B 252 39.98 -7.97 31.88
CA LYS B 252 39.58 -7.51 33.21
C LYS B 252 40.29 -8.28 34.30
N MET B 253 40.73 -9.50 34.01
CA MET B 253 41.42 -10.28 35.03
C MET B 253 42.87 -9.87 35.24
N ASN B 254 43.60 -9.49 34.18
CA ASN B 254 44.97 -9.04 34.37
C ASN B 254 45.04 -7.56 34.76
N SER B 255 43.94 -6.87 34.53
CA SER B 255 43.63 -5.61 35.15
C SER B 255 43.61 -5.85 36.62
N ASP B 256 43.49 -4.80 37.41
CA ASP B 256 43.40 -4.96 38.87
C ASP B 256 44.75 -5.34 39.48
N ASP B 265 42.77 0.17 33.80
CA ASP B 265 42.10 -0.43 32.64
C ASP B 265 40.80 -1.07 33.07
N SER B 266 40.70 -1.39 34.38
CA SER B 266 39.57 -2.03 35.03
C SER B 266 38.27 -1.28 34.85
N GLU B 267 38.28 0.03 35.08
CA GLU B 267 37.11 0.85 34.81
C GLU B 267 36.51 0.61 33.45
N LEU B 268 37.38 0.49 32.44
CA LEU B 268 36.97 0.38 31.07
C LEU B 268 36.46 -1.01 30.70
N LEU B 269 36.55 -1.96 31.62
CA LEU B 269 36.10 -3.32 31.36
C LEU B 269 35.07 -3.76 32.39
N SER B 270 34.22 -2.85 32.84
CA SER B 270 33.11 -3.21 33.71
C SER B 270 32.16 -4.14 32.96
N ASP B 271 31.16 -4.67 33.68
CA ASP B 271 30.26 -5.63 33.07
C ASP B 271 29.46 -5.01 31.94
N ASN B 272 29.09 -3.73 32.08
CA ASN B 272 28.34 -3.07 31.02
C ASN B 272 29.23 -2.73 29.83
N HIS B 273 30.52 -2.54 30.07
CA HIS B 273 31.42 -2.33 28.94
C HIS B 273 31.57 -3.58 28.09
N ILE B 274 31.75 -4.73 28.72
CA ILE B 274 31.87 -5.97 27.96
C ILE B 274 30.55 -6.30 27.26
N LEU B 275 29.41 -6.12 27.94
CA LEU B 275 28.13 -6.45 27.32
C LEU B 275 27.91 -5.62 26.05
N THR B 276 28.12 -4.30 26.14
CA THR B 276 27.84 -3.42 25.02
C THR B 276 28.78 -3.70 23.85
N THR B 277 30.05 -4.02 24.13
CA THR B 277 30.97 -4.36 23.05
C THR B 277 30.54 -5.63 22.34
N ILE B 278 30.14 -6.66 23.11
CA ILE B 278 29.58 -7.88 22.53
C ILE B 278 28.32 -7.56 21.73
N GLY B 279 27.44 -6.71 22.27
CA GLY B 279 26.23 -6.36 21.53
C GLY B 279 26.52 -5.73 20.18
N ASP B 280 27.53 -4.87 20.12
CA ASP B 280 27.89 -4.26 18.84
C ASP B 280 28.35 -5.33 17.85
N ILE B 281 29.23 -6.24 18.29
CA ILE B 281 29.69 -7.29 17.40
C ILE B 281 28.52 -8.20 17.01
N PHE B 282 27.74 -8.61 18.01
CA PHE B 282 26.57 -9.46 17.73
C PHE B 282 25.66 -8.78 16.72
N GLY B 283 25.41 -7.50 16.91
CA GLY B 283 24.54 -6.76 16.03
C GLY B 283 25.12 -6.56 14.70
N ALA B 284 26.38 -6.24 14.61
CA ALA B 284 27.04 -6.09 13.34
C ALA B 284 27.17 -7.42 12.62
N GLY B 285 27.35 -8.49 13.34
CA GLY B 285 27.40 -9.81 12.78
C GLY B 285 26.21 -10.22 12.07
N VAL B 286 25.06 -9.90 12.55
CA VAL B 286 23.90 -10.34 11.90
C VAL B 286 23.33 -9.43 10.86
N GLU B 287 23.20 -8.17 11.14
CA GLU B 287 22.60 -7.25 10.22
C GLU B 287 23.30 -6.93 8.95
N THR B 288 24.60 -6.83 8.97
CA THR B 288 25.31 -6.50 7.80
C THR B 288 25.46 -7.64 6.87
N THR B 289 25.87 -8.77 7.37
CA THR B 289 26.06 -9.92 6.50
C THR B 289 24.74 -10.37 5.87
N THR B 290 23.69 -10.46 6.70
CA THR B 290 22.38 -10.87 6.16
C THR B 290 21.91 -9.92 5.06
N SER B 291 22.09 -8.62 5.26
CA SER B 291 21.58 -7.65 4.30
C SER B 291 22.29 -7.73 2.96
N VAL B 292 23.61 -7.91 2.97
CA VAL B 292 24.35 -7.96 1.71
C VAL B 292 23.99 -9.21 0.93
N VAL B 293 23.78 -10.33 1.63
CA VAL B 293 23.36 -11.57 0.96
C VAL B 293 22.03 -11.36 0.25
N LYS B 294 21.07 -10.75 0.90
CA LYS B 294 19.81 -10.50 0.31
C LYS B 294 19.90 -9.61 -0.86
N TRP B 295 20.70 -8.59 -0.76
CA TRP B 295 20.91 -7.69 -1.88
C TRP B 295 21.50 -8.42 -3.08
N THR B 296 22.47 -9.32 -2.83
CA THR B 296 23.13 -10.00 -3.94
C THR B 296 22.14 -10.88 -4.68
N LEU B 297 21.35 -11.66 -3.95
CA LEU B 297 20.29 -12.45 -4.58
C LEU B 297 19.33 -11.56 -5.36
N ALA B 298 18.99 -10.40 -4.79
CA ALA B 298 18.09 -9.48 -5.47
C ALA B 298 18.65 -9.06 -6.82
N PHE B 299 19.96 -8.77 -6.87
CA PHE B 299 20.57 -8.35 -8.13
C PHE B 299 20.63 -9.49 -9.13
N LEU B 300 20.92 -10.71 -8.65
CA LEU B 300 20.97 -11.86 -9.55
C LEU B 300 19.60 -12.14 -10.17
N LEU B 301 18.53 -11.95 -9.40
CA LEU B 301 17.20 -12.13 -9.97
C LEU B 301 16.93 -11.11 -11.07
N HIS B 302 17.55 -9.94 -10.97
CA HIS B 302 17.38 -8.89 -11.97
C HIS B 302 18.34 -9.06 -13.14
N ASN B 303 19.35 -9.92 -13.00
CA ASN B 303 20.40 -10.10 -14.00
C ASN B 303 20.67 -11.59 -14.22
N PRO B 304 19.74 -12.29 -14.87
CA PRO B 304 19.92 -13.75 -15.06
C PRO B 304 21.23 -14.12 -15.78
N GLN B 305 21.68 -13.20 -16.60
CA GLN B 305 22.88 -13.29 -17.37
C GLN B 305 24.12 -13.52 -16.52
N VAL B 306 24.26 -12.77 -15.45
CA VAL B 306 25.34 -12.84 -14.49
C VAL B 306 25.18 -14.08 -13.63
N LYS B 307 23.94 -14.36 -13.24
CA LYS B 307 23.64 -15.57 -12.49
C LYS B 307 24.05 -16.79 -13.28
N LYS B 308 23.80 -16.81 -14.59
CA LYS B 308 24.09 -17.96 -15.42
C LYS B 308 25.59 -18.16 -15.59
N LYS B 309 26.34 -17.05 -15.73
CA LYS B 309 27.79 -17.16 -15.80
C LYS B 309 28.40 -17.63 -14.49
N LEU B 310 27.76 -17.34 -13.36
CA LEU B 310 28.25 -17.82 -12.07
C LEU B 310 28.02 -19.32 -11.91
N TYR B 311 26.86 -19.82 -12.36
CA TYR B 311 26.62 -21.26 -12.35
C TYR B 311 27.66 -21.98 -13.20
N GLU B 312 27.97 -21.44 -14.39
CA GLU B 312 28.99 -22.03 -15.23
C GLU B 312 30.36 -21.95 -14.58
N GLU B 313 30.67 -20.83 -13.93
CA GLU B 313 31.97 -20.66 -13.28
C GLU B 313 32.17 -21.66 -12.14
N ILE B 314 31.17 -21.80 -11.27
CA ILE B 314 31.36 -22.68 -10.12
C ILE B 314 31.31 -24.15 -10.56
N ASP B 315 30.54 -24.47 -11.61
CA ASP B 315 30.53 -25.84 -12.12
C ASP B 315 31.88 -26.23 -12.70
N GLN B 316 32.58 -25.27 -13.31
CA GLN B 316 33.86 -25.57 -13.96
C GLN B 316 35.00 -25.62 -12.96
N ASN B 317 34.90 -24.92 -11.85
CA ASN B 317 36.01 -24.77 -10.92
C ASN B 317 35.84 -25.52 -9.61
N VAL B 318 34.63 -25.82 -9.20
CA VAL B 318 34.43 -26.64 -8.05
C VAL B 318 33.66 -27.91 -8.34
N GLY B 319 32.70 -27.89 -9.24
CA GLY B 319 31.94 -29.08 -9.54
C GLY B 319 31.03 -29.48 -8.38
N PHE B 320 30.80 -30.80 -8.28
CA PHE B 320 29.94 -31.37 -7.26
C PHE B 320 30.65 -32.45 -6.45
N SER B 321 31.93 -32.68 -6.70
CA SER B 321 32.74 -33.57 -5.87
C SER B 321 32.73 -33.13 -4.41
N ARG B 322 32.83 -31.82 -4.16
CA ARG B 322 33.00 -31.28 -2.82
C ARG B 322 32.24 -29.97 -2.74
N THR B 323 32.20 -29.39 -1.54
CA THR B 323 31.59 -28.09 -1.32
C THR B 323 32.61 -26.97 -1.47
N PRO B 324 32.15 -25.76 -1.74
CA PRO B 324 33.09 -24.64 -1.88
C PRO B 324 33.88 -24.41 -0.61
N THR B 325 35.10 -23.90 -0.78
CA THR B 325 36.00 -23.60 0.33
C THR B 325 36.61 -22.23 0.09
N ILE B 326 37.18 -21.66 1.15
CA ILE B 326 37.78 -20.32 1.05
C ILE B 326 38.85 -20.27 -0.03
N SER B 327 39.63 -21.29 -0.18
CA SER B 327 40.57 -21.32 -1.28
C SER B 327 39.97 -21.08 -2.66
N ASP B 328 38.69 -21.33 -2.85
CA ASP B 328 38.15 -21.19 -4.19
C ASP B 328 37.90 -19.75 -4.61
N ARG B 329 38.12 -18.77 -3.73
CA ARG B 329 38.00 -17.38 -4.17
C ARG B 329 39.10 -17.01 -5.16
N ASN B 330 40.19 -17.79 -5.19
CA ASN B 330 41.23 -17.57 -6.18
C ASN B 330 40.78 -17.93 -7.58
N ARG B 331 39.72 -18.70 -7.72
CA ARG B 331 39.29 -19.12 -9.04
C ARG B 331 37.86 -18.80 -9.37
N LEU B 332 36.98 -18.55 -8.38
CA LEU B 332 35.62 -18.08 -8.67
C LEU B 332 35.63 -16.56 -8.61
N LEU B 333 36.15 -15.96 -9.67
CA LEU B 333 36.47 -14.54 -9.66
C LEU B 333 35.30 -13.68 -10.08
N LEU B 334 34.38 -14.20 -10.89
CA LEU B 334 33.16 -13.45 -11.18
C LEU B 334 32.24 -13.39 -9.96
N LEU B 335 32.32 -14.38 -9.08
CA LEU B 335 31.57 -14.32 -7.84
C LEU B 335 32.16 -13.27 -6.91
N GLU B 336 33.48 -13.32 -6.71
CA GLU B 336 34.15 -12.31 -5.90
C GLU B 336 33.98 -10.92 -6.48
N ALA B 337 33.91 -10.82 -7.81
CA ALA B 337 33.65 -9.53 -8.44
C ALA B 337 32.21 -9.09 -8.22
N THR B 338 31.26 -10.04 -8.21
CA THR B 338 29.86 -9.67 -7.97
C THR B 338 29.67 -9.09 -6.56
N ILE B 339 30.32 -9.68 -5.56
CA ILE B 339 30.20 -9.15 -4.21
C ILE B 339 30.73 -7.72 -4.15
N ARG B 340 31.88 -7.46 -4.79
CA ARG B 340 32.42 -6.11 -4.80
C ARG B 340 31.45 -5.12 -5.43
N GLU B 341 30.78 -5.52 -6.51
CA GLU B 341 29.88 -4.61 -7.20
C GLU B 341 28.63 -4.36 -6.37
N VAL B 342 28.16 -5.36 -5.63
CA VAL B 342 27.03 -5.10 -4.74
C VAL B 342 27.46 -4.17 -3.62
N LEU B 343 28.64 -4.40 -3.04
CA LEU B 343 29.14 -3.53 -2.00
C LEU B 343 29.43 -2.12 -2.48
N ARG B 344 29.55 -1.93 -3.81
CA ARG B 344 29.70 -0.60 -4.37
C ARG B 344 28.34 0.06 -4.58
N LEU B 345 27.46 -0.57 -5.36
CA LEU B 345 26.19 0.08 -5.76
C LEU B 345 25.23 0.26 -4.59
N ARG B 346 25.27 -0.64 -3.61
CA ARG B 346 24.36 -0.60 -2.46
C ARG B 346 25.21 -0.80 -1.23
N PRO B 347 25.99 0.21 -0.86
CA PRO B 347 26.89 0.04 0.29
C PRO B 347 26.08 -0.17 1.56
N VAL B 348 26.60 -1.05 2.42
CA VAL B 348 25.95 -1.30 3.71
C VAL B 348 25.72 0.00 4.45
N ALA B 349 26.69 0.91 4.39
CA ALA B 349 26.65 2.21 5.07
C ALA B 349 26.91 3.29 4.02
N PRO B 350 25.87 3.75 3.34
CA PRO B 350 26.09 4.72 2.26
C PRO B 350 26.75 6.02 2.71
N MET B 351 26.75 6.31 4.02
CA MET B 351 27.46 7.45 4.60
C MET B 351 28.27 7.00 5.81
N LEU B 352 28.80 5.78 5.76
CA LEU B 352 29.57 5.22 6.86
C LEU B 352 28.83 5.40 8.18
N ILE B 353 29.56 5.74 9.23
CA ILE B 353 28.96 6.19 10.50
C ILE B 353 29.43 7.63 10.70
N PRO B 354 28.61 8.53 11.26
CA PRO B 354 29.05 9.92 11.39
C PRO B 354 30.36 10.01 12.14
N HIS B 355 31.25 10.87 11.67
CA HIS B 355 32.51 11.16 12.34
C HIS B 355 32.41 12.50 13.06
N LYS B 356 33.44 12.77 13.86
CA LYS B 356 33.51 14.05 14.55
C LYS B 356 34.96 14.51 14.65
N ALA B 357 35.22 15.80 14.48
CA ALA B 357 36.53 16.33 14.61
C ALA B 357 36.92 16.46 16.06
N ASN B 358 38.02 15.86 16.45
CA ASN B 358 38.44 15.87 17.81
C ASN B 358 39.13 17.06 18.26
N VAL B 359 39.76 17.70 17.33
CA VAL B 359 40.42 18.95 17.52
C VAL B 359 40.12 19.84 16.33
N ASP B 360 40.51 21.12 16.38
CA ASP B 360 40.51 22.00 15.23
C ASP B 360 41.40 21.40 14.15
N SER B 361 40.90 21.36 12.93
CA SER B 361 41.55 20.63 11.91
C SER B 361 41.19 21.27 10.54
N SER B 362 41.41 20.60 9.43
CA SER B 362 41.18 21.07 8.07
C SER B 362 40.77 19.90 7.20
N ILE B 363 40.04 20.17 6.13
CA ILE B 363 39.63 19.21 5.16
C ILE B 363 39.61 19.98 3.84
N GLY B 364 40.54 19.68 2.93
CA GLY B 364 40.62 20.37 1.66
C GLY B 364 41.14 21.79 1.71
N GLU B 365 41.87 22.07 2.78
CA GLU B 365 42.46 23.35 3.23
C GLU B 365 41.43 24.21 3.91
N PHE B 366 40.27 23.67 4.21
CA PHE B 366 39.18 24.39 4.74
C PHE B 366 39.17 24.20 6.20
N ALA B 367 38.93 25.22 6.96
CA ALA B 367 38.96 25.03 8.41
C ALA B 367 37.75 24.22 8.88
N VAL B 368 37.98 23.36 9.86
CA VAL B 368 36.90 22.59 10.48
C VAL B 368 37.13 22.63 11.99
N ASP B 369 36.16 23.18 12.72
CA ASP B 369 36.33 23.37 14.16
C ASP B 369 36.18 22.07 14.93
N LYS B 370 36.88 22.00 16.08
CA LYS B 370 36.70 20.91 17.02
C LYS B 370 35.22 20.74 17.31
N GLY B 371 34.77 19.48 17.38
CA GLY B 371 33.39 19.18 17.65
C GLY B 371 32.49 19.15 16.43
N THR B 372 33.00 19.55 15.27
CA THR B 372 32.19 19.57 14.06
C THR B 372 31.91 18.15 13.59
N GLU B 373 30.67 17.89 13.22
CA GLU B 373 30.30 16.59 12.67
C GLU B 373 30.71 16.52 11.21
N VAL B 374 31.35 15.42 10.84
CA VAL B 374 31.87 15.21 9.49
C VAL B 374 31.27 13.92 8.94
N ILE B 375 30.70 14.00 7.74
CA ILE B 375 29.97 12.89 7.14
C ILE B 375 30.65 12.57 5.82
N ILE B 376 31.07 11.32 5.67
CA ILE B 376 31.64 10.85 4.41
C ILE B 376 30.51 10.26 3.60
N ASN B 377 30.24 10.85 2.44
CA ASN B 377 29.18 10.36 1.56
C ASN B 377 29.78 9.30 0.64
N LEU B 378 29.86 8.07 1.15
CA LEU B 378 30.37 6.98 0.34
C LEU B 378 29.53 6.76 -0.91
N TRP B 379 28.22 7.02 -0.84
CA TRP B 379 27.36 6.88 -2.03
C TRP B 379 27.89 7.75 -3.17
N ALA B 380 28.34 8.96 -2.87
CA ALA B 380 28.92 9.81 -3.91
C ALA B 380 30.21 9.21 -4.45
N LEU B 381 31.06 8.68 -3.56
CA LEU B 381 32.33 8.09 -4.00
C LEU B 381 32.07 6.91 -4.92
N HIS B 382 31.05 6.11 -4.62
CA HIS B 382 30.79 4.90 -5.39
C HIS B 382 29.99 5.20 -6.64
N HIS B 383 29.54 6.44 -6.83
CA HIS B 383 28.80 6.82 -8.02
C HIS B 383 29.40 7.99 -8.78
N ASN B 384 30.59 8.47 -8.40
CA ASN B 384 31.23 9.56 -9.13
C ASN B 384 31.41 9.16 -10.60
N GLU B 385 30.87 9.97 -11.50
CA GLU B 385 30.81 9.57 -12.90
C GLU B 385 32.16 9.65 -13.59
N LYS B 386 33.11 10.39 -13.02
CA LYS B 386 34.44 10.45 -13.62
C LYS B 386 35.35 9.33 -13.14
N GLU B 387 34.97 8.62 -12.08
CA GLU B 387 35.76 7.53 -11.53
C GLU B 387 35.20 6.17 -11.87
N TRP B 388 33.99 6.09 -12.41
CA TRP B 388 33.35 4.81 -12.68
C TRP B 388 32.64 4.86 -14.02
N HIS B 389 32.69 3.77 -14.77
CA HIS B 389 31.93 3.65 -16.02
C HIS B 389 30.51 3.18 -15.69
N GLN B 390 29.52 3.99 -16.05
CA GLN B 390 28.12 3.69 -15.84
C GLN B 390 27.87 3.25 -14.40
N PRO B 391 28.09 4.19 -13.44
CA PRO B 391 27.99 3.78 -12.04
C PRO B 391 26.60 3.40 -11.63
N ASP B 392 25.59 3.83 -12.34
CA ASP B 392 24.23 3.50 -12.02
C ASP B 392 23.85 2.10 -12.38
N GLN B 393 24.73 1.35 -13.03
CA GLN B 393 24.43 -0.01 -13.46
C GLN B 393 25.19 -1.11 -12.76
N PHE B 394 24.61 -2.30 -12.67
CA PHE B 394 25.22 -3.45 -12.01
C PHE B 394 26.08 -4.20 -13.00
N MET B 395 27.40 -4.06 -12.87
CA MET B 395 28.35 -4.70 -13.77
C MET B 395 29.51 -5.31 -13.00
N PRO B 396 29.39 -6.56 -12.56
CA PRO B 396 30.54 -7.22 -11.92
C PRO B 396 31.78 -7.19 -12.79
N GLU B 397 31.60 -7.13 -14.12
CA GLU B 397 32.72 -7.10 -15.05
C GLU B 397 33.69 -5.96 -14.75
N ARG B 398 33.19 -4.83 -14.25
CA ARG B 398 34.05 -3.67 -14.04
C ARG B 398 35.20 -3.99 -13.09
N PHE B 399 35.07 -5.03 -12.27
CA PHE B 399 36.08 -5.44 -11.30
C PHE B 399 36.94 -6.58 -11.80
N LEU B 400 36.83 -6.92 -13.05
CA LEU B 400 37.64 -7.94 -13.60
C LEU B 400 38.38 -7.33 -14.76
N ASN B 401 39.38 -8.01 -15.23
CA ASN B 401 40.07 -7.56 -16.39
C ASN B 401 39.30 -7.95 -17.63
N PRO B 402 39.64 -7.42 -18.80
CA PRO B 402 38.88 -7.78 -19.98
C PRO B 402 38.85 -9.25 -20.31
N ALA B 403 39.92 -9.98 -20.08
CA ALA B 403 39.94 -11.41 -20.29
C ALA B 403 39.01 -12.16 -19.40
N GLY B 404 38.82 -11.69 -18.20
CA GLY B 404 38.04 -12.41 -17.25
C GLY B 404 38.89 -13.27 -16.37
N THR B 405 40.20 -13.09 -16.42
CA THR B 405 41.06 -13.91 -15.64
C THR B 405 41.68 -13.34 -14.39
N GLN B 406 41.38 -12.10 -14.06
CA GLN B 406 42.02 -11.52 -12.90
C GLN B 406 41.20 -10.40 -12.29
N LEU B 407 41.21 -10.25 -10.98
CA LEU B 407 40.47 -9.17 -10.34
C LEU B 407 41.33 -7.90 -10.37
N ILE B 408 40.68 -6.77 -10.60
CA ILE B 408 41.34 -5.47 -10.66
C ILE B 408 40.57 -4.50 -9.77
N SER B 409 41.23 -3.39 -9.43
CA SER B 409 40.62 -2.29 -8.69
C SER B 409 40.42 -1.12 -9.64
N PRO B 410 39.28 -1.04 -10.32
CA PRO B 410 39.14 -0.05 -11.41
C PRO B 410 39.09 1.40 -10.95
N SER B 411 38.91 1.67 -9.66
CA SER B 411 38.74 3.04 -9.18
C SER B 411 39.27 3.18 -7.76
N VAL B 412 39.88 4.33 -7.48
CA VAL B 412 40.35 4.62 -6.13
C VAL B 412 39.25 5.16 -5.25
N SER B 413 38.08 5.42 -5.79
CA SER B 413 36.96 5.96 -5.00
C SER B 413 36.06 4.81 -4.57
N TYR B 414 36.65 3.90 -3.81
CA TYR B 414 36.02 2.64 -3.44
C TYR B 414 36.49 2.33 -2.03
N LEU B 415 35.59 2.47 -1.06
CA LEU B 415 35.89 2.20 0.34
C LEU B 415 34.68 1.56 1.00
N PRO B 416 34.31 0.35 0.56
CA PRO B 416 33.14 -0.31 1.18
C PRO B 416 33.27 -0.50 2.68
N PHE B 417 34.47 -0.73 3.20
CA PHE B 417 34.67 -0.99 4.62
C PHE B 417 35.31 0.19 5.35
N GLY B 418 35.30 1.36 4.74
CA GLY B 418 35.93 2.50 5.36
C GLY B 418 37.44 2.43 5.32
N ALA B 419 38.07 3.25 6.16
CA ALA B 419 39.52 3.32 6.20
C ALA B 419 39.95 4.15 7.42
N GLY B 420 41.16 3.90 7.88
CA GLY B 420 41.70 4.67 8.96
C GLY B 420 41.22 4.16 10.31
N PRO B 421 41.39 4.99 11.34
CA PRO B 421 41.11 4.53 12.72
C PRO B 421 39.73 3.91 12.91
N ARG B 422 38.73 4.31 12.13
CA ARG B 422 37.36 3.87 12.32
C ARG B 422 36.90 2.85 11.27
N SER B 423 37.84 2.28 10.51
CA SER B 423 37.50 1.28 9.51
C SER B 423 36.78 0.09 10.15
N CYS B 424 36.17 -0.72 9.30
CA CYS B 424 35.46 -1.90 9.77
C CYS B 424 36.41 -2.96 10.30
N ILE B 425 36.10 -3.48 11.50
CA ILE B 425 36.91 -4.54 12.11
C ILE B 425 36.38 -5.95 11.82
N GLY B 426 35.19 -6.07 11.24
CA GLY B 426 34.65 -7.39 10.96
C GLY B 426 34.75 -7.67 9.48
N GLU B 427 35.65 -6.93 8.83
CA GLU B 427 35.79 -7.04 7.39
C GLU B 427 36.18 -8.45 7.00
N ILE B 428 37.10 -9.08 7.71
CA ILE B 428 37.47 -10.40 7.21
C ILE B 428 36.35 -11.42 7.48
N LEU B 429 35.65 -11.32 8.60
CA LEU B 429 34.50 -12.19 8.76
C LEU B 429 33.51 -11.98 7.62
N ALA B 430 33.26 -10.74 7.26
CA ALA B 430 32.21 -10.47 6.28
C ALA B 430 32.54 -11.08 4.93
N ARG B 431 33.78 -10.92 4.48
CA ARG B 431 34.10 -11.36 3.14
C ARG B 431 34.05 -12.88 3.04
N GLN B 432 34.40 -13.57 4.11
CA GLN B 432 34.28 -15.03 4.10
C GLN B 432 32.82 -15.45 4.14
N GLU B 433 32.03 -14.88 5.05
CA GLU B 433 30.61 -15.21 5.12
C GLU B 433 29.93 -14.95 3.78
N LEU B 434 30.19 -13.79 3.18
CA LEU B 434 29.53 -13.44 1.92
C LEU B 434 29.95 -14.38 0.80
N PHE B 435 31.25 -14.66 0.70
CA PHE B 435 31.72 -15.53 -0.37
C PHE B 435 31.23 -16.97 -0.20
N LEU B 436 31.30 -17.48 1.03
CA LEU B 436 30.96 -18.88 1.25
C LEU B 436 29.46 -19.11 1.10
N ILE B 437 28.65 -18.19 1.62
CA ILE B 437 27.20 -18.33 1.50
C ILE B 437 26.79 -18.41 0.04
N MET B 438 27.30 -17.47 -0.77
CA MET B 438 26.85 -17.39 -2.15
C MET B 438 27.40 -18.52 -3.00
N ALA B 439 28.62 -18.98 -2.72
CA ALA B 439 29.16 -20.12 -3.47
C ALA B 439 28.38 -21.38 -3.16
N TRP B 440 28.15 -21.65 -1.88
CA TRP B 440 27.41 -22.84 -1.47
C TRP B 440 25.99 -22.83 -2.02
N LEU B 441 25.37 -21.65 -2.08
CA LEU B 441 23.99 -21.58 -2.58
C LEU B 441 23.95 -21.76 -4.10
N LEU B 442 24.90 -21.15 -4.82
CA LEU B 442 24.88 -21.26 -6.28
C LEU B 442 25.21 -22.67 -6.75
N GLN B 443 26.05 -23.40 -6.03
CA GLN B 443 26.35 -24.77 -6.39
C GLN B 443 25.10 -25.64 -6.33
N ARG B 444 24.34 -25.45 -5.30
CA ARG B 444 23.21 -26.24 -5.03
C ARG B 444 21.83 -25.80 -5.37
N PHE B 445 21.59 -24.52 -5.57
CA PHE B 445 20.22 -24.11 -5.84
C PHE B 445 19.98 -23.26 -7.06
N ASP B 446 18.92 -23.49 -7.79
CA ASP B 446 18.57 -22.62 -8.88
C ASP B 446 17.78 -21.56 -8.18
N LEU B 447 18.10 -20.29 -8.34
CA LEU B 447 17.39 -19.27 -7.64
C LEU B 447 16.63 -18.47 -8.63
N GLU B 448 15.32 -18.47 -8.56
CA GLU B 448 14.50 -17.87 -9.59
C GLU B 448 13.45 -16.93 -9.09
N VAL B 449 12.86 -16.20 -10.01
CA VAL B 449 11.80 -15.29 -9.75
C VAL B 449 10.57 -16.10 -9.29
N PRO B 450 9.76 -15.59 -8.36
CA PRO B 450 8.62 -16.39 -7.95
C PRO B 450 7.51 -16.51 -8.98
N ASP B 451 6.55 -17.40 -8.74
CA ASP B 451 5.48 -17.62 -9.71
C ASP B 451 4.66 -16.40 -10.00
N ASP B 452 4.45 -15.55 -9.01
CA ASP B 452 3.77 -14.29 -9.16
C ASP B 452 4.49 -13.34 -10.12
N GLY B 453 5.81 -13.42 -10.21
CA GLY B 453 6.56 -12.63 -11.14
C GLY B 453 7.12 -11.38 -10.62
N GLN B 454 7.00 -11.15 -9.34
CA GLN B 454 7.52 -9.97 -8.74
C GLN B 454 9.02 -9.97 -8.59
N LEU B 455 9.64 -8.84 -8.78
CA LEU B 455 11.06 -8.73 -8.65
C LEU B 455 11.35 -7.86 -7.46
N PRO B 456 12.46 -8.06 -6.80
CA PRO B 456 12.74 -7.20 -5.67
C PRO B 456 12.96 -5.75 -6.04
N SER B 457 12.58 -4.83 -5.20
CA SER B 457 12.78 -3.47 -5.50
C SER B 457 14.18 -3.24 -5.09
N LEU B 458 14.98 -2.64 -5.94
CA LEU B 458 16.35 -2.38 -5.64
C LEU B 458 16.56 -0.99 -5.14
N GLU B 459 15.52 -0.24 -4.89
CA GLU B 459 15.68 1.08 -4.41
C GLU B 459 16.31 1.16 -3.06
N GLY B 460 15.94 0.31 -2.14
CA GLY B 460 16.53 0.35 -0.85
C GLY B 460 15.74 1.08 0.18
N ILE B 461 16.02 0.80 1.43
CA ILE B 461 15.41 1.49 2.51
C ILE B 461 16.54 1.92 3.38
N PRO B 462 16.85 3.21 3.44
CA PRO B 462 17.99 3.55 4.31
C PRO B 462 17.70 3.65 5.80
N LYS B 463 18.25 2.76 6.60
CA LYS B 463 18.14 2.81 8.05
C LYS B 463 19.61 2.95 8.53
N VAL B 464 20.03 2.40 9.67
CA VAL B 464 21.45 2.41 10.01
C VAL B 464 22.23 1.58 8.98
N VAL B 465 21.64 0.48 8.54
CA VAL B 465 22.15 -0.33 7.45
C VAL B 465 21.24 -0.01 6.23
N PHE B 466 21.75 -0.09 5.01
CA PHE B 466 20.96 0.14 3.84
C PHE B 466 20.28 -1.15 3.51
N LEU B 467 19.02 -1.28 3.85
CA LEU B 467 18.27 -2.50 3.67
C LEU B 467 17.51 -2.64 2.40
N ILE B 468 17.12 -3.88 2.07
CA ILE B 468 16.37 -4.15 0.86
C ILE B 468 14.96 -4.60 1.27
N ASP B 469 13.96 -4.28 0.47
CA ASP B 469 12.61 -4.68 0.75
C ASP B 469 12.48 -6.20 0.79
N SER B 470 11.65 -6.73 1.66
CA SER B 470 11.47 -8.17 1.74
C SER B 470 10.96 -8.70 0.41
N PHE B 471 11.51 -9.82 -0.07
CA PHE B 471 11.07 -10.38 -1.31
C PHE B 471 11.20 -11.87 -1.28
N LYS B 472 10.52 -12.54 -2.19
CA LYS B 472 10.57 -13.98 -2.24
C LYS B 472 11.38 -14.50 -3.39
N VAL B 473 11.95 -15.67 -3.25
CA VAL B 473 12.73 -16.25 -4.29
C VAL B 473 12.29 -17.68 -4.47
N LYS B 474 12.15 -18.16 -5.70
CA LYS B 474 11.80 -19.55 -5.94
C LYS B 474 13.07 -20.33 -5.79
N ILE B 475 13.10 -21.34 -4.97
CA ILE B 475 14.31 -22.05 -4.76
C ILE B 475 14.19 -23.51 -5.17
N LYS B 476 15.04 -23.99 -6.07
CA LYS B 476 14.99 -25.38 -6.49
C LYS B 476 16.36 -26.04 -6.43
N VAL B 477 16.42 -27.30 -6.06
CA VAL B 477 17.68 -27.99 -6.04
C VAL B 477 18.12 -28.16 -7.46
N ARG B 478 19.37 -27.91 -7.78
CA ARG B 478 19.83 -28.00 -9.13
C ARG B 478 19.83 -29.41 -9.60
N GLN B 479 19.53 -29.66 -10.86
CA GLN B 479 19.52 -31.02 -11.31
C GLN B 479 20.94 -31.54 -11.38
N ALA B 480 21.89 -30.71 -11.75
CA ALA B 480 23.26 -31.15 -11.76
C ALA B 480 23.71 -31.59 -10.36
N TRP B 481 23.30 -30.91 -9.32
CA TRP B 481 23.63 -31.32 -7.97
C TRP B 481 22.99 -32.62 -7.65
N ARG B 482 21.76 -32.83 -8.07
CA ARG B 482 21.07 -34.05 -7.77
C ARG B 482 21.69 -35.22 -8.39
N GLU B 483 22.03 -35.08 -9.64
CA GLU B 483 22.61 -36.17 -10.36
C GLU B 483 23.88 -36.67 -9.73
N ALA B 484 24.64 -35.76 -9.15
CA ALA B 484 25.84 -36.10 -8.49
C ALA B 484 25.70 -36.88 -7.20
N GLN B 485 24.53 -36.98 -6.61
CA GLN B 485 24.38 -37.76 -5.43
C GLN B 485 23.89 -39.15 -5.78
N SER C 12 44.73 27.37 9.28
CA SER C 12 43.61 27.20 8.34
C SER C 12 42.68 28.39 8.35
N LEU C 13 42.69 29.12 7.23
CA LEU C 13 41.97 30.39 7.13
C LEU C 13 40.91 30.38 6.06
N LEU C 14 40.69 29.25 5.37
CA LEU C 14 39.66 29.17 4.35
C LEU C 14 38.37 28.66 4.98
N SER C 15 37.23 29.12 4.45
CA SER C 15 35.94 28.74 5.04
C SER C 15 35.06 27.96 4.06
N LEU C 16 34.39 26.95 4.61
CA LEU C 16 33.55 26.07 3.80
C LEU C 16 32.32 26.82 3.32
N PRO C 17 31.80 26.49 2.14
CA PRO C 17 30.47 26.99 1.77
C PRO C 17 29.42 26.48 2.75
N LEU C 18 28.63 27.40 3.29
CA LEU C 18 27.54 27.09 4.20
C LEU C 18 26.27 27.18 3.37
N VAL C 19 25.67 26.01 3.09
CA VAL C 19 24.53 25.91 2.18
C VAL C 19 23.21 25.65 2.87
N GLY C 20 23.19 25.57 4.19
CA GLY C 20 21.95 25.36 4.93
C GLY C 20 22.08 25.85 6.35
N SER C 21 21.02 26.49 6.87
CA SER C 21 21.09 27.05 8.22
C SER C 21 19.69 27.19 8.83
N LEU C 22 19.56 26.71 10.05
CA LEU C 22 18.42 27.00 10.93
C LEU C 22 19.08 27.52 12.21
N PRO C 23 19.38 28.80 12.29
CA PRO C 23 20.07 29.23 13.49
C PRO C 23 19.35 29.02 14.78
N PHE C 24 18.04 28.98 14.79
CA PHE C 24 17.38 28.79 16.04
C PHE C 24 16.54 27.56 15.95
N LEU C 25 16.39 26.81 17.04
CA LEU C 25 15.62 25.61 17.00
C LEU C 25 14.65 25.73 18.13
N PRO C 26 13.43 25.23 17.92
CA PRO C 26 12.45 25.42 18.98
C PRO C 26 12.68 24.62 20.25
N ARG C 27 12.83 25.28 21.40
CA ARG C 27 12.89 24.56 22.67
C ARG C 27 11.46 24.03 22.75
N HIS C 28 11.29 22.77 23.19
CA HIS C 28 9.98 22.12 23.12
C HIS C 28 8.83 22.93 23.75
N GLY C 29 7.75 23.08 22.96
CA GLY C 29 6.57 23.84 23.30
C GLY C 29 5.69 23.87 22.05
N HIS C 30 4.71 24.75 22.00
CA HIS C 30 3.88 24.78 20.81
C HIS C 30 4.54 25.63 19.72
N MET C 31 4.35 25.28 18.47
CA MET C 31 4.94 25.93 17.42
C MET C 31 4.33 27.26 17.22
N HIS C 32 3.09 27.43 17.60
CA HIS C 32 2.50 28.72 17.45
C HIS C 32 3.15 29.65 18.37
N ASN C 33 3.64 29.18 19.49
CA ASN C 33 4.38 29.99 20.44
C ASN C 33 5.80 30.20 20.07
N ASN C 34 6.46 29.21 19.51
CA ASN C 34 7.83 29.37 19.06
C ASN C 34 7.91 30.39 17.92
N PHE C 35 6.95 30.33 17.00
CA PHE C 35 6.91 31.36 15.96
C PHE C 35 6.68 32.73 16.57
N PHE C 36 5.91 32.79 17.62
CA PHE C 36 5.63 34.04 18.28
C PHE C 36 6.83 34.48 19.04
N LYS C 37 7.47 33.54 19.69
CA LYS C 37 8.67 33.85 20.47
C LYS C 37 9.75 34.46 19.58
N LEU C 38 9.80 34.03 18.35
CA LEU C 38 10.75 34.44 17.35
C LEU C 38 10.50 35.77 16.72
N GLN C 39 9.36 36.35 16.93
CA GLN C 39 9.06 37.67 16.42
C GLN C 39 9.89 38.75 17.10
N LYS C 40 10.37 38.48 18.31
CA LYS C 40 11.16 39.52 19.00
C LYS C 40 12.53 39.80 18.37
N LYS C 41 13.02 38.85 17.61
CA LYS C 41 14.20 39.09 16.88
C LYS C 41 13.97 39.32 15.39
N TYR C 42 12.90 38.82 14.81
CA TYR C 42 12.67 38.98 13.36
C TYR C 42 11.45 39.81 12.98
N GLY C 43 10.66 40.29 13.93
CA GLY C 43 9.53 41.11 13.59
C GLY C 43 8.34 40.24 13.33
N PRO C 44 7.26 40.88 12.87
CA PRO C 44 5.98 40.20 12.71
C PRO C 44 5.80 39.46 11.40
N ILE C 45 6.80 39.45 10.51
CA ILE C 45 6.68 38.71 9.26
C ILE C 45 8.07 38.23 8.85
N TYR C 46 8.22 36.92 8.70
CA TYR C 46 9.49 36.32 8.32
C TYR C 46 9.20 35.00 7.62
N SER C 47 10.24 34.51 6.94
CA SER C 47 10.15 33.32 6.18
C SER C 47 11.20 32.22 6.39
N VAL C 48 10.85 31.01 5.93
CA VAL C 48 11.71 29.84 6.00
C VAL C 48 11.69 29.23 4.60
N ARG C 49 12.81 28.69 4.15
CA ARG C 49 12.88 28.10 2.82
C ARG C 49 13.38 26.66 2.87
N MET C 50 12.71 25.72 2.20
CA MET C 50 13.12 24.33 2.17
C MET C 50 13.02 23.92 0.71
N GLY C 51 14.12 23.54 0.07
CA GLY C 51 14.14 23.27 -1.35
C GLY C 51 13.58 24.48 -2.07
N THR C 52 12.59 24.24 -2.92
CA THR C 52 11.92 25.31 -3.66
C THR C 52 10.73 25.88 -2.90
N LYS C 53 10.31 25.26 -1.80
CA LYS C 53 9.14 25.72 -1.06
C LYS C 53 9.52 26.83 -0.09
N THR C 54 8.67 27.84 0.00
CA THR C 54 8.83 28.96 0.92
C THR C 54 7.59 29.11 1.79
N THR C 55 7.79 29.39 3.08
CA THR C 55 6.71 29.56 4.04
C THR C 55 6.88 30.89 4.74
N VAL C 56 5.82 31.68 4.86
CA VAL C 56 5.85 32.95 5.56
C VAL C 56 4.99 32.83 6.77
N ILE C 57 5.38 33.36 7.89
CA ILE C 57 4.58 33.32 9.05
C ILE C 57 4.28 34.75 9.34
N VAL C 58 3.02 35.14 9.44
CA VAL C 58 2.68 36.51 9.69
C VAL C 58 2.09 36.54 11.04
N GLY C 59 2.51 37.40 12.04
CA GLY C 59 2.12 37.50 13.46
C GLY C 59 1.72 38.87 13.99
N HIS C 60 1.32 39.76 13.08
CA HIS C 60 0.78 41.06 13.47
C HIS C 60 -0.53 41.31 12.73
N HIS C 61 -1.47 41.96 13.41
CA HIS C 61 -2.85 42.01 12.91
C HIS C 61 -2.99 42.78 11.61
N GLN C 62 -2.20 43.80 11.37
CA GLN C 62 -2.35 44.56 10.16
C GLN C 62 -1.98 43.75 8.96
N LEU C 63 -0.85 43.13 9.00
CA LEU C 63 -0.40 42.28 7.88
C LEU C 63 -1.30 41.05 7.75
N ALA C 64 -1.83 40.53 8.85
CA ALA C 64 -2.72 39.40 8.74
C ALA C 64 -4.00 39.80 8.02
N LYS C 65 -4.51 40.98 8.28
CA LYS C 65 -5.72 41.43 7.63
C LYS C 65 -5.48 41.73 6.19
N GLU C 66 -4.27 42.05 5.83
CA GLU C 66 -3.97 42.21 4.41
C GLU C 66 -4.06 40.87 3.70
N VAL C 67 -3.59 39.80 4.34
CA VAL C 67 -3.62 38.47 3.72
C VAL C 67 -5.06 37.98 3.64
N LEU C 68 -5.82 38.14 4.73
CA LEU C 68 -7.13 37.52 4.80
C LEU C 68 -8.20 38.37 4.12
N ILE C 69 -8.08 39.70 4.18
CA ILE C 69 -9.16 40.57 3.74
C ILE C 69 -8.76 41.41 2.53
N LYS C 70 -7.77 42.28 2.70
CA LYS C 70 -7.50 43.29 1.68
C LYS C 70 -6.98 42.68 0.39
N LYS C 71 -6.30 41.54 0.48
CA LYS C 71 -5.94 40.73 -0.67
C LYS C 71 -6.34 39.30 -0.43
N GLY C 72 -7.55 39.12 0.11
CA GLY C 72 -8.05 37.78 0.40
C GLY C 72 -7.92 36.83 -0.77
N LYS C 73 -8.26 37.29 -1.97
CA LYS C 73 -8.27 36.39 -3.11
C LYS C 73 -6.86 36.08 -3.61
N ASP C 74 -5.89 36.95 -3.31
CA ASP C 74 -4.50 36.62 -3.64
C ASP C 74 -3.98 35.48 -2.79
N PHE C 75 -4.46 35.37 -1.56
CA PHE C 75 -3.95 34.39 -0.60
C PHE C 75 -5.01 33.40 -0.17
N SER C 76 -6.03 33.19 -0.99
CA SER C 76 -7.15 32.32 -0.66
C SER C 76 -6.86 30.87 -1.02
N GLY C 77 -5.63 30.56 -1.40
CA GLY C 77 -5.24 29.21 -1.73
C GLY C 77 -4.91 28.38 -0.51
N ARG C 78 -4.83 27.07 -0.73
CA ARG C 78 -4.41 26.12 0.27
C ARG C 78 -3.20 25.35 -0.25
N PRO C 79 -2.15 25.18 0.55
CA PRO C 79 -1.00 24.39 0.08
C PRO C 79 -1.34 22.91 0.05
N GLN C 80 -0.74 22.20 -0.88
CA GLN C 80 -0.92 20.76 -0.98
C GLN C 80 -0.01 20.10 0.07
N MET C 81 -0.59 19.23 0.88
CA MET C 81 0.12 18.49 1.89
C MET C 81 -0.28 17.02 1.79
N ALA C 82 0.70 16.12 1.96
CA ALA C 82 0.40 14.69 1.86
C ALA C 82 -0.68 14.28 2.86
N THR C 83 -0.61 14.83 4.07
CA THR C 83 -1.52 14.39 5.12
C THR C 83 -2.94 14.83 4.81
N LEU C 84 -3.11 16.05 4.29
CA LEU C 84 -4.45 16.52 3.98
C LEU C 84 -4.98 15.90 2.70
N ASP C 85 -4.11 15.40 1.83
CA ASP C 85 -4.59 14.65 0.67
C ASP C 85 -5.41 13.44 1.12
N ILE C 86 -4.97 12.77 2.18
CA ILE C 86 -5.66 11.56 2.63
C ILE C 86 -7.00 11.92 3.26
N ALA C 87 -7.00 12.92 4.15
CA ALA C 87 -8.22 13.30 4.84
C ALA C 87 -9.25 13.94 3.90
N SER C 88 -8.83 14.59 2.82
CA SER C 88 -9.73 15.32 1.95
C SER C 88 -10.05 14.57 0.66
N ASN C 89 -9.64 13.33 0.53
CA ASN C 89 -9.82 12.55 -0.68
C ASN C 89 -9.27 13.30 -1.85
N ASN C 90 -8.02 13.72 -1.73
CA ASN C 90 -7.28 14.49 -2.71
C ASN C 90 -7.79 15.85 -3.07
N ARG C 91 -7.75 16.73 -2.10
CA ARG C 91 -8.12 18.11 -2.19
C ARG C 91 -9.53 18.41 -2.64
N LYS C 92 -10.46 17.64 -2.10
CA LYS C 92 -11.89 17.81 -2.32
C LYS C 92 -12.50 18.48 -1.08
N GLY C 93 -13.82 18.57 -0.93
CA GLY C 93 -14.36 19.22 0.24
C GLY C 93 -14.20 20.73 0.17
N ILE C 94 -14.07 21.34 1.34
CA ILE C 94 -13.98 22.79 1.46
C ILE C 94 -12.66 23.21 2.11
N ALA C 95 -12.35 22.68 3.30
CA ALA C 95 -11.30 23.26 4.13
C ALA C 95 -9.92 23.11 3.50
N PHE C 96 -9.64 21.96 2.90
CA PHE C 96 -8.33 21.65 2.34
C PHE C 96 -8.33 21.69 0.82
N ALA C 97 -9.45 22.09 0.21
CA ALA C 97 -9.52 22.23 -1.22
C ALA C 97 -8.89 23.56 -1.60
N ASP C 98 -8.15 23.56 -2.71
CA ASP C 98 -7.52 24.78 -3.18
C ASP C 98 -8.58 25.77 -3.65
N SER C 99 -8.19 27.04 -3.78
CA SER C 99 -9.08 28.00 -4.41
C SER C 99 -9.42 27.46 -5.80
N GLY C 100 -10.62 27.76 -6.30
CA GLY C 100 -11.00 27.14 -7.55
C GLY C 100 -12.48 26.80 -7.63
N ALA C 101 -12.84 26.13 -8.73
CA ALA C 101 -14.23 25.90 -9.04
C ALA C 101 -14.92 25.07 -7.97
N HIS C 102 -14.28 23.99 -7.62
CA HIS C 102 -14.73 23.11 -6.64
C HIS C 102 -14.89 23.77 -5.32
N TRP C 103 -13.92 24.54 -4.88
CA TRP C 103 -14.05 25.13 -3.60
C TRP C 103 -15.12 26.19 -3.61
N GLN C 104 -15.19 26.96 -4.67
CA GLN C 104 -16.17 28.02 -4.75
C GLN C 104 -17.59 27.49 -4.74
N LEU C 105 -17.84 26.45 -5.52
CA LEU C 105 -19.16 25.86 -5.61
C LEU C 105 -19.62 25.19 -4.34
N HIS C 106 -18.72 24.47 -3.70
CA HIS C 106 -19.03 23.71 -2.52
C HIS C 106 -19.17 24.56 -1.25
N ARG C 107 -18.32 25.55 -1.11
CA ARG C 107 -18.44 26.54 -0.05
C ARG C 107 -19.75 27.30 -0.14
N ARG C 108 -20.13 27.66 -1.36
CA ARG C 108 -21.38 28.38 -1.58
C ARG C 108 -22.58 27.57 -1.14
N LEU C 109 -22.69 26.32 -1.60
CA LEU C 109 -23.84 25.51 -1.27
C LEU C 109 -23.86 25.16 0.19
N ALA C 110 -22.69 24.98 0.80
CA ALA C 110 -22.66 24.71 2.24
C ALA C 110 -23.22 25.89 3.02
N MET C 111 -22.89 27.12 2.60
CA MET C 111 -23.41 28.29 3.28
C MET C 111 -24.91 28.46 3.03
N ALA C 112 -25.36 28.08 1.85
CA ALA C 112 -26.75 28.18 1.53
C ALA C 112 -27.59 27.20 2.32
N THR C 113 -27.01 26.11 2.75
CA THR C 113 -27.69 25.17 3.59
C THR C 113 -27.94 25.79 4.94
N PHE C 114 -26.98 26.56 5.43
CA PHE C 114 -27.08 27.23 6.71
C PHE C 114 -28.18 28.26 6.74
N ALA C 115 -28.41 28.91 5.61
CA ALA C 115 -29.44 29.91 5.38
C ALA C 115 -30.84 29.38 5.53
N LEU C 116 -31.04 28.12 5.26
CA LEU C 116 -32.31 27.47 5.42
C LEU C 116 -32.79 27.47 6.85
N PHE C 117 -31.88 27.40 7.80
CA PHE C 117 -32.19 27.35 9.21
C PHE C 117 -32.35 28.70 9.91
N LYS C 118 -32.54 29.80 9.18
CA LYS C 118 -32.78 31.08 9.81
C LYS C 118 -34.02 31.00 10.65
N ASP C 119 -35.08 30.43 10.10
CA ASP C 119 -36.31 30.21 10.80
C ASP C 119 -37.12 29.14 10.13
N GLY C 120 -38.06 28.59 10.87
CA GLY C 120 -38.93 27.55 10.40
C GLY C 120 -39.07 26.52 11.48
N ASP C 121 -39.68 25.41 11.15
CA ASP C 121 -39.85 24.35 12.12
C ASP C 121 -38.52 23.82 12.52
N GLN C 122 -37.66 23.60 11.53
CA GLN C 122 -36.32 23.18 11.83
C GLN C 122 -35.54 24.47 11.86
N LYS C 123 -35.62 25.16 12.97
CA LYS C 123 -34.96 26.39 13.25
C LYS C 123 -33.70 25.94 13.97
N LEU C 124 -32.62 26.66 13.74
CA LEU C 124 -31.33 26.22 14.22
C LEU C 124 -31.29 26.04 15.68
N GLU C 125 -31.87 26.98 16.37
CA GLU C 125 -31.95 26.97 17.82
C GLU C 125 -32.75 25.79 18.35
N LYS C 126 -33.84 25.44 17.67
CA LYS C 126 -34.70 24.39 18.20
C LYS C 126 -34.02 23.03 18.07
N ILE C 127 -33.29 22.82 16.98
CA ILE C 127 -32.53 21.58 16.83
C ILE C 127 -31.43 21.51 17.88
N ILE C 128 -30.77 22.64 18.15
CA ILE C 128 -29.69 22.69 19.14
C ILE C 128 -30.25 22.48 20.54
N CYS C 129 -31.27 23.27 20.90
CA CYS C 129 -31.86 23.19 22.23
C CYS C 129 -32.32 21.77 22.57
N GLN C 130 -32.82 21.05 21.60
CA GLN C 130 -33.31 19.69 21.79
C GLN C 130 -32.21 18.71 22.10
N GLU C 131 -31.05 18.87 21.50
CA GLU C 131 -29.92 17.97 21.76
C GLU C 131 -29.23 18.31 23.08
N ILE C 132 -29.33 19.56 23.51
CA ILE C 132 -28.81 19.95 24.82
C ILE C 132 -29.70 19.42 25.93
N SER C 133 -31.01 19.27 25.67
CA SER C 133 -31.89 18.75 26.71
C SER C 133 -31.50 17.32 27.09
N THR C 134 -31.29 16.46 26.08
CA THR C 134 -30.75 15.13 26.32
C THR C 134 -29.37 15.20 26.97
N LEU C 135 -28.58 16.20 26.57
CA LEU C 135 -27.26 16.41 27.17
C LEU C 135 -27.36 16.59 28.68
N CYS C 136 -28.25 17.47 29.13
CA CYS C 136 -28.31 17.74 30.56
C CYS C 136 -29.04 16.62 31.30
N ASP C 137 -29.98 15.93 30.65
CA ASP C 137 -30.56 14.74 31.23
C ASP C 137 -29.49 13.68 31.46
N MET C 138 -28.63 13.47 30.45
CA MET C 138 -27.59 12.44 30.54
C MET C 138 -26.52 12.81 31.55
N LEU C 139 -26.17 14.10 31.64
CA LEU C 139 -25.23 14.51 32.66
C LEU C 139 -25.83 14.40 34.06
N ALA C 140 -27.15 14.56 34.19
CA ALA C 140 -27.78 14.46 35.50
C ALA C 140 -27.73 13.04 36.06
N THR C 141 -27.70 12.04 35.20
CA THR C 141 -27.69 10.67 35.68
C THR C 141 -26.51 10.40 36.61
N HIS C 142 -25.45 11.13 36.36
CA HIS C 142 -24.21 10.98 37.09
C HIS C 142 -24.01 11.98 38.20
N ASN C 143 -25.10 12.50 38.73
CA ASN C 143 -25.06 13.49 39.80
C ASN C 143 -24.15 13.04 40.94
N GLY C 144 -23.23 13.92 41.32
CA GLY C 144 -22.35 13.68 42.43
C GLY C 144 -21.06 12.96 42.10
N GLN C 145 -20.83 12.63 40.84
CA GLN C 145 -19.62 11.91 40.44
C GLN C 145 -18.68 12.86 39.67
N SER C 146 -17.41 12.48 39.64
CA SER C 146 -16.40 13.19 38.84
C SER C 146 -16.23 12.45 37.53
N ILE C 147 -16.42 13.14 36.41
CA ILE C 147 -16.43 12.48 35.10
C ILE C 147 -15.76 13.36 34.05
N ASP C 148 -15.43 12.74 32.95
CA ASP C 148 -14.95 13.46 31.86
C ASP C 148 -16.25 13.62 31.09
N ILE C 149 -16.62 14.83 30.63
CA ILE C 149 -17.87 15.12 29.93
C ILE C 149 -17.68 15.06 28.42
N SER C 150 -16.51 14.60 27.97
CA SER C 150 -16.23 14.60 26.54
C SER C 150 -17.34 13.92 25.74
N PHE C 151 -17.66 12.67 26.08
CA PHE C 151 -18.57 11.90 25.22
C PHE C 151 -19.99 12.45 25.21
N PRO C 152 -20.64 12.72 26.35
CA PRO C 152 -22.01 13.25 26.27
C PRO C 152 -22.08 14.53 25.46
N VAL C 153 -21.09 15.41 25.58
CA VAL C 153 -21.01 16.62 24.77
C VAL C 153 -20.83 16.27 23.30
N PHE C 154 -19.96 15.31 23.01
CA PHE C 154 -19.75 14.84 21.64
C PHE C 154 -21.07 14.42 21.00
N VAL C 155 -21.90 13.65 21.74
CA VAL C 155 -23.18 13.17 21.22
C VAL C 155 -24.10 14.33 20.85
N ALA C 156 -24.15 15.36 21.70
CA ALA C 156 -25.05 16.48 21.44
C ALA C 156 -24.73 17.17 20.11
N VAL C 157 -23.48 17.60 19.93
CA VAL C 157 -23.09 18.31 18.71
C VAL C 157 -23.05 17.35 17.52
N THR C 158 -22.79 16.06 17.76
CA THR C 158 -22.81 15.09 16.66
C THR C 158 -24.21 14.97 16.09
N ASN C 159 -25.23 14.95 16.96
CA ASN C 159 -26.59 14.83 16.48
C ASN C 159 -27.04 16.12 15.81
N VAL C 160 -26.59 17.27 16.32
CA VAL C 160 -26.92 18.55 15.71
C VAL C 160 -26.47 18.57 14.25
N ILE C 161 -25.20 18.23 14.01
CA ILE C 161 -24.66 18.34 12.66
C ILE C 161 -25.21 17.24 11.77
N SER C 162 -25.56 16.09 12.34
CA SER C 162 -26.13 15.04 11.51
C SER C 162 -27.55 15.37 11.08
N LEU C 163 -28.29 16.13 11.88
CA LEU C 163 -29.58 16.61 11.40
C LEU C 163 -29.40 17.67 10.33
N ILE C 164 -28.43 18.58 10.50
CA ILE C 164 -28.18 19.58 9.49
C ILE C 164 -27.72 18.94 8.18
N CYS C 165 -27.01 17.83 8.26
CA CYS C 165 -26.49 17.19 7.06
C CYS C 165 -27.44 16.16 6.47
N PHE C 166 -28.17 15.43 7.31
CA PHE C 166 -28.98 14.31 6.84
C PHE C 166 -30.41 14.31 7.34
N ASN C 167 -30.76 15.16 8.28
CA ASN C 167 -32.03 15.03 8.98
C ASN C 167 -32.17 13.65 9.64
N THR C 168 -31.12 13.25 10.32
CA THR C 168 -31.13 12.09 11.20
C THR C 168 -30.36 12.43 12.47
N SER C 169 -30.71 11.76 13.57
CA SER C 169 -30.02 11.86 14.84
C SER C 169 -29.85 10.44 15.34
N TYR C 170 -28.86 10.27 16.21
CA TYR C 170 -28.55 8.98 16.82
C TYR C 170 -29.15 9.02 18.19
N LYS C 171 -29.78 7.95 18.64
CA LYS C 171 -30.31 7.86 19.99
C LYS C 171 -29.23 7.38 20.88
N ASN C 172 -29.26 7.74 22.15
CA ASN C 172 -28.21 7.25 23.03
C ASN C 172 -28.11 5.72 23.06
N GLY C 173 -26.86 5.25 23.12
CA GLY C 173 -26.51 3.85 23.04
C GLY C 173 -26.33 3.35 21.63
N ASP C 174 -26.69 4.14 20.61
CA ASP C 174 -26.46 3.73 19.23
C ASP C 174 -24.97 3.51 19.05
N PRO C 175 -24.52 2.33 18.61
CA PRO C 175 -23.06 2.11 18.48
C PRO C 175 -22.40 2.98 17.42
N GLU C 176 -23.15 3.47 16.41
CA GLU C 176 -22.52 4.32 15.40
C GLU C 176 -21.88 5.54 16.03
N LEU C 177 -22.43 6.03 17.15
CA LEU C 177 -21.83 7.16 17.84
C LEU C 177 -20.40 6.86 18.25
N ASN C 178 -20.15 5.62 18.71
CA ASN C 178 -18.79 5.27 19.14
C ASN C 178 -17.86 5.08 17.94
N VAL C 179 -18.40 4.61 16.82
CA VAL C 179 -17.60 4.52 15.59
C VAL C 179 -17.16 5.91 15.17
N ILE C 180 -18.08 6.87 15.19
CA ILE C 180 -17.74 8.23 14.78
C ILE C 180 -16.69 8.80 15.72
N GLN C 181 -16.90 8.69 17.03
CA GLN C 181 -15.94 9.26 17.98
C GLN C 181 -14.54 8.71 17.76
N ASN C 182 -14.44 7.39 17.57
CA ASN C 182 -13.13 6.76 17.44
C ASN C 182 -12.41 7.19 16.17
N TYR C 183 -13.13 7.27 15.05
CA TYR C 183 -12.48 7.69 13.81
C TYR C 183 -12.24 9.21 13.86
N ASN C 184 -13.06 9.95 14.58
CA ASN C 184 -12.90 11.39 14.70
C ASN C 184 -11.63 11.60 15.44
N GLU C 185 -11.47 10.85 16.50
CA GLU C 185 -10.37 11.02 17.32
C GLU C 185 -9.16 10.59 16.62
N GLY C 186 -9.18 9.44 15.88
CA GLY C 186 -8.04 8.84 15.20
C GLY C 186 -7.51 9.68 14.05
N ILE C 187 -8.40 10.29 13.27
CA ILE C 187 -7.97 11.12 12.15
C ILE C 187 -7.23 12.34 12.66
N ILE C 188 -7.74 12.97 13.67
CA ILE C 188 -7.10 14.13 14.21
C ILE C 188 -5.79 13.82 14.80
N ASP C 189 -5.70 12.73 15.50
CA ASP C 189 -4.47 12.42 16.22
C ASP C 189 -3.30 12.12 15.29
N ASN C 190 -3.56 11.52 14.12
CA ASN C 190 -2.52 11.14 13.19
C ASN C 190 -2.36 12.11 12.03
N LEU C 191 -3.26 13.09 11.87
CA LEU C 191 -3.08 14.06 10.80
C LEU C 191 -1.87 14.95 11.06
N SER C 192 -1.56 15.24 12.33
CA SER C 192 -0.49 16.17 12.65
C SER C 192 -0.08 16.03 14.11
N LYS C 193 1.15 16.34 14.46
CA LYS C 193 1.62 16.44 15.82
C LYS C 193 1.66 17.90 16.31
N ASP C 194 1.35 18.85 15.46
CA ASP C 194 1.22 20.23 15.87
C ASP C 194 0.20 20.92 14.94
N SER C 195 0.16 22.23 14.75
CA SER C 195 -0.74 22.81 13.80
C SER C 195 -0.19 22.58 12.45
N LEU C 196 -1.02 22.64 11.46
CA LEU C 196 -0.58 22.39 10.12
C LEU C 196 0.34 23.37 9.41
N VAL C 197 1.48 22.89 8.88
CA VAL C 197 2.40 23.65 8.09
C VAL C 197 2.99 22.65 7.12
N ASP C 198 3.04 22.94 5.84
CA ASP C 198 3.65 22.10 4.86
C ASP C 198 5.13 22.00 4.95
N LEU C 199 5.76 22.86 5.68
CA LEU C 199 7.19 22.71 5.96
C LEU C 199 7.48 21.32 6.50
N VAL C 200 6.61 20.82 7.39
CA VAL C 200 6.82 19.54 8.06
C VAL C 200 6.25 18.40 7.21
N PRO C 201 7.02 17.34 6.95
CA PRO C 201 6.53 16.10 6.29
C PRO C 201 5.88 15.19 7.34
N TRP C 202 4.62 15.52 7.71
CA TRP C 202 4.01 14.96 8.91
C TRP C 202 3.99 13.43 8.94
N LEU C 203 3.74 12.81 7.80
CA LEU C 203 3.64 11.35 7.80
C LEU C 203 5.00 10.67 7.84
N LYS C 204 6.08 11.37 7.50
CA LYS C 204 7.40 10.77 7.41
C LYS C 204 8.42 11.18 8.48
N ILE C 205 8.04 11.93 9.53
CA ILE C 205 9.12 12.40 10.41
C ILE C 205 9.49 11.36 11.47
N PHE C 206 8.55 10.52 11.92
CA PHE C 206 8.87 9.51 12.92
C PHE C 206 8.50 8.11 12.42
N PRO C 207 9.24 7.07 12.84
CA PRO C 207 8.82 5.70 12.53
C PRO C 207 7.70 5.21 13.46
N ASN C 208 6.46 5.65 13.20
CA ASN C 208 5.35 5.21 14.04
C ASN C 208 4.09 4.87 13.25
N LYS C 209 4.23 4.45 12.00
CA LYS C 209 3.10 4.06 11.17
C LYS C 209 1.93 4.99 11.19
N THR C 210 2.23 6.25 11.00
CA THR C 210 1.28 7.31 10.99
C THR C 210 0.48 7.39 9.75
N LEU C 211 1.03 6.99 8.63
CA LEU C 211 0.30 7.04 7.42
C LEU C 211 -0.65 5.90 7.40
N GLU C 212 -0.22 4.74 7.85
CA GLU C 212 -1.10 3.59 7.85
C GLU C 212 -2.28 3.82 8.78
N LYS C 213 -2.02 4.41 9.95
CA LYS C 213 -3.09 4.68 10.90
C LYS C 213 -4.05 5.73 10.36
N LEU C 214 -3.55 6.78 9.70
CA LEU C 214 -4.43 7.81 9.18
C LEU C 214 -5.39 7.23 8.15
N LYS C 215 -4.86 6.43 7.21
CA LYS C 215 -5.70 5.77 6.21
C LYS C 215 -6.74 4.86 6.87
N SER C 216 -6.33 4.09 7.89
CA SER C 216 -7.26 3.15 8.51
C SER C 216 -8.46 3.90 9.06
N HIS C 217 -8.23 5.03 9.73
CA HIS C 217 -9.33 5.80 10.28
C HIS C 217 -10.11 6.54 9.19
N VAL C 218 -9.41 7.07 8.17
CA VAL C 218 -10.14 7.76 7.10
C VAL C 218 -10.99 6.78 6.29
N LYS C 219 -10.53 5.54 6.14
CA LYS C 219 -11.32 4.56 5.41
C LYS C 219 -12.64 4.26 6.11
N ILE C 220 -12.63 4.25 7.45
CA ILE C 220 -13.86 4.03 8.19
C ILE C 220 -14.80 5.21 7.98
N ARG C 221 -14.28 6.44 8.04
CA ARG C 221 -15.10 7.61 7.76
C ARG C 221 -15.70 7.52 6.35
N ASN C 222 -14.86 7.25 5.35
CA ASN C 222 -15.33 7.22 3.98
C ASN C 222 -16.37 6.13 3.79
N ASP C 223 -16.13 4.95 4.37
CA ASP C 223 -17.07 3.84 4.22
C ASP C 223 -18.42 4.13 4.86
N LEU C 224 -18.41 4.83 6.01
CA LEU C 224 -19.67 5.05 6.71
C LEU C 224 -20.52 6.09 6.01
N LEU C 225 -19.91 7.14 5.48
CA LEU C 225 -20.70 8.16 4.82
C LEU C 225 -21.08 7.76 3.41
N ASN C 226 -20.33 6.84 2.81
CA ASN C 226 -20.76 6.27 1.54
C ASN C 226 -22.04 5.48 1.72
N LYS C 227 -22.16 4.77 2.86
CA LYS C 227 -23.38 4.01 3.12
C LYS C 227 -24.56 4.94 3.35
N ILE C 228 -24.35 5.99 4.14
CA ILE C 228 -25.42 6.96 4.37
C ILE C 228 -25.83 7.62 3.06
N LEU C 229 -24.89 7.81 2.14
CA LEU C 229 -25.22 8.54 0.93
C LEU C 229 -26.00 7.71 -0.08
N GLU C 230 -25.76 6.40 -0.14
CA GLU C 230 -26.53 5.62 -1.10
C GLU C 230 -27.87 5.21 -0.53
N ASN C 231 -27.96 5.11 0.80
CA ASN C 231 -29.26 4.91 1.42
C ASN C 231 -30.14 6.14 1.21
N TYR C 232 -29.54 7.32 1.15
CA TYR C 232 -30.26 8.57 0.98
C TYR C 232 -30.68 8.80 -0.47
N LYS C 233 -30.15 8.03 -1.42
CA LYS C 233 -30.49 8.26 -2.82
C LYS C 233 -31.96 7.96 -3.12
N GLU C 234 -32.61 7.08 -2.33
CA GLU C 234 -34.04 6.84 -2.52
C GLU C 234 -34.93 7.84 -1.78
N LYS C 235 -34.43 8.42 -0.67
CA LYS C 235 -35.18 9.42 0.09
C LYS C 235 -35.14 10.80 -0.53
N PHE C 236 -34.17 11.10 -1.39
CA PHE C 236 -34.07 12.46 -1.92
C PHE C 236 -35.26 12.75 -2.81
N ARG C 237 -35.85 13.94 -2.62
CA ARG C 237 -36.88 14.43 -3.53
C ARG C 237 -36.63 15.90 -3.82
N SER C 238 -36.71 16.27 -5.09
CA SER C 238 -36.34 17.61 -5.51
C SER C 238 -37.17 18.67 -4.80
N ASP C 239 -38.39 18.33 -4.39
CA ASP C 239 -39.32 19.29 -3.81
C ASP C 239 -39.16 19.47 -2.30
N SER C 240 -38.15 18.84 -1.69
CA SER C 240 -37.90 18.99 -0.25
C SER C 240 -36.39 19.14 -0.03
N ILE C 241 -35.94 20.37 0.18
CA ILE C 241 -34.53 20.68 0.40
C ILE C 241 -34.40 21.26 1.79
N THR C 242 -33.95 20.44 2.74
CA THR C 242 -33.95 20.77 4.15
C THR C 242 -32.61 20.57 4.85
N ASN C 243 -31.53 20.17 4.18
CA ASN C 243 -30.28 19.84 4.80
C ASN C 243 -29.20 19.76 3.74
N MET C 244 -27.95 19.54 4.14
CA MET C 244 -26.79 19.69 3.30
C MET C 244 -26.77 18.71 2.19
N LEU C 245 -27.22 17.51 2.46
CA LEU C 245 -27.24 16.49 1.47
C LEU C 245 -28.25 16.82 0.43
N ASP C 246 -29.40 17.31 0.81
CA ASP C 246 -30.42 17.72 -0.15
C ASP C 246 -29.89 18.81 -1.07
N THR C 247 -29.33 19.87 -0.48
CA THR C 247 -28.78 20.98 -1.24
C THR C 247 -27.77 20.49 -2.28
N LEU C 248 -26.90 19.55 -1.89
CA LEU C 248 -25.84 19.13 -2.78
C LEU C 248 -26.37 18.26 -3.91
N MET C 249 -27.34 17.38 -3.62
CA MET C 249 -27.87 16.53 -4.68
C MET C 249 -28.84 17.28 -5.59
N GLN C 250 -29.58 18.25 -5.05
CA GLN C 250 -30.32 19.12 -5.94
C GLN C 250 -29.38 19.82 -6.92
N ALA C 251 -28.23 20.28 -6.41
CA ALA C 251 -27.27 20.97 -7.27
C ALA C 251 -26.75 20.06 -8.37
N LYS C 252 -26.48 18.79 -8.05
CA LYS C 252 -26.03 17.89 -9.11
C LYS C 252 -27.17 17.56 -10.07
N MET C 253 -28.38 17.57 -9.60
CA MET C 253 -29.49 17.28 -10.46
C MET C 253 -29.71 18.42 -11.38
N ASN C 254 -29.76 19.62 -10.86
CA ASN C 254 -29.94 20.79 -11.69
C ASN C 254 -28.82 20.99 -12.69
N SER C 255 -27.59 20.67 -12.34
CA SER C 255 -26.50 20.79 -13.29
C SER C 255 -26.69 19.89 -14.48
N ASP C 256 -27.19 18.68 -14.26
CA ASP C 256 -27.48 17.71 -15.30
C ASP C 256 -28.59 18.14 -16.23
N ASN C 257 -29.56 18.80 -15.66
CA ASN C 257 -30.68 19.35 -16.38
C ASN C 257 -30.27 20.61 -17.12
N GLY C 258 -31.09 21.03 -18.04
CA GLY C 258 -30.80 22.24 -18.74
C GLY C 258 -30.84 21.88 -20.18
N ASN C 259 -31.45 22.70 -21.00
CA ASN C 259 -31.55 22.44 -22.41
C ASN C 259 -30.20 22.46 -23.07
N ALA C 260 -29.33 23.36 -22.61
CA ALA C 260 -27.97 23.42 -23.10
C ALA C 260 -27.27 22.11 -22.79
N GLY C 261 -27.43 21.61 -21.59
CA GLY C 261 -26.81 20.36 -21.22
C GLY C 261 -26.14 20.39 -19.87
N PRO C 262 -25.29 19.38 -19.58
CA PRO C 262 -24.49 19.34 -18.34
C PRO C 262 -23.49 20.48 -18.31
N ASP C 263 -23.63 21.40 -17.38
CA ASP C 263 -22.75 22.55 -17.38
C ASP C 263 -21.50 22.28 -16.54
N GLN C 264 -20.68 23.33 -16.39
CA GLN C 264 -19.40 23.30 -15.70
C GLN C 264 -19.46 22.51 -14.38
N ASP C 265 -20.59 22.61 -13.68
CA ASP C 265 -20.63 22.22 -12.28
C ASP C 265 -20.76 20.72 -12.08
N SER C 266 -21.04 19.96 -13.14
CA SER C 266 -21.45 18.58 -12.93
C SER C 266 -20.28 17.70 -12.50
N GLU C 267 -19.16 17.77 -13.21
CA GLU C 267 -17.98 17.03 -12.75
C GLU C 267 -17.67 17.37 -11.30
N LEU C 268 -17.91 18.62 -10.90
CA LEU C 268 -17.51 19.06 -9.57
C LEU C 268 -18.45 18.54 -8.50
N LEU C 269 -19.51 17.83 -8.87
CA LEU C 269 -20.48 17.33 -7.92
C LEU C 269 -20.63 15.81 -8.02
N SER C 270 -19.53 15.11 -8.15
CA SER C 270 -19.63 13.67 -8.15
C SER C 270 -19.86 13.24 -6.73
N ASP C 271 -20.19 11.99 -6.58
CA ASP C 271 -20.56 11.57 -5.23
C ASP C 271 -19.39 11.69 -4.26
N ASN C 272 -18.14 11.47 -4.69
CA ASN C 272 -17.05 11.62 -3.72
C ASN C 272 -16.80 13.08 -3.39
N HIS C 273 -17.22 14.02 -4.14
CA HIS C 273 -17.13 15.42 -3.94
C HIS C 273 -18.24 15.70 -2.97
N ILE C 274 -19.43 15.15 -3.16
CA ILE C 274 -20.50 15.35 -2.20
C ILE C 274 -20.12 14.68 -0.88
N LEU C 275 -19.49 13.52 -0.95
CA LEU C 275 -19.09 12.83 0.26
C LEU C 275 -18.10 13.67 1.06
N THR C 276 -17.05 14.19 0.40
CA THR C 276 -15.98 14.89 1.11
C THR C 276 -16.46 16.19 1.75
N THR C 277 -17.32 16.94 1.05
CA THR C 277 -17.86 18.17 1.64
C THR C 277 -18.71 17.86 2.87
N ILE C 278 -19.57 16.85 2.79
CA ILE C 278 -20.31 16.41 3.96
C ILE C 278 -19.32 16.05 5.06
N GLY C 279 -18.26 15.34 4.69
CA GLY C 279 -17.25 14.95 5.66
C GLY C 279 -16.60 16.15 6.35
N ASP C 280 -16.32 17.21 5.59
CA ASP C 280 -15.75 18.41 6.18
C ASP C 280 -16.71 19.05 7.19
N ILE C 281 -17.93 19.22 6.79
CA ILE C 281 -18.91 19.80 7.64
C ILE C 281 -19.20 18.94 8.83
N PHE C 282 -19.25 17.65 8.65
CA PHE C 282 -19.49 16.77 9.76
C PHE C 282 -18.34 16.77 10.71
N GLY C 283 -17.13 16.79 10.18
CA GLY C 283 -15.96 16.83 11.02
C GLY C 283 -15.79 18.13 11.77
N ALA C 284 -16.03 19.24 11.12
CA ALA C 284 -15.94 20.55 11.74
C ALA C 284 -16.99 20.74 12.81
N GLY C 285 -18.16 20.20 12.53
CA GLY C 285 -19.29 20.26 13.41
C GLY C 285 -19.11 19.71 14.78
N VAL C 286 -18.35 18.66 14.88
CA VAL C 286 -18.17 18.05 16.12
C VAL C 286 -16.95 18.43 16.93
N GLU C 287 -15.76 18.41 16.38
CA GLU C 287 -14.59 18.73 17.17
C GLU C 287 -14.36 20.08 17.67
N THR C 288 -14.65 21.05 16.87
CA THR C 288 -14.37 22.37 17.27
C THR C 288 -15.28 22.78 18.39
N THR C 289 -16.55 22.58 18.26
CA THR C 289 -17.46 22.95 19.31
C THR C 289 -17.24 22.18 20.56
N THR C 290 -16.97 20.90 20.45
CA THR C 290 -16.73 20.10 21.60
C THR C 290 -15.52 20.57 22.34
N SER C 291 -14.47 20.94 21.63
CA SER C 291 -13.26 21.44 22.23
C SER C 291 -13.40 22.75 22.94
N VAL C 292 -14.07 23.71 22.35
CA VAL C 292 -14.22 25.00 23.00
C VAL C 292 -14.99 24.86 24.29
N VAL C 293 -16.02 24.00 24.32
CA VAL C 293 -16.80 23.78 25.53
C VAL C 293 -15.90 23.25 26.64
N LYS C 294 -15.09 22.24 26.32
CA LYS C 294 -14.17 21.67 27.32
C LYS C 294 -13.16 22.72 27.78
N TRP C 295 -12.69 23.58 26.87
CA TRP C 295 -11.78 24.64 27.29
C TRP C 295 -12.48 25.58 28.26
N THR C 296 -13.72 25.94 27.98
CA THR C 296 -14.43 26.92 28.82
C THR C 296 -14.68 26.37 30.23
N LEU C 297 -15.14 25.12 30.33
CA LEU C 297 -15.31 24.51 31.64
C LEU C 297 -13.99 24.49 32.40
N ALA C 298 -12.91 24.14 31.71
CA ALA C 298 -11.59 24.08 32.36
C ALA C 298 -11.18 25.44 32.90
N PHE C 299 -11.48 26.52 32.17
CA PHE C 299 -11.14 27.86 32.66
C PHE C 299 -12.01 28.25 33.85
N LEU C 300 -13.31 27.91 33.82
CA LEU C 300 -14.18 28.27 34.93
C LEU C 300 -13.77 27.55 36.23
N LEU C 301 -13.30 26.30 36.13
CA LEU C 301 -12.78 25.63 37.31
C LEU C 301 -11.53 26.32 37.85
N HIS C 302 -10.79 27.01 36.97
CA HIS C 302 -9.58 27.73 37.37
C HIS C 302 -9.87 29.13 37.88
N ASN C 303 -11.07 29.61 37.66
CA ASN C 303 -11.42 30.97 38.05
C ASN C 303 -12.76 30.89 38.72
N PRO C 304 -12.77 30.43 39.97
CA PRO C 304 -14.06 30.38 40.62
C PRO C 304 -14.78 31.74 40.67
N GLN C 305 -14.10 32.86 40.69
CA GLN C 305 -14.80 34.12 40.77
C GLN C 305 -15.80 34.33 39.64
N VAL C 306 -15.37 33.99 38.47
CA VAL C 306 -16.08 34.13 37.21
C VAL C 306 -17.27 33.17 37.13
N LYS C 307 -17.09 32.00 37.67
CA LYS C 307 -18.15 31.05 37.65
C LYS C 307 -19.29 31.59 38.45
N LYS C 308 -18.99 32.28 39.53
CA LYS C 308 -20.03 32.81 40.37
C LYS C 308 -20.82 33.91 39.78
N LYS C 309 -20.22 34.78 39.00
CA LYS C 309 -20.84 35.90 38.37
C LYS C 309 -21.69 35.41 37.25
N LEU C 310 -21.35 34.24 36.69
CA LEU C 310 -22.18 33.61 35.67
C LEU C 310 -23.39 32.94 36.27
N TYR C 311 -23.23 32.31 37.45
CA TYR C 311 -24.38 31.73 38.13
C TYR C 311 -25.38 32.80 38.53
N GLU C 312 -24.89 33.92 39.06
CA GLU C 312 -25.78 35.01 39.41
C GLU C 312 -26.46 35.58 38.17
N GLU C 313 -25.71 35.74 37.08
CA GLU C 313 -26.24 36.32 35.86
C GLU C 313 -27.40 35.50 35.32
N ILE C 314 -27.24 34.20 35.30
CA ILE C 314 -28.23 33.34 34.72
C ILE C 314 -29.49 33.33 35.54
N ASP C 315 -29.35 33.30 36.84
CA ASP C 315 -30.52 33.30 37.72
C ASP C 315 -31.28 34.60 37.61
N GLN C 316 -30.58 35.70 37.66
CA GLN C 316 -31.24 36.96 37.59
C GLN C 316 -31.85 37.27 36.24
N ASN C 317 -31.35 36.70 35.17
CA ASN C 317 -31.82 37.04 33.84
C ASN C 317 -32.60 35.94 33.14
N VAL C 318 -32.53 34.71 33.64
CA VAL C 318 -33.28 33.63 33.01
C VAL C 318 -34.12 32.92 34.06
N GLY C 319 -33.56 32.78 35.27
CA GLY C 319 -34.28 32.10 36.31
C GLY C 319 -34.44 30.62 36.01
N PHE C 320 -35.54 30.04 36.50
CA PHE C 320 -35.88 28.64 36.31
C PHE C 320 -37.29 28.43 35.77
N SER C 321 -38.01 29.51 35.46
CA SER C 321 -39.29 29.39 34.74
C SER C 321 -39.15 28.62 33.42
N ARG C 322 -38.07 28.87 32.68
CA ARG C 322 -37.89 28.35 31.34
C ARG C 322 -36.43 27.95 31.18
N THR C 323 -36.11 27.33 30.03
CA THR C 323 -34.74 27.02 29.70
C THR C 323 -34.13 28.17 28.90
N PRO C 324 -32.79 28.27 28.88
CA PRO C 324 -32.15 29.34 28.12
C PRO C 324 -32.47 29.23 26.63
N THR C 325 -32.46 30.39 25.98
CA THR C 325 -32.68 30.57 24.56
C THR C 325 -31.63 31.53 24.02
N ILE C 326 -31.40 31.49 22.67
CA ILE C 326 -30.48 32.41 22.03
C ILE C 326 -30.89 33.81 22.39
N SER C 327 -32.18 34.04 22.52
CA SER C 327 -32.69 35.32 22.95
C SER C 327 -32.00 35.85 24.17
N ASP C 328 -31.54 34.99 25.03
CA ASP C 328 -30.84 35.49 26.22
C ASP C 328 -29.38 35.94 26.00
N ARG C 329 -28.91 35.92 24.78
CA ARG C 329 -27.59 36.40 24.51
C ARG C 329 -27.50 37.87 24.83
N ASN C 330 -28.58 38.57 24.64
CA ASN C 330 -28.71 39.99 24.95
C ASN C 330 -28.69 40.28 26.45
N ARG C 331 -28.88 39.28 27.28
CA ARG C 331 -28.96 39.49 28.71
C ARG C 331 -27.94 38.72 29.53
N LEU C 332 -27.29 37.66 29.04
CA LEU C 332 -26.24 36.95 29.77
C LEU C 332 -24.95 37.42 29.13
N LEU C 333 -24.52 38.61 29.40
CA LEU C 333 -23.42 39.16 28.64
C LEU C 333 -22.06 38.78 29.20
N LEU C 334 -21.94 38.45 30.49
CA LEU C 334 -20.68 37.91 30.96
C LEU C 334 -20.45 36.49 30.43
N LEU C 335 -21.51 35.75 30.13
CA LEU C 335 -21.33 34.43 29.52
C LEU C 335 -20.82 34.57 28.09
N GLU C 336 -21.46 35.42 27.30
CA GLU C 336 -20.99 35.67 25.94
C GLU C 336 -19.57 36.23 25.96
N ALA C 337 -19.24 37.02 26.97
CA ALA C 337 -17.88 37.55 27.09
C ALA C 337 -16.92 36.46 27.52
N THR C 338 -17.37 35.52 28.36
CA THR C 338 -16.51 34.41 28.76
C THR C 338 -16.13 33.55 27.56
N ILE C 339 -17.10 33.29 26.67
CA ILE C 339 -16.83 32.52 25.46
C ILE C 339 -15.85 33.29 24.56
N ARG C 340 -16.07 34.60 24.40
CA ARG C 340 -15.15 35.39 23.60
C ARG C 340 -13.73 35.27 24.12
N GLU C 341 -13.56 35.28 25.46
CA GLU C 341 -12.22 35.26 26.01
C GLU C 341 -11.56 33.91 25.82
N VAL C 342 -12.33 32.82 25.86
CA VAL C 342 -11.76 31.51 25.59
C VAL C 342 -11.30 31.41 24.14
N LEU C 343 -12.07 31.95 23.24
CA LEU C 343 -11.67 31.93 21.89
C LEU C 343 -10.47 32.84 21.78
N ARG C 344 -10.31 33.85 22.60
CA ARG C 344 -9.07 34.61 22.55
C ARG C 344 -7.84 33.89 23.06
N LEU C 345 -7.92 33.32 24.25
CA LEU C 345 -6.81 32.66 24.89
C LEU C 345 -6.38 31.37 24.34
N ARG C 346 -7.34 30.57 23.95
CA ARG C 346 -7.09 29.27 23.40
C ARG C 346 -7.88 29.13 22.15
N PRO C 347 -7.47 29.78 21.07
CA PRO C 347 -8.30 29.66 19.87
C PRO C 347 -8.43 28.29 19.25
N VAL C 348 -9.52 28.03 18.57
CA VAL C 348 -9.75 26.73 17.95
C VAL C 348 -8.61 26.40 16.98
N ALA C 349 -8.17 27.40 16.22
CA ALA C 349 -7.11 27.24 15.23
C ALA C 349 -6.06 28.29 15.53
N PRO C 350 -5.08 27.99 16.40
CA PRO C 350 -4.08 29.01 16.77
C PRO C 350 -3.24 29.50 15.58
N MET C 351 -3.21 28.77 14.48
CA MET C 351 -2.58 29.24 13.26
C MET C 351 -3.49 29.05 12.05
N LEU C 352 -4.81 29.18 12.29
CA LEU C 352 -5.83 29.02 11.26
C LEU C 352 -5.59 27.75 10.47
N ILE C 353 -5.78 27.81 9.15
CA ILE C 353 -5.37 26.77 8.22
C ILE C 353 -4.38 27.40 7.24
N PRO C 354 -3.36 26.68 6.79
CA PRO C 354 -2.39 27.32 5.90
C PRO C 354 -3.05 27.92 4.66
N HIS C 355 -2.57 29.10 4.29
CA HIS C 355 -2.94 29.74 3.02
C HIS C 355 -1.81 29.57 2.01
N LYS C 356 -2.11 29.98 0.77
CA LYS C 356 -1.13 29.93 -0.31
C LYS C 356 -1.35 31.12 -1.22
N ALA C 357 -0.24 31.70 -1.71
CA ALA C 357 -0.32 32.81 -2.66
C ALA C 357 -0.72 32.28 -4.02
N ASN C 358 -1.88 32.70 -4.52
CA ASN C 358 -2.33 32.26 -5.83
C ASN C 358 -1.67 33.02 -6.96
N VAL C 359 -1.07 34.17 -6.65
CA VAL C 359 -0.39 35.00 -7.63
C VAL C 359 0.75 35.71 -6.91
N ASP C 360 1.69 36.26 -7.71
CA ASP C 360 2.69 37.15 -7.15
C ASP C 360 1.97 38.28 -6.43
N SER C 361 2.43 38.62 -5.23
CA SER C 361 1.71 39.59 -4.43
C SER C 361 2.66 40.16 -3.37
N SER C 362 2.08 40.75 -2.33
CA SER C 362 2.87 41.41 -1.30
C SER C 362 2.09 41.36 0.01
N ILE C 363 2.82 41.34 1.11
CA ILE C 363 2.28 41.50 2.44
C ILE C 363 3.11 42.58 3.10
N GLY C 364 2.61 43.78 3.24
CA GLY C 364 3.36 44.79 3.90
C GLY C 364 4.38 45.38 2.99
N GLU C 365 5.60 45.54 3.46
CA GLU C 365 6.61 46.07 2.61
C GLU C 365 7.19 45.05 1.70
N PHE C 366 7.00 43.77 2.00
CA PHE C 366 7.56 42.73 1.21
C PHE C 366 6.73 42.02 0.14
N ALA C 367 7.41 41.57 -0.90
CA ALA C 367 6.87 40.72 -1.96
C ALA C 367 6.69 39.26 -1.53
N VAL C 368 5.70 38.60 -2.13
CA VAL C 368 5.43 37.18 -1.91
C VAL C 368 5.24 36.48 -3.26
N ASP C 369 6.04 35.46 -3.50
CA ASP C 369 5.99 34.76 -4.77
C ASP C 369 4.77 33.84 -4.84
N LYS C 370 4.26 33.67 -6.05
CA LYS C 370 3.22 32.68 -6.30
C LYS C 370 3.61 31.34 -5.70
N GLY C 371 2.63 30.65 -5.10
CA GLY C 371 2.85 29.34 -4.55
C GLY C 371 3.37 29.32 -3.14
N THR C 372 3.68 30.48 -2.57
CA THR C 372 4.22 30.52 -1.21
C THR C 372 3.16 30.19 -0.17
N GLU C 373 3.56 29.41 0.82
CA GLU C 373 2.69 29.10 1.95
C GLU C 373 2.68 30.29 2.89
N VAL C 374 1.49 30.71 3.31
CA VAL C 374 1.34 31.86 4.19
C VAL C 374 0.54 31.41 5.39
N ILE C 375 1.10 31.60 6.60
CA ILE C 375 0.47 31.19 7.81
C ILE C 375 0.28 32.39 8.74
N ILE C 376 -0.95 32.63 9.19
CA ILE C 376 -1.28 33.68 10.13
C ILE C 376 -1.11 33.10 11.53
N ASN C 377 -0.29 33.73 12.36
CA ASN C 377 -0.14 33.27 13.73
C ASN C 377 -1.23 33.92 14.57
N LEU C 378 -2.41 33.30 14.59
CA LEU C 378 -3.50 33.87 15.36
C LEU C 378 -3.15 33.97 16.83
N TRP C 379 -2.34 33.05 17.34
CA TRP C 379 -1.90 33.14 18.72
C TRP C 379 -1.17 34.46 18.98
N ALA C 380 -0.31 34.86 18.04
CA ALA C 380 0.42 36.12 18.19
C ALA C 380 -0.52 37.31 18.19
N LEU C 381 -1.54 37.29 17.33
CA LEU C 381 -2.51 38.38 17.31
C LEU C 381 -3.25 38.49 18.64
N HIS C 382 -3.59 37.35 19.25
CA HIS C 382 -4.42 37.33 20.46
C HIS C 382 -3.62 37.55 21.73
N HIS C 383 -2.29 37.54 21.63
CA HIS C 383 -1.43 37.81 22.77
C HIS C 383 -0.51 39.01 22.52
N ASN C 384 -0.79 39.83 21.53
CA ASN C 384 0.01 40.98 21.26
C ASN C 384 -0.13 41.90 22.46
N GLU C 385 0.96 42.17 23.15
CA GLU C 385 1.01 42.95 24.37
C GLU C 385 0.58 44.39 24.27
N LYS C 386 0.79 45.01 23.12
CA LYS C 386 0.37 46.36 22.89
C LYS C 386 -1.07 46.45 22.51
N GLU C 387 -1.69 45.36 22.15
CA GLU C 387 -3.07 45.40 21.72
C GLU C 387 -4.02 44.84 22.74
N TRP C 388 -3.50 44.13 23.74
CA TRP C 388 -4.33 43.54 24.78
C TRP C 388 -3.69 43.88 26.12
N HIS C 389 -4.49 44.18 27.12
CA HIS C 389 -3.97 44.37 28.48
C HIS C 389 -3.90 43.02 29.16
N GLN C 390 -2.68 42.62 29.55
CA GLN C 390 -2.42 41.38 30.23
C GLN C 390 -3.08 40.20 29.45
N PRO C 391 -2.47 39.90 28.26
CA PRO C 391 -3.02 38.80 27.45
C PRO C 391 -2.86 37.39 28.03
N ASP C 392 -1.97 37.22 28.97
CA ASP C 392 -1.83 35.94 29.52
C ASP C 392 -2.95 35.69 30.49
N GLN C 393 -3.69 36.72 30.89
CA GLN C 393 -4.81 36.45 31.75
C GLN C 393 -6.23 36.35 31.16
N PHE C 394 -7.04 35.52 31.78
CA PHE C 394 -8.38 35.13 31.53
C PHE C 394 -9.14 36.19 32.22
N MET C 395 -9.56 37.18 31.47
CA MET C 395 -10.33 38.25 31.97
C MET C 395 -11.50 38.40 31.05
N PRO C 396 -12.66 37.81 31.34
CA PRO C 396 -13.90 37.93 30.56
C PRO C 396 -14.48 39.32 30.47
N GLU C 397 -14.16 40.12 31.49
CA GLU C 397 -14.42 41.55 31.67
C GLU C 397 -13.76 42.55 30.72
N ARG C 398 -12.86 42.07 29.88
CA ARG C 398 -12.16 42.72 28.84
C ARG C 398 -13.06 42.97 27.74
N PHE C 399 -14.18 42.23 27.59
CA PHE C 399 -15.11 42.44 26.49
C PHE C 399 -16.37 43.19 26.91
N LEU C 400 -16.38 43.77 28.09
CA LEU C 400 -17.51 44.56 28.57
C LEU C 400 -17.07 45.96 28.99
N ASN C 401 -17.98 46.93 28.83
CA ASN C 401 -17.91 48.25 29.43
C ASN C 401 -17.76 48.13 30.94
N PRO C 402 -17.38 49.20 31.64
CA PRO C 402 -17.23 49.11 33.11
C PRO C 402 -18.49 48.76 33.86
N ALA C 403 -19.66 49.15 33.37
CA ALA C 403 -20.89 48.85 34.10
C ALA C 403 -21.34 47.41 33.94
N GLY C 404 -20.91 46.75 32.85
CA GLY C 404 -21.30 45.38 32.54
C GLY C 404 -22.60 45.24 31.80
N THR C 405 -23.04 46.29 31.09
CA THR C 405 -24.36 46.31 30.47
C THR C 405 -24.30 46.11 28.97
N GLN C 406 -23.12 46.17 28.35
CA GLN C 406 -23.01 45.95 26.92
C GLN C 406 -21.61 45.42 26.61
N LEU C 407 -21.53 44.61 25.54
CA LEU C 407 -20.27 44.05 25.09
C LEU C 407 -19.53 45.05 24.20
N ILE C 408 -18.19 45.00 24.28
CA ILE C 408 -17.33 45.89 23.51
C ILE C 408 -16.32 45.03 22.76
N SER C 409 -15.67 45.67 21.78
CA SER C 409 -14.56 45.07 21.04
C SER C 409 -13.28 45.73 21.52
N PRO C 410 -12.60 45.17 22.54
CA PRO C 410 -11.49 45.92 23.14
C PRO C 410 -10.28 46.05 22.24
N SER C 411 -10.19 45.29 21.15
CA SER C 411 -9.01 45.27 20.32
C SER C 411 -9.36 44.90 18.88
N VAL C 412 -8.60 45.48 17.95
CA VAL C 412 -8.69 45.06 16.56
C VAL C 412 -7.90 43.79 16.29
N SER C 413 -7.16 43.28 17.26
CA SER C 413 -6.32 42.11 17.06
C SER C 413 -7.03 40.84 17.54
N TYR C 414 -8.19 40.59 16.93
CA TYR C 414 -9.09 39.53 17.36
C TYR C 414 -9.81 39.00 16.13
N LEU C 415 -9.45 37.76 15.71
CA LEU C 415 -10.02 37.06 14.59
C LEU C 415 -10.17 35.56 14.87
N PRO C 416 -11.05 35.22 15.88
CA PRO C 416 -11.22 33.81 16.22
C PRO C 416 -11.72 32.95 15.08
N PHE C 417 -12.53 33.52 14.20
CA PHE C 417 -13.12 32.81 13.08
C PHE C 417 -12.49 33.20 11.76
N GLY C 418 -11.31 33.84 11.80
CA GLY C 418 -10.67 34.23 10.57
C GLY C 418 -11.41 35.39 9.93
N ALA C 419 -11.18 35.53 8.62
CA ALA C 419 -11.80 36.60 7.85
C ALA C 419 -11.52 36.36 6.39
N GLY C 420 -12.35 36.94 5.54
CA GLY C 420 -12.12 36.93 4.11
C GLY C 420 -12.60 35.67 3.42
N PRO C 421 -12.15 35.44 2.19
CA PRO C 421 -12.54 34.29 1.40
C PRO C 421 -12.49 32.98 2.11
N ARG C 422 -11.56 32.84 3.03
CA ARG C 422 -11.35 31.61 3.77
C ARG C 422 -11.84 31.67 5.20
N SER C 423 -12.79 32.58 5.52
CA SER C 423 -13.36 32.67 6.85
C SER C 423 -14.22 31.45 7.16
N CYS C 424 -14.52 31.32 8.45
CA CYS C 424 -15.31 30.19 8.90
C CYS C 424 -16.73 30.27 8.35
N ILE C 425 -17.21 29.17 7.78
CA ILE C 425 -18.58 29.12 7.28
C ILE C 425 -19.55 28.59 8.33
N GLY C 426 -19.04 28.12 9.46
CA GLY C 426 -19.88 27.62 10.54
C GLY C 426 -19.91 28.50 11.77
N GLU C 427 -19.56 29.80 11.62
CA GLU C 427 -19.52 30.67 12.78
C GLU C 427 -20.89 30.82 13.44
N ILE C 428 -21.96 30.94 12.66
CA ILE C 428 -23.27 31.16 13.26
C ILE C 428 -23.69 29.95 14.06
N LEU C 429 -23.53 28.76 13.48
CA LEU C 429 -23.81 27.53 14.24
C LEU C 429 -22.93 27.44 15.47
N ALA C 430 -21.64 27.73 15.32
CA ALA C 430 -20.72 27.54 16.43
C ALA C 430 -21.11 28.41 17.62
N ARG C 431 -21.44 29.67 17.36
CA ARG C 431 -21.73 30.59 18.46
C ARG C 431 -23.03 30.21 19.16
N GLN C 432 -24.03 29.75 18.41
CA GLN C 432 -25.29 29.34 19.03
C GLN C 432 -25.11 28.09 19.87
N GLU C 433 -24.48 27.07 19.31
CA GLU C 433 -24.21 25.86 20.09
C GLU C 433 -23.46 26.21 21.37
N LEU C 434 -22.38 26.99 21.24
CA LEU C 434 -21.51 27.28 22.38
C LEU C 434 -22.24 28.04 23.47
N PHE C 435 -23.03 29.05 23.09
CA PHE C 435 -23.74 29.83 24.10
C PHE C 435 -24.79 28.98 24.81
N LEU C 436 -25.53 28.17 24.06
CA LEU C 436 -26.61 27.40 24.67
C LEU C 436 -26.07 26.27 25.52
N ILE C 437 -25.01 25.58 25.07
CA ILE C 437 -24.47 24.50 25.88
C ILE C 437 -24.04 25.05 27.23
N MET C 438 -23.33 26.17 27.23
CA MET C 438 -22.81 26.72 28.48
C MET C 438 -23.92 27.35 29.33
N ALA C 439 -24.97 27.89 28.70
CA ALA C 439 -26.08 28.45 29.46
C ALA C 439 -26.88 27.36 30.18
N TRP C 440 -27.30 26.33 29.43
CA TRP C 440 -28.07 25.26 30.04
C TRP C 440 -27.27 24.58 31.14
N LEU C 441 -25.96 24.47 30.97
CA LEU C 441 -25.15 23.76 31.96
C LEU C 441 -25.01 24.57 33.25
N LEU C 442 -24.77 25.88 33.13
CA LEU C 442 -24.63 26.71 34.33
C LEU C 442 -25.95 26.85 35.06
N GLN C 443 -27.07 26.83 34.32
CA GLN C 443 -28.38 26.87 34.96
C GLN C 443 -28.63 25.64 35.84
N ARG C 444 -28.38 24.45 35.33
CA ARG C 444 -28.72 23.23 36.06
C ARG C 444 -27.70 22.55 36.86
N PHE C 445 -26.46 22.77 36.56
CA PHE C 445 -25.40 21.99 37.18
C PHE C 445 -24.38 22.90 37.84
N ASP C 446 -23.83 22.45 38.94
CA ASP C 446 -22.78 23.12 39.61
C ASP C 446 -21.59 22.31 39.14
N LEU C 447 -20.54 22.94 38.66
CA LEU C 447 -19.47 22.21 38.11
C LEU C 447 -18.28 22.51 38.90
N GLU C 448 -17.72 21.58 39.64
CA GLU C 448 -16.62 21.93 40.49
C GLU C 448 -15.47 21.02 40.31
N VAL C 449 -14.34 21.40 40.87
CA VAL C 449 -13.14 20.62 40.82
C VAL C 449 -13.40 19.34 41.53
N PRO C 450 -12.93 18.22 41.02
CA PRO C 450 -13.20 16.99 41.73
C PRO C 450 -12.54 16.91 43.08
N ASP C 451 -13.01 15.97 43.89
CA ASP C 451 -12.54 15.74 45.25
C ASP C 451 -11.04 15.43 45.34
N ASP C 452 -10.49 14.96 44.23
CA ASP C 452 -9.09 14.60 44.08
C ASP C 452 -8.31 15.87 44.06
N GLY C 453 -8.89 16.91 43.48
CA GLY C 453 -8.28 18.22 43.49
C GLY C 453 -7.42 18.54 42.33
N GLN C 454 -7.35 17.64 41.38
CA GLN C 454 -6.56 17.87 40.22
C GLN C 454 -7.24 18.94 39.38
N LEU C 455 -6.49 19.88 38.86
CA LEU C 455 -7.04 20.92 38.05
C LEU C 455 -6.68 20.62 36.64
N PRO C 456 -7.57 20.83 35.70
CA PRO C 456 -7.27 20.56 34.31
C PRO C 456 -6.05 21.28 33.80
N SER C 457 -5.22 20.64 33.00
CA SER C 457 -4.04 21.27 32.44
C SER C 457 -4.46 22.16 31.28
N LEU C 458 -4.06 23.42 31.32
CA LEU C 458 -4.38 24.38 30.27
C LEU C 458 -3.26 24.49 29.25
N GLU C 459 -2.31 23.56 29.26
CA GLU C 459 -1.21 23.63 28.32
C GLU C 459 -1.69 23.43 26.89
N GLY C 460 -2.64 22.51 26.70
CA GLY C 460 -3.21 22.25 25.39
C GLY C 460 -2.39 21.25 24.58
N ILE C 461 -3.02 20.78 23.50
CA ILE C 461 -2.41 19.82 22.58
C ILE C 461 -2.69 20.27 21.15
N PRO C 462 -1.71 20.89 20.51
CA PRO C 462 -1.97 21.38 19.16
C PRO C 462 -2.16 20.32 18.08
N LYS C 463 -3.34 20.29 17.48
CA LYS C 463 -3.69 19.42 16.37
C LYS C 463 -4.31 20.38 15.31
N VAL C 464 -5.20 19.94 14.43
CA VAL C 464 -5.86 20.90 13.54
C VAL C 464 -6.79 21.79 14.38
N VAL C 465 -7.25 21.27 15.51
CA VAL C 465 -8.02 21.98 16.47
C VAL C 465 -7.14 22.00 17.71
N PHE C 466 -7.07 23.11 18.42
CA PHE C 466 -6.30 23.20 19.65
C PHE C 466 -7.04 22.43 20.71
N LEU C 467 -6.59 21.26 21.06
CA LEU C 467 -7.24 20.39 22.00
C LEU C 467 -6.74 20.66 23.41
N ILE C 468 -7.56 20.27 24.38
CA ILE C 468 -7.22 20.33 25.80
C ILE C 468 -7.05 18.90 26.29
N ASP C 469 -6.16 18.69 27.25
CA ASP C 469 -6.04 17.36 27.87
C ASP C 469 -7.36 16.94 28.50
N SER C 470 -7.62 15.65 28.51
CA SER C 470 -8.81 15.13 29.06
C SER C 470 -8.82 15.42 30.54
N PHE C 471 -9.96 15.83 31.07
CA PHE C 471 -10.01 16.14 32.49
C PHE C 471 -11.40 15.79 33.02
N LYS C 472 -11.50 15.71 34.34
CA LYS C 472 -12.75 15.34 35.01
C LYS C 472 -13.36 16.51 35.75
N VAL C 473 -14.69 16.49 35.82
CA VAL C 473 -15.49 17.50 36.51
C VAL C 473 -16.43 16.81 37.48
N LYS C 474 -16.53 17.35 38.71
CA LYS C 474 -17.53 16.94 39.67
C LYS C 474 -18.77 17.65 39.24
N ILE C 475 -19.84 16.93 38.96
CA ILE C 475 -21.07 17.54 38.48
C ILE C 475 -22.20 17.23 39.48
N LYS C 476 -22.92 18.26 39.94
CA LYS C 476 -24.00 18.10 40.86
C LYS C 476 -25.12 18.98 40.39
N VAL C 477 -26.37 18.54 40.50
CA VAL C 477 -27.52 19.37 40.16
C VAL C 477 -27.60 20.53 41.15
N ARG C 478 -27.79 21.74 40.62
CA ARG C 478 -27.89 22.92 41.46
C ARG C 478 -29.12 22.85 42.35
N GLN C 479 -28.99 23.40 43.56
CA GLN C 479 -30.10 23.37 44.49
C GLN C 479 -31.28 24.18 43.96
N ALA C 480 -31.00 25.35 43.38
CA ALA C 480 -32.05 26.20 42.84
C ALA C 480 -32.82 25.51 41.73
N TRP C 481 -32.19 24.58 41.02
CA TRP C 481 -32.90 23.94 39.92
C TRP C 481 -33.96 22.98 40.44
N ARG C 482 -33.65 22.23 41.50
CA ARG C 482 -34.63 21.30 42.04
C ARG C 482 -35.85 22.02 42.59
N GLU C 483 -35.62 23.10 43.34
CA GLU C 483 -36.72 23.77 44.01
C GLU C 483 -37.70 24.39 43.02
N ALA C 484 -37.26 24.70 41.82
CA ALA C 484 -38.17 25.24 40.81
C ALA C 484 -38.95 24.15 40.11
N GLN C 485 -38.83 22.92 40.62
CA GLN C 485 -39.61 21.79 40.11
C GLN C 485 -40.53 21.27 41.22
N LEU D 13 -43.82 -25.38 -8.75
CA LEU D 13 -44.62 -24.79 -9.83
C LEU D 13 -44.51 -23.26 -9.92
N LEU D 14 -44.02 -22.65 -8.85
CA LEU D 14 -43.75 -21.22 -8.81
C LEU D 14 -42.27 -20.99 -9.17
N SER D 15 -41.97 -19.83 -9.73
CA SER D 15 -40.60 -19.60 -10.21
C SER D 15 -39.88 -18.42 -9.54
N LEU D 16 -38.59 -18.65 -9.29
CA LEU D 16 -37.73 -17.70 -8.59
C LEU D 16 -37.50 -16.44 -9.41
N PRO D 17 -37.36 -15.29 -8.76
CA PRO D 17 -36.87 -14.09 -9.47
C PRO D 17 -35.47 -14.32 -10.01
N LEU D 18 -35.29 -14.02 -11.29
CA LEU D 18 -33.98 -14.08 -11.93
C LEU D 18 -33.48 -12.65 -11.99
N VAL D 19 -32.47 -12.34 -11.19
CA VAL D 19 -31.99 -10.98 -11.01
C VAL D 19 -30.67 -10.70 -11.72
N GLY D 20 -30.08 -11.68 -12.38
CA GLY D 20 -28.83 -11.47 -13.09
C GLY D 20 -28.68 -12.56 -14.14
N SER D 21 -28.22 -12.16 -15.32
CA SER D 21 -28.09 -13.11 -16.42
C SER D 21 -27.03 -12.64 -17.41
N LEU D 22 -26.13 -13.56 -17.75
CA LEU D 22 -25.22 -13.45 -18.88
C LEU D 22 -25.55 -14.73 -19.65
N PRO D 23 -26.47 -14.66 -20.61
CA PRO D 23 -26.93 -15.89 -21.27
C PRO D 23 -25.82 -16.61 -21.98
N PHE D 24 -24.73 -15.91 -22.29
CA PHE D 24 -23.61 -16.50 -22.99
C PHE D 24 -22.31 -16.06 -22.33
N LEU D 25 -21.24 -16.76 -22.69
CA LEU D 25 -19.92 -16.57 -22.12
C LEU D 25 -18.95 -17.03 -23.19
N PRO D 26 -17.82 -16.36 -23.39
CA PRO D 26 -16.85 -16.85 -24.36
C PRO D 26 -16.14 -18.11 -23.85
N ARG D 27 -16.03 -19.16 -24.65
CA ARG D 27 -15.27 -20.31 -24.20
C ARG D 27 -13.81 -19.81 -24.15
N HIS D 28 -13.33 -19.22 -25.25
CA HIS D 28 -12.02 -18.54 -25.34
C HIS D 28 -11.95 -17.98 -26.75
N GLY D 29 -11.16 -16.93 -26.87
CA GLY D 29 -10.90 -16.19 -28.08
C GLY D 29 -10.61 -14.76 -27.65
N HIS D 30 -10.14 -13.94 -28.55
CA HIS D 30 -9.98 -12.55 -28.19
C HIS D 30 -11.32 -11.87 -28.00
N MET D 31 -11.38 -10.92 -27.06
CA MET D 31 -12.67 -10.35 -26.70
C MET D 31 -13.26 -9.52 -27.82
N HIS D 32 -12.42 -8.88 -28.65
CA HIS D 32 -12.96 -8.16 -29.80
C HIS D 32 -13.58 -9.12 -30.82
N ASN D 33 -13.13 -10.38 -30.83
CA ASN D 33 -13.68 -11.37 -31.75
C ASN D 33 -14.89 -12.09 -31.18
N ASN D 34 -14.99 -12.19 -29.85
CA ASN D 34 -16.22 -12.70 -29.24
C ASN D 34 -17.35 -11.68 -29.32
N PHE D 35 -17.04 -10.40 -29.09
CA PHE D 35 -18.06 -9.37 -29.28
C PHE D 35 -18.57 -9.37 -30.71
N PHE D 36 -17.69 -9.67 -31.67
CA PHE D 36 -18.06 -9.72 -33.08
C PHE D 36 -19.06 -10.85 -33.34
N LYS D 37 -18.72 -12.08 -32.93
CA LYS D 37 -19.61 -13.22 -33.18
C LYS D 37 -20.95 -13.07 -32.47
N LEU D 38 -20.98 -12.31 -31.37
CA LEU D 38 -22.24 -12.06 -30.70
C LEU D 38 -23.14 -11.14 -31.50
N GLN D 39 -22.60 -10.46 -32.53
CA GLN D 39 -23.42 -9.62 -33.38
C GLN D 39 -24.40 -10.43 -34.20
N LYS D 40 -24.11 -11.72 -34.43
CA LYS D 40 -25.00 -12.54 -35.25
C LYS D 40 -26.35 -12.79 -34.58
N LYS D 41 -26.39 -12.76 -33.25
CA LYS D 41 -27.64 -12.96 -32.52
C LYS D 41 -28.25 -11.67 -32.01
N TYR D 42 -27.43 -10.64 -31.77
CA TYR D 42 -27.89 -9.40 -31.15
C TYR D 42 -27.68 -8.16 -31.99
N GLY D 43 -27.06 -8.27 -33.16
CA GLY D 43 -26.93 -7.14 -34.05
C GLY D 43 -25.67 -6.33 -33.86
N PRO D 44 -25.60 -5.19 -34.56
CA PRO D 44 -24.37 -4.39 -34.59
C PRO D 44 -24.22 -3.41 -33.43
N ILE D 45 -25.18 -3.33 -32.51
CA ILE D 45 -25.07 -2.48 -31.34
C ILE D 45 -25.85 -3.11 -30.20
N TYR D 46 -25.18 -3.37 -29.07
CA TYR D 46 -25.82 -3.99 -27.91
C TYR D 46 -25.10 -3.51 -26.65
N SER D 47 -25.68 -3.79 -25.49
CA SER D 47 -25.20 -3.27 -24.22
C SER D 47 -25.10 -4.35 -23.16
N VAL D 48 -24.34 -4.07 -22.11
CA VAL D 48 -24.15 -4.94 -20.98
C VAL D 48 -24.22 -4.07 -19.75
N ARG D 49 -24.82 -4.56 -18.68
CA ARG D 49 -24.98 -3.81 -17.49
C ARG D 49 -24.49 -4.52 -16.25
N MET D 50 -23.74 -3.85 -15.40
CA MET D 50 -23.28 -4.45 -14.18
C MET D 50 -23.49 -3.35 -13.13
N GLY D 51 -24.34 -3.57 -12.13
CA GLY D 51 -24.69 -2.50 -11.22
C GLY D 51 -25.16 -1.28 -11.96
N THR D 52 -24.51 -0.16 -11.67
CA THR D 52 -24.89 1.11 -12.26
C THR D 52 -24.23 1.36 -13.61
N LYS D 53 -23.21 0.57 -13.96
CA LYS D 53 -22.45 0.82 -15.18
C LYS D 53 -23.15 0.15 -16.35
N THR D 54 -23.18 0.86 -17.48
CA THR D 54 -23.69 0.33 -18.74
C THR D 54 -22.59 0.49 -19.78
N THR D 55 -22.40 -0.55 -20.59
CA THR D 55 -21.40 -0.49 -21.64
C THR D 55 -22.04 -0.84 -22.97
N VAL D 56 -21.82 0.01 -23.97
CA VAL D 56 -22.32 -0.20 -25.33
C VAL D 56 -21.15 -0.60 -26.23
N ILE D 57 -21.33 -1.67 -26.99
CA ILE D 57 -20.38 -2.14 -27.97
C ILE D 57 -20.98 -1.90 -29.36
N VAL D 58 -20.22 -1.24 -30.24
CA VAL D 58 -20.68 -0.87 -31.57
C VAL D 58 -19.83 -1.61 -32.60
N GLY D 59 -20.50 -2.26 -33.56
CA GLY D 59 -19.79 -3.08 -34.52
C GLY D 59 -20.14 -2.88 -35.99
N HIS D 60 -20.68 -1.72 -36.36
CA HIS D 60 -20.94 -1.39 -37.75
C HIS D 60 -20.49 0.02 -38.04
N HIS D 61 -19.98 0.29 -39.23
CA HIS D 61 -19.40 1.59 -39.55
C HIS D 61 -20.24 2.81 -39.41
N GLN D 62 -21.50 2.73 -39.82
CA GLN D 62 -22.52 3.71 -39.77
C GLN D 62 -22.80 4.11 -38.37
N LEU D 63 -22.79 3.17 -37.46
CA LEU D 63 -23.01 3.50 -36.10
C LEU D 63 -21.76 4.06 -35.45
N ALA D 64 -20.61 3.54 -35.81
CA ALA D 64 -19.34 3.95 -35.21
C ALA D 64 -18.99 5.37 -35.61
N LYS D 65 -19.21 5.72 -36.88
CA LYS D 65 -18.87 7.06 -37.33
C LYS D 65 -19.74 8.13 -36.68
N GLU D 66 -20.92 7.75 -36.22
CA GLU D 66 -21.74 8.70 -35.45
C GLU D 66 -21.14 8.92 -34.07
N VAL D 67 -20.62 7.86 -33.46
CA VAL D 67 -19.98 7.98 -32.16
C VAL D 67 -18.71 8.80 -32.28
N LEU D 68 -17.93 8.55 -33.30
CA LEU D 68 -16.69 9.22 -33.45
C LEU D 68 -16.69 10.53 -34.19
N ILE D 69 -17.55 10.72 -35.16
CA ILE D 69 -17.51 11.93 -35.93
C ILE D 69 -18.67 12.86 -35.88
N LYS D 70 -19.89 12.41 -36.12
CA LYS D 70 -21.03 13.30 -36.21
C LYS D 70 -21.53 13.72 -34.84
N LYS D 71 -21.27 12.89 -33.85
CA LYS D 71 -21.55 13.25 -32.50
C LYS D 71 -20.30 13.03 -31.69
N GLY D 72 -19.09 13.15 -32.29
CA GLY D 72 -17.81 12.87 -31.67
C GLY D 72 -17.67 13.48 -30.28
N LYS D 73 -18.14 14.73 -30.09
CA LYS D 73 -17.93 15.41 -28.81
C LYS D 73 -18.91 14.96 -27.74
N ASP D 74 -19.99 14.35 -28.10
CA ASP D 74 -20.87 13.82 -27.11
C ASP D 74 -20.29 12.56 -26.50
N PHE D 75 -19.47 11.85 -27.25
CA PHE D 75 -18.86 10.59 -26.85
C PHE D 75 -17.35 10.74 -26.75
N SER D 76 -16.89 11.96 -26.50
CA SER D 76 -15.46 12.24 -26.42
C SER D 76 -14.90 12.00 -25.02
N GLY D 77 -15.69 11.44 -24.13
CA GLY D 77 -15.22 11.16 -22.79
C GLY D 77 -14.44 9.87 -22.73
N ARG D 78 -13.73 9.71 -21.61
CA ARG D 78 -13.02 8.48 -21.33
C ARG D 78 -13.51 7.91 -20.00
N PRO D 79 -13.76 6.61 -19.93
CA PRO D 79 -14.16 6.03 -18.65
C PRO D 79 -13.01 5.96 -17.67
N GLN D 80 -13.31 6.04 -16.38
CA GLN D 80 -12.38 6.00 -15.32
C GLN D 80 -12.13 4.59 -14.92
N MET D 81 -10.94 4.07 -15.04
CA MET D 81 -10.61 2.69 -14.72
C MET D 81 -9.41 2.66 -13.79
N ALA D 82 -9.43 1.76 -12.82
CA ALA D 82 -8.37 1.68 -11.82
C ALA D 82 -7.00 1.46 -12.45
N THR D 83 -6.93 0.63 -13.48
CA THR D 83 -5.65 0.30 -14.09
C THR D 83 -5.09 1.49 -14.85
N LEU D 84 -5.96 2.26 -15.51
CA LEU D 84 -5.50 3.44 -16.24
C LEU D 84 -5.23 4.61 -15.30
N ASP D 85 -5.75 4.56 -14.11
CA ASP D 85 -5.45 5.60 -13.21
C ASP D 85 -4.02 5.48 -12.81
N ILE D 86 -3.49 4.28 -12.71
CA ILE D 86 -2.11 4.10 -12.30
C ILE D 86 -1.16 4.55 -13.39
N ALA D 87 -1.39 4.09 -14.62
CA ALA D 87 -0.52 4.42 -15.75
C ALA D 87 -0.62 5.88 -16.15
N SER D 88 -1.74 6.55 -15.87
CA SER D 88 -1.98 7.92 -16.30
C SER D 88 -1.72 8.94 -15.20
N ASN D 89 -1.20 8.53 -14.05
CA ASN D 89 -1.00 9.43 -12.92
C ASN D 89 -2.28 10.18 -12.59
N ASN D 90 -3.34 9.39 -12.43
CA ASN D 90 -4.70 9.86 -12.13
C ASN D 90 -5.25 10.72 -13.27
N ARG D 91 -5.31 10.10 -14.45
CA ARG D 91 -6.05 10.63 -15.60
C ARG D 91 -5.49 11.98 -16.07
N LYS D 92 -4.18 12.13 -16.00
CA LYS D 92 -3.46 13.15 -16.75
C LYS D 92 -2.99 12.57 -18.10
N GLY D 93 -2.16 13.31 -18.83
CA GLY D 93 -1.78 12.89 -20.17
C GLY D 93 -2.88 13.20 -21.17
N ILE D 94 -2.99 12.37 -22.22
CA ILE D 94 -3.93 12.58 -23.30
C ILE D 94 -4.86 11.38 -23.50
N ALA D 95 -4.29 10.19 -23.67
CA ALA D 95 -5.08 9.06 -24.19
C ALA D 95 -6.14 8.58 -23.20
N PHE D 96 -5.83 8.58 -21.90
CA PHE D 96 -6.73 8.06 -20.89
C PHE D 96 -7.39 9.15 -20.05
N ALA D 97 -7.15 10.41 -20.37
CA ALA D 97 -7.75 11.51 -19.68
C ALA D 97 -9.10 11.87 -20.28
N ASP D 98 -10.01 12.26 -19.40
CA ASP D 98 -11.37 12.62 -19.76
C ASP D 98 -11.43 13.90 -20.59
N SER D 99 -12.57 14.08 -21.25
CA SER D 99 -12.83 15.34 -21.94
C SER D 99 -12.83 16.47 -20.92
N GLY D 100 -12.43 17.62 -21.37
CA GLY D 100 -12.31 18.74 -20.47
C GLY D 100 -11.08 19.54 -20.77
N ALA D 101 -10.74 20.44 -19.83
CA ALA D 101 -9.68 21.41 -20.08
C ALA D 101 -8.29 20.78 -20.20
N HIS D 102 -7.91 19.93 -19.31
CA HIS D 102 -6.61 19.41 -19.37
C HIS D 102 -6.24 18.69 -20.66
N TRP D 103 -7.18 18.00 -21.21
CA TRP D 103 -7.07 17.15 -22.41
C TRP D 103 -7.03 17.96 -23.67
N GLN D 104 -7.89 18.95 -23.75
CA GLN D 104 -7.95 19.78 -24.93
C GLN D 104 -6.67 20.59 -25.09
N LEU D 105 -6.09 21.03 -23.96
CA LEU D 105 -4.85 21.80 -24.00
C LEU D 105 -3.66 20.91 -24.36
N HIS D 106 -3.56 19.78 -23.72
CA HIS D 106 -2.46 18.91 -23.97
C HIS D 106 -2.53 18.24 -25.32
N ARG D 107 -3.71 17.98 -25.80
CA ARG D 107 -3.84 17.42 -27.15
C ARG D 107 -3.43 18.44 -28.20
N ARG D 108 -3.83 19.66 -27.96
CA ARG D 108 -3.49 20.74 -28.84
C ARG D 108 -2.00 20.98 -28.87
N LEU D 109 -1.39 21.11 -27.71
CA LEU D 109 0.01 21.44 -27.66
C LEU D 109 0.83 20.30 -28.20
N ALA D 110 0.40 19.06 -27.99
CA ALA D 110 1.12 17.92 -28.56
C ALA D 110 1.06 17.96 -30.08
N MET D 111 -0.10 18.31 -30.63
CA MET D 111 -0.21 18.41 -32.08
C MET D 111 0.53 19.62 -32.61
N ALA D 112 0.57 20.71 -31.83
CA ALA D 112 1.37 21.86 -32.22
C ALA D 112 2.84 21.49 -32.36
N THR D 113 3.32 20.57 -31.52
CA THR D 113 4.70 20.15 -31.61
C THR D 113 5.00 19.50 -32.95
N PHE D 114 4.07 18.72 -33.45
CA PHE D 114 4.29 18.02 -34.68
C PHE D 114 4.32 18.95 -35.85
N ALA D 115 3.70 20.10 -35.71
CA ALA D 115 3.69 21.11 -36.73
C ALA D 115 5.07 21.64 -36.99
N LEU D 116 5.90 21.77 -35.99
CA LEU D 116 7.23 22.29 -36.17
C LEU D 116 8.05 21.47 -37.13
N PHE D 117 7.93 20.16 -37.03
CA PHE D 117 8.68 19.23 -37.82
C PHE D 117 8.35 19.10 -39.29
N LYS D 118 7.32 19.72 -39.81
CA LYS D 118 7.08 19.60 -41.25
C LYS D 118 8.23 20.23 -42.07
N ASP D 119 8.69 21.42 -41.70
CA ASP D 119 9.73 22.07 -42.48
C ASP D 119 11.00 22.52 -41.72
N GLY D 120 12.10 22.63 -42.46
CA GLY D 120 13.39 23.01 -41.94
C GLY D 120 14.37 21.86 -41.76
N ASP D 121 15.47 22.17 -41.09
CA ASP D 121 16.52 21.20 -40.77
C ASP D 121 15.99 20.13 -39.82
N GLN D 122 15.12 20.55 -38.93
CA GLN D 122 14.40 19.70 -38.02
C GLN D 122 13.23 19.28 -38.87
N LYS D 123 13.36 18.19 -39.59
CA LYS D 123 12.30 17.73 -40.45
C LYS D 123 12.06 16.28 -40.17
N LEU D 124 10.82 15.88 -40.11
CA LEU D 124 10.45 14.55 -39.74
C LEU D 124 11.12 13.49 -40.53
N GLU D 125 11.19 13.63 -41.83
CA GLU D 125 11.85 12.60 -42.63
C GLU D 125 13.33 12.48 -42.27
N LYS D 126 13.96 13.60 -41.91
CA LYS D 126 15.40 13.62 -41.73
C LYS D 126 15.79 12.86 -40.49
N ILE D 127 15.06 13.14 -39.41
CA ILE D 127 15.31 12.47 -38.15
C ILE D 127 14.89 11.04 -38.18
N ILE D 128 13.95 10.65 -39.02
CA ILE D 128 13.56 9.27 -39.05
C ILE D 128 14.56 8.46 -39.81
N CYS D 129 14.93 8.93 -40.97
CA CYS D 129 15.84 8.17 -41.83
C CYS D 129 17.19 7.97 -41.18
N GLN D 130 17.67 8.94 -40.42
CA GLN D 130 18.94 8.84 -39.77
C GLN D 130 18.95 7.64 -38.85
N GLU D 131 17.89 7.44 -38.09
CA GLU D 131 17.76 6.28 -37.23
C GLU D 131 17.56 4.96 -37.96
N ILE D 132 16.95 4.97 -39.12
CA ILE D 132 16.76 3.71 -39.79
C ILE D 132 18.08 3.18 -40.29
N SER D 133 18.94 4.06 -40.78
CA SER D 133 20.23 3.57 -41.24
C SER D 133 20.98 2.89 -40.11
N THR D 134 21.00 3.53 -38.95
CA THR D 134 21.60 2.92 -37.78
C THR D 134 20.92 1.60 -37.46
N LEU D 135 19.59 1.53 -37.63
CA LEU D 135 18.86 0.27 -37.42
C LEU D 135 19.39 -0.82 -38.34
N CYS D 136 19.45 -0.54 -39.64
CA CYS D 136 19.88 -1.53 -40.62
C CYS D 136 21.40 -1.70 -40.62
N ASP D 137 22.14 -0.67 -40.17
CA ASP D 137 23.56 -0.87 -39.93
C ASP D 137 23.77 -1.96 -38.89
N MET D 138 22.93 -1.90 -37.88
CA MET D 138 22.95 -2.85 -36.81
C MET D 138 22.53 -4.19 -37.28
N LEU D 139 21.49 -4.26 -38.09
CA LEU D 139 21.04 -5.55 -38.61
C LEU D 139 22.04 -6.21 -39.54
N ALA D 140 22.84 -5.43 -40.23
CA ALA D 140 23.86 -5.96 -41.11
C ALA D 140 24.82 -6.84 -40.31
N THR D 141 25.22 -6.36 -39.13
CA THR D 141 26.08 -7.08 -38.19
C THR D 141 25.59 -8.49 -37.91
N HIS D 142 24.28 -8.72 -37.95
CA HIS D 142 23.69 -10.03 -37.81
C HIS D 142 23.47 -10.85 -39.08
N ASN D 143 24.09 -10.48 -40.21
CA ASN D 143 23.98 -11.16 -41.48
C ASN D 143 24.02 -12.68 -41.34
N GLY D 144 23.00 -13.32 -41.90
CA GLY D 144 22.96 -14.76 -42.03
C GLY D 144 22.40 -15.56 -40.88
N GLN D 145 22.02 -14.94 -39.76
CA GLN D 145 21.49 -15.71 -38.64
C GLN D 145 20.01 -15.39 -38.42
N SER D 146 19.35 -16.24 -37.62
CA SER D 146 17.94 -16.06 -37.26
C SER D 146 17.84 -15.31 -35.94
N ILE D 147 17.07 -14.22 -35.93
CA ILE D 147 16.99 -13.34 -34.77
C ILE D 147 15.56 -12.84 -34.57
N ASP D 148 15.34 -12.30 -33.36
CA ASP D 148 14.17 -11.51 -33.03
C ASP D 148 14.53 -10.04 -33.21
N ILE D 149 13.91 -9.38 -34.18
CA ILE D 149 14.24 -8.01 -34.55
C ILE D 149 13.55 -6.98 -33.65
N SER D 150 12.88 -7.45 -32.59
CA SER D 150 12.13 -6.55 -31.73
C SER D 150 12.99 -5.40 -31.22
N PHE D 151 14.14 -5.71 -30.60
CA PHE D 151 14.91 -4.67 -29.92
C PHE D 151 15.51 -3.65 -30.88
N PRO D 152 16.18 -4.04 -31.96
CA PRO D 152 16.72 -3.01 -32.88
C PRO D 152 15.64 -2.08 -33.43
N VAL D 153 14.46 -2.63 -33.73
CA VAL D 153 13.34 -1.79 -34.18
C VAL D 153 12.91 -0.86 -33.06
N PHE D 154 12.80 -1.39 -31.84
CA PHE D 154 12.49 -0.58 -30.65
C PHE D 154 13.46 0.59 -30.50
N VAL D 155 14.77 0.33 -30.65
CA VAL D 155 15.76 1.40 -30.51
C VAL D 155 15.53 2.49 -31.54
N ALA D 156 15.24 2.09 -32.79
CA ALA D 156 15.04 3.06 -33.85
C ALA D 156 13.88 4.01 -33.55
N VAL D 157 12.70 3.46 -33.25
CA VAL D 157 11.55 4.31 -33.01
C VAL D 157 11.68 5.05 -31.67
N THR D 158 12.37 4.46 -30.70
CA THR D 158 12.51 5.13 -29.41
C THR D 158 13.29 6.44 -29.54
N ASN D 159 14.26 6.42 -30.41
CA ASN D 159 15.06 7.57 -30.66
C ASN D 159 14.34 8.64 -31.37
N VAL D 160 13.56 8.23 -32.34
CA VAL D 160 12.74 9.15 -33.11
C VAL D 160 11.86 9.96 -32.16
N ILE D 161 11.14 9.27 -31.29
CA ILE D 161 10.22 9.97 -30.39
C ILE D 161 10.99 10.72 -29.32
N SER D 162 12.17 10.24 -28.94
CA SER D 162 12.94 10.93 -27.91
C SER D 162 13.53 12.23 -28.43
N LEU D 163 13.87 12.28 -29.72
CA LEU D 163 14.28 13.55 -30.32
C LEU D 163 13.10 14.49 -30.45
N ILE D 164 11.92 13.96 -30.79
CA ILE D 164 10.74 14.80 -30.94
C ILE D 164 10.36 15.45 -29.61
N CYS D 165 10.58 14.76 -28.50
CA CYS D 165 10.18 15.28 -27.21
C CYS D 165 11.27 16.07 -26.52
N PHE D 166 12.53 15.67 -26.68
CA PHE D 166 13.63 16.27 -25.95
C PHE D 166 14.78 16.72 -26.84
N ASN D 167 14.78 16.39 -28.13
CA ASN D 167 15.96 16.57 -28.96
C ASN D 167 17.17 15.85 -28.35
N THR D 168 16.97 14.59 -27.98
CA THR D 168 18.05 13.74 -27.49
C THR D 168 17.91 12.37 -28.14
N SER D 169 19.03 11.68 -28.26
CA SER D 169 19.06 10.36 -28.85
C SER D 169 19.91 9.44 -28.00
N TYR D 170 19.70 8.14 -28.19
CA TYR D 170 20.46 7.13 -27.45
C TYR D 170 21.49 6.47 -28.37
N LYS D 171 22.74 6.40 -27.90
CA LYS D 171 23.82 5.69 -28.59
C LYS D 171 23.63 4.19 -28.36
N ASN D 172 24.15 3.43 -29.31
CA ASN D 172 24.04 2.01 -29.28
C ASN D 172 24.63 1.48 -28.02
N GLY D 173 23.98 0.55 -27.41
CA GLY D 173 24.49 0.02 -26.18
C GLY D 173 24.15 0.79 -24.93
N ASP D 174 23.54 1.98 -25.06
CA ASP D 174 23.15 2.74 -23.87
C ASP D 174 22.21 1.88 -23.03
N PRO D 175 22.52 1.63 -21.75
CA PRO D 175 21.64 0.75 -20.97
C PRO D 175 20.23 1.32 -20.75
N GLU D 176 20.05 2.63 -20.83
CA GLU D 176 18.74 3.22 -20.65
C GLU D 176 17.71 2.66 -21.63
N LEU D 177 18.16 2.22 -22.81
CA LEU D 177 17.23 1.64 -23.76
C LEU D 177 16.58 0.39 -23.18
N ASN D 178 17.36 -0.44 -22.49
CA ASN D 178 16.82 -1.66 -21.90
C ASN D 178 15.96 -1.34 -20.68
N VAL D 179 16.27 -0.24 -19.99
CA VAL D 179 15.39 0.23 -18.93
C VAL D 179 14.02 0.56 -19.51
N ILE D 180 14.00 1.29 -20.63
CA ILE D 180 12.74 1.67 -21.24
C ILE D 180 12.02 0.43 -21.77
N GLN D 181 12.72 -0.44 -22.49
CA GLN D 181 12.07 -1.62 -23.03
C GLN D 181 11.43 -2.42 -21.91
N ASN D 182 12.14 -2.53 -20.78
CA ASN D 182 11.64 -3.35 -19.68
C ASN D 182 10.35 -2.79 -19.10
N TYR D 183 10.31 -1.49 -18.89
CA TYR D 183 9.16 -0.86 -18.31
C TYR D 183 8.04 -0.70 -19.30
N ASN D 184 8.38 -0.63 -20.55
CA ASN D 184 7.40 -0.52 -21.55
C ASN D 184 6.66 -1.79 -21.64
N GLU D 185 7.40 -2.86 -21.61
CA GLU D 185 6.89 -4.15 -21.73
C GLU D 185 6.08 -4.44 -20.54
N GLY D 186 6.55 -4.16 -19.29
CA GLY D 186 5.89 -4.46 -18.02
C GLY D 186 4.58 -3.72 -17.86
N ILE D 187 4.55 -2.44 -18.27
CA ILE D 187 3.34 -1.66 -18.15
C ILE D 187 2.27 -2.21 -19.07
N ILE D 188 2.62 -2.47 -20.33
CA ILE D 188 1.65 -3.02 -21.26
C ILE D 188 1.13 -4.36 -20.75
N ASP D 189 2.04 -5.23 -20.29
CA ASP D 189 1.66 -6.59 -19.92
C ASP D 189 0.78 -6.63 -18.68
N ASN D 190 0.95 -5.69 -17.75
CA ASN D 190 0.17 -5.71 -16.52
C ASN D 190 -1.03 -4.76 -16.55
N LEU D 191 -1.17 -3.93 -17.58
CA LEU D 191 -2.32 -3.02 -17.61
C LEU D 191 -3.61 -3.76 -17.86
N SER D 192 -3.56 -4.83 -18.66
CA SER D 192 -4.77 -5.56 -19.03
C SER D 192 -4.40 -6.91 -19.64
N LYS D 193 -5.35 -7.84 -19.57
CA LYS D 193 -5.22 -9.12 -20.25
C LYS D 193 -5.88 -9.13 -21.62
N ASP D 194 -6.61 -8.12 -21.98
CA ASP D 194 -7.14 -8.08 -23.32
C ASP D 194 -7.18 -6.59 -23.72
N SER D 195 -8.01 -6.15 -24.66
CA SER D 195 -8.27 -4.74 -24.91
C SER D 195 -8.98 -4.15 -23.70
N LEU D 196 -8.84 -2.85 -23.51
CA LEU D 196 -9.43 -2.19 -22.35
C LEU D 196 -10.95 -2.15 -22.41
N VAL D 197 -11.58 -2.46 -21.27
CA VAL D 197 -13.03 -2.40 -21.08
C VAL D 197 -13.27 -2.17 -19.59
N ASP D 198 -13.98 -1.10 -19.24
CA ASP D 198 -14.27 -0.81 -17.83
C ASP D 198 -15.17 -1.87 -17.20
N LEU D 199 -15.86 -2.68 -18.00
CA LEU D 199 -16.63 -3.78 -17.44
C LEU D 199 -15.75 -4.69 -16.58
N VAL D 200 -14.51 -4.89 -17.01
CA VAL D 200 -13.57 -5.81 -16.35
C VAL D 200 -12.76 -5.15 -15.24
N PRO D 201 -12.74 -5.73 -14.02
CA PRO D 201 -11.85 -5.26 -12.93
C PRO D 201 -10.46 -5.84 -13.12
N TRP D 202 -9.69 -5.24 -14.04
CA TRP D 202 -8.46 -5.86 -14.52
C TRP D 202 -7.50 -6.20 -13.38
N LEU D 203 -7.37 -5.30 -12.40
CA LEU D 203 -6.40 -5.52 -11.34
C LEU D 203 -6.85 -6.53 -10.31
N LYS D 204 -8.14 -6.76 -10.20
CA LYS D 204 -8.62 -7.67 -9.21
C LYS D 204 -9.24 -8.94 -9.68
N ILE D 205 -9.08 -9.36 -10.91
CA ILE D 205 -9.77 -10.57 -11.36
C ILE D 205 -9.03 -11.84 -10.95
N PHE D 206 -7.69 -11.80 -10.87
CA PHE D 206 -6.94 -13.01 -10.57
C PHE D 206 -6.08 -12.85 -9.32
N PRO D 207 -5.74 -13.96 -8.69
CA PRO D 207 -4.90 -13.90 -7.52
C PRO D 207 -3.45 -13.79 -7.85
N ASN D 208 -3.05 -12.81 -8.63
CA ASN D 208 -1.69 -12.63 -9.00
C ASN D 208 -1.35 -11.28 -8.31
N LYS D 209 -0.33 -10.57 -8.74
CA LYS D 209 -0.09 -9.28 -8.13
C LYS D 209 0.01 -8.33 -9.27
N THR D 210 -1.09 -8.18 -10.01
CA THR D 210 -1.10 -7.34 -11.18
C THR D 210 -0.93 -5.90 -10.82
N LEU D 211 -1.56 -5.48 -9.74
CA LEU D 211 -1.49 -4.10 -9.31
C LEU D 211 -0.08 -3.72 -8.84
N GLU D 212 0.52 -4.59 -8.05
CA GLU D 212 1.84 -4.26 -7.49
C GLU D 212 2.87 -4.17 -8.59
N LYS D 213 2.83 -5.10 -9.55
CA LYS D 213 3.78 -5.07 -10.65
C LYS D 213 3.56 -3.87 -11.57
N LEU D 214 2.30 -3.52 -11.83
CA LEU D 214 2.04 -2.37 -12.69
C LEU D 214 2.61 -1.10 -12.07
N LYS D 215 2.38 -0.93 -10.77
CA LYS D 215 2.98 0.19 -10.05
C LYS D 215 4.51 0.16 -10.17
N SER D 216 5.11 -1.04 -10.12
CA SER D 216 6.57 -1.14 -10.17
C SER D 216 7.12 -0.50 -11.43
N HIS D 217 6.56 -0.88 -12.59
CA HIS D 217 7.10 -0.36 -13.85
C HIS D 217 6.74 1.09 -14.05
N VAL D 218 5.53 1.49 -13.64
CA VAL D 218 5.13 2.88 -13.79
C VAL D 218 6.03 3.77 -12.95
N LYS D 219 6.49 3.28 -11.80
CA LYS D 219 7.39 4.07 -10.97
C LYS D 219 8.74 4.28 -11.66
N ILE D 220 9.26 3.25 -12.33
CA ILE D 220 10.51 3.41 -13.06
C ILE D 220 10.32 4.39 -14.22
N ARG D 221 9.19 4.27 -14.92
CA ARG D 221 8.86 5.24 -15.95
C ARG D 221 8.77 6.65 -15.37
N ASN D 222 7.97 6.81 -14.32
CA ASN D 222 7.78 8.14 -13.74
C ASN D 222 9.08 8.71 -13.19
N ASP D 223 9.88 7.88 -12.51
CA ASP D 223 11.15 8.35 -11.98
C ASP D 223 12.10 8.74 -13.10
N LEU D 224 12.08 8.00 -14.20
CA LEU D 224 13.03 8.26 -15.26
C LEU D 224 12.75 9.57 -15.97
N LEU D 225 11.47 9.85 -16.24
CA LEU D 225 11.13 11.07 -16.95
C LEU D 225 11.08 12.24 -16.00
N ASN D 226 10.90 12.00 -14.71
CA ASN D 226 11.00 13.10 -13.75
C ASN D 226 12.42 13.66 -13.74
N LYS D 227 13.43 12.80 -13.83
CA LYS D 227 14.82 13.28 -13.86
C LYS D 227 15.09 14.03 -15.15
N ILE D 228 14.65 13.48 -16.29
CA ILE D 228 14.83 14.18 -17.55
C ILE D 228 14.14 15.54 -17.52
N LEU D 229 13.06 15.65 -16.80
CA LEU D 229 12.42 16.91 -16.76
C LEU D 229 13.15 17.80 -15.79
N GLU D 230 13.70 17.26 -14.74
CA GLU D 230 14.46 18.08 -13.82
C GLU D 230 15.73 18.57 -14.43
N ASN D 231 16.38 17.73 -15.23
CA ASN D 231 17.64 18.11 -15.86
C ASN D 231 17.42 19.10 -16.99
N TYR D 232 16.27 18.99 -17.65
CA TYR D 232 15.96 19.87 -18.77
C TYR D 232 15.83 21.36 -18.43
N LYS D 233 15.31 21.63 -17.25
CA LYS D 233 15.04 22.98 -16.78
C LYS D 233 16.15 23.99 -17.05
N GLU D 234 17.38 23.57 -16.90
CA GLU D 234 18.52 24.38 -17.25
C GLU D 234 18.65 24.61 -18.74
N LYS D 235 18.38 23.61 -19.55
CA LYS D 235 18.56 23.75 -20.96
C LYS D 235 17.45 24.55 -21.60
N PHE D 236 16.27 24.68 -20.97
CA PHE D 236 15.16 25.36 -21.63
C PHE D 236 15.42 26.86 -21.77
N ARG D 237 15.12 27.40 -22.95
CA ARG D 237 15.15 28.84 -23.17
C ARG D 237 13.94 29.26 -23.98
N SER D 238 13.34 30.38 -23.57
CA SER D 238 12.08 30.81 -24.18
C SER D 238 12.20 31.04 -25.69
N ASP D 239 13.39 31.42 -26.17
CA ASP D 239 13.59 31.78 -27.57
C ASP D 239 13.93 30.59 -28.48
N SER D 240 13.89 29.36 -27.98
CA SER D 240 14.17 28.17 -28.79
C SER D 240 13.11 27.12 -28.47
N ILE D 241 12.14 26.95 -29.37
CA ILE D 241 11.08 25.96 -29.21
C ILE D 241 11.23 24.94 -30.32
N THR D 242 11.77 23.77 -29.98
CA THR D 242 12.20 22.77 -30.94
C THR D 242 11.67 21.37 -30.65
N ASN D 243 10.85 21.12 -29.64
CA ASN D 243 10.45 19.81 -29.24
C ASN D 243 9.27 19.90 -28.30
N MET D 244 8.73 18.77 -27.93
CA MET D 244 7.60 18.74 -27.04
C MET D 244 7.82 19.28 -25.69
N LEU D 245 8.96 19.05 -25.08
CA LEU D 245 9.15 19.60 -23.76
C LEU D 245 9.16 21.12 -23.81
N ASP D 246 9.77 21.71 -24.81
CA ASP D 246 9.79 23.15 -24.94
C ASP D 246 8.39 23.67 -25.07
N THR D 247 7.61 23.10 -25.99
CA THR D 247 6.24 23.52 -26.21
C THR D 247 5.43 23.56 -24.92
N LEU D 248 5.59 22.55 -24.06
CA LEU D 248 4.79 22.50 -22.85
C LEU D 248 5.28 23.52 -21.81
N MET D 249 6.61 23.68 -21.66
CA MET D 249 7.12 24.63 -20.68
C MET D 249 6.96 26.07 -21.15
N GLN D 250 7.02 26.30 -22.46
CA GLN D 250 6.63 27.59 -23.01
C GLN D 250 5.21 27.95 -22.62
N ALA D 251 4.28 26.98 -22.72
CA ALA D 251 2.89 27.23 -22.37
C ALA D 251 2.74 27.56 -20.88
N LYS D 252 3.46 26.84 -20.01
CA LYS D 252 3.31 27.11 -18.59
C LYS D 252 3.89 28.46 -18.22
N MET D 253 4.86 28.95 -18.99
CA MET D 253 5.44 30.26 -18.72
C MET D 253 4.52 31.37 -19.21
N ASN D 254 3.83 31.15 -20.34
CA ASN D 254 2.93 32.19 -20.81
C ASN D 254 1.64 32.18 -20.01
N SER D 255 1.39 31.08 -19.32
CA SER D 255 0.37 31.02 -18.29
C SER D 255 0.73 31.87 -17.07
N ASP D 256 2.01 31.98 -16.73
CA ASP D 256 2.39 32.78 -15.57
C ASP D 256 2.57 34.24 -15.98
N GLN D 264 -6.03 30.81 -16.74
CA GLN D 264 -6.37 29.65 -15.93
C GLN D 264 -5.33 28.56 -16.06
N ASP D 265 -4.65 28.54 -17.20
CA ASP D 265 -3.98 27.35 -17.68
C ASP D 265 -2.93 26.81 -16.71
N SER D 266 -2.57 27.51 -15.63
CA SER D 266 -1.28 27.22 -15.02
C SER D 266 -1.25 25.91 -14.24
N GLU D 267 -2.32 25.61 -13.56
CA GLU D 267 -2.35 24.41 -12.82
C GLU D 267 -2.57 23.24 -13.75
N LEU D 268 -3.06 23.46 -14.96
CA LEU D 268 -3.18 22.34 -15.86
C LEU D 268 -1.84 22.01 -16.46
N LEU D 269 -0.77 22.79 -16.16
CA LEU D 269 0.56 22.50 -16.68
C LEU D 269 1.60 22.34 -15.57
N SER D 270 1.19 21.73 -14.46
CA SER D 270 2.15 21.38 -13.41
C SER D 270 3.17 20.40 -13.98
N ASP D 271 4.20 20.11 -13.19
CA ASP D 271 5.24 19.23 -13.72
C ASP D 271 4.70 17.83 -14.01
N ASN D 272 3.79 17.33 -13.18
CA ASN D 272 3.26 16.00 -13.41
C ASN D 272 2.24 15.95 -14.54
N HIS D 273 1.56 17.06 -14.82
CA HIS D 273 0.78 17.13 -16.05
C HIS D 273 1.70 17.06 -17.26
N ILE D 274 2.78 17.84 -17.24
CA ILE D 274 3.73 17.83 -18.36
C ILE D 274 4.39 16.46 -18.47
N LEU D 275 4.74 15.86 -17.34
CA LEU D 275 5.39 14.55 -17.34
C LEU D 275 4.50 13.49 -18.00
N THR D 276 3.23 13.40 -17.58
CA THR D 276 2.36 12.34 -18.08
C THR D 276 2.06 12.50 -19.57
N THR D 277 1.89 13.75 -20.03
CA THR D 277 1.68 13.98 -21.45
C THR D 277 2.91 13.53 -22.24
N ILE D 278 4.11 13.85 -21.74
CA ILE D 278 5.32 13.32 -22.36
C ILE D 278 5.29 11.81 -22.35
N GLY D 279 4.88 11.21 -21.22
CA GLY D 279 4.84 9.77 -21.12
C GLY D 279 3.92 9.11 -22.13
N ASP D 280 2.75 9.70 -22.36
CA ASP D 280 1.82 9.14 -23.35
C ASP D 280 2.44 9.17 -24.75
N ILE D 281 3.02 10.32 -25.12
CA ILE D 281 3.62 10.46 -26.44
C ILE D 281 4.80 9.51 -26.57
N PHE D 282 5.64 9.44 -25.54
CA PHE D 282 6.80 8.55 -25.56
C PHE D 282 6.37 7.09 -25.68
N GLY D 283 5.42 6.67 -24.84
CA GLY D 283 4.97 5.29 -24.85
C GLY D 283 4.25 4.93 -26.15
N ALA D 284 3.38 5.82 -26.63
CA ALA D 284 2.66 5.56 -27.87
C ALA D 284 3.61 5.52 -29.07
N GLY D 285 4.59 6.43 -29.10
CA GLY D 285 5.49 6.51 -30.24
C GLY D 285 6.33 5.26 -30.44
N VAL D 286 6.51 4.46 -29.41
CA VAL D 286 7.41 3.32 -29.47
C VAL D 286 6.65 2.00 -29.68
N GLU D 287 5.66 1.74 -28.85
CA GLU D 287 5.06 0.41 -28.86
C GLU D 287 4.17 0.18 -30.06
N THR D 288 3.57 1.25 -30.58
CA THR D 288 2.64 1.09 -31.70
C THR D 288 3.38 0.75 -32.98
N THR D 289 4.30 1.62 -33.40
CA THR D 289 5.01 1.41 -34.65
C THR D 289 5.81 0.12 -34.59
N THR D 290 6.51 -0.12 -33.49
CA THR D 290 7.26 -1.37 -33.38
C THR D 290 6.36 -2.57 -33.64
N SER D 291 5.12 -2.53 -33.14
CA SER D 291 4.22 -3.68 -33.27
C SER D 291 3.79 -3.91 -34.70
N VAL D 292 3.39 -2.84 -35.41
CA VAL D 292 2.92 -3.01 -36.79
C VAL D 292 4.08 -3.40 -37.68
N VAL D 293 5.27 -2.84 -37.44
CA VAL D 293 6.45 -3.26 -38.18
C VAL D 293 6.68 -4.75 -37.98
N LYS D 294 6.61 -5.22 -36.74
CA LYS D 294 6.74 -6.63 -36.46
C LYS D 294 5.63 -7.43 -37.14
N TRP D 295 4.41 -6.89 -37.13
CA TRP D 295 3.28 -7.58 -37.75
C TRP D 295 3.48 -7.77 -39.24
N THR D 296 3.97 -6.73 -39.92
CA THR D 296 4.08 -6.79 -41.38
C THR D 296 5.08 -7.86 -41.81
N LEU D 297 6.26 -7.90 -41.19
CA LEU D 297 7.25 -8.91 -41.54
C LEU D 297 6.68 -10.31 -41.39
N ALA D 298 5.91 -10.53 -40.32
CA ALA D 298 5.30 -11.85 -40.13
C ALA D 298 4.36 -12.19 -41.27
N PHE D 299 3.63 -11.20 -41.80
CA PHE D 299 2.75 -11.46 -42.94
C PHE D 299 3.54 -11.75 -44.20
N LEU D 300 4.60 -10.99 -44.45
CA LEU D 300 5.41 -11.22 -45.64
C LEU D 300 6.07 -12.59 -45.59
N LEU D 301 6.46 -13.04 -44.39
CA LEU D 301 6.98 -14.39 -44.26
C LEU D 301 5.93 -15.42 -44.61
N HIS D 302 4.65 -15.09 -44.44
CA HIS D 302 3.55 -16.00 -44.74
C HIS D 302 3.03 -15.93 -46.17
N ASN D 303 3.36 -14.88 -46.93
CA ASN D 303 2.86 -14.68 -48.28
C ASN D 303 3.99 -14.21 -49.16
N PRO D 304 4.87 -15.13 -49.60
CA PRO D 304 6.05 -14.73 -50.37
C PRO D 304 5.75 -13.98 -51.66
N GLN D 305 4.68 -14.30 -52.38
CA GLN D 305 4.42 -13.54 -53.61
C GLN D 305 4.36 -12.03 -53.35
N VAL D 306 3.61 -11.63 -52.31
CA VAL D 306 3.59 -10.20 -51.98
C VAL D 306 4.99 -9.77 -51.58
N LYS D 307 5.75 -10.62 -50.94
CA LYS D 307 7.14 -10.27 -50.64
C LYS D 307 7.96 -10.13 -51.92
N LYS D 308 7.85 -11.09 -52.82
CA LYS D 308 8.55 -11.13 -54.09
C LYS D 308 8.13 -9.98 -54.96
N LYS D 309 6.84 -9.69 -54.97
CA LYS D 309 6.34 -8.57 -55.72
C LYS D 309 6.86 -7.29 -55.14
N LEU D 310 6.98 -7.26 -53.82
CA LEU D 310 7.48 -6.07 -53.17
C LEU D 310 8.86 -5.81 -53.59
N TYR D 311 9.66 -6.86 -53.59
CA TYR D 311 11.05 -6.75 -53.99
C TYR D 311 11.10 -6.21 -55.39
N GLU D 312 10.28 -6.75 -56.27
CA GLU D 312 10.28 -6.27 -57.64
C GLU D 312 9.83 -4.83 -57.74
N GLU D 313 8.80 -4.46 -57.00
CA GLU D 313 8.30 -3.09 -57.10
C GLU D 313 9.34 -2.09 -56.65
N ILE D 314 10.00 -2.38 -55.54
CA ILE D 314 10.99 -1.48 -55.02
C ILE D 314 12.23 -1.38 -55.92
N ASP D 315 12.66 -2.49 -56.49
CA ASP D 315 13.85 -2.44 -57.31
C ASP D 315 13.70 -1.50 -58.48
N GLN D 316 12.60 -1.63 -59.20
CA GLN D 316 12.36 -0.78 -60.35
C GLN D 316 12.09 0.67 -60.03
N ASN D 317 11.25 0.89 -59.04
CA ASN D 317 10.84 2.23 -58.65
C ASN D 317 11.87 3.16 -58.03
N VAL D 318 12.72 2.62 -57.18
CA VAL D 318 13.76 3.45 -56.58
C VAL D 318 15.16 2.96 -56.95
N GLY D 319 15.45 1.67 -56.80
CA GLY D 319 16.72 1.16 -57.19
C GLY D 319 17.74 1.34 -56.11
N PHE D 320 18.99 1.02 -56.40
CA PHE D 320 20.02 1.14 -55.41
C PHE D 320 20.83 2.39 -55.50
N SER D 321 20.47 3.32 -56.35
CA SER D 321 21.25 4.52 -56.45
C SER D 321 21.22 5.28 -55.15
N ARG D 322 20.05 5.39 -54.57
CA ARG D 322 19.86 6.16 -53.38
C ARG D 322 18.94 5.44 -52.45
N THR D 323 18.78 5.99 -51.25
CA THR D 323 17.91 5.39 -50.29
C THR D 323 16.44 5.83 -50.43
N PRO D 324 15.44 4.98 -49.91
CA PRO D 324 14.03 5.37 -50.04
C PRO D 324 13.78 6.69 -49.34
N THR D 325 12.80 7.41 -49.85
CA THR D 325 12.41 8.70 -49.31
C THR D 325 10.90 8.71 -49.19
N ILE D 326 10.40 9.67 -48.44
CA ILE D 326 8.96 9.83 -48.35
C ILE D 326 8.35 10.11 -49.71
N SER D 327 9.10 10.71 -50.65
CA SER D 327 8.59 10.92 -52.01
C SER D 327 8.24 9.65 -52.70
N ASP D 328 8.79 8.51 -52.30
CA ASP D 328 8.51 7.24 -52.90
C ASP D 328 7.22 6.57 -52.51
N ARG D 329 6.42 7.22 -51.65
CA ARG D 329 5.13 6.62 -51.42
C ARG D 329 4.35 6.81 -52.71
N ASN D 330 4.61 7.88 -53.46
CA ASN D 330 3.88 8.10 -54.69
C ASN D 330 4.08 7.01 -55.76
N ARG D 331 5.20 6.33 -55.66
CA ARG D 331 5.60 5.34 -56.59
C ARG D 331 5.66 3.93 -56.04
N LEU D 332 5.84 3.73 -54.76
CA LEU D 332 5.84 2.36 -54.23
C LEU D 332 4.45 2.13 -53.70
N LEU D 333 3.48 1.85 -54.56
CA LEU D 333 2.14 1.80 -54.01
C LEU D 333 1.72 0.42 -53.53
N LEU D 334 2.31 -0.67 -53.98
CA LEU D 334 1.94 -1.92 -53.33
C LEU D 334 2.46 -1.95 -51.89
N LEU D 335 3.53 -1.24 -51.58
CA LEU D 335 4.04 -1.29 -50.20
C LEU D 335 3.08 -0.60 -49.24
N GLU D 336 2.61 0.51 -49.73
CA GLU D 336 1.67 1.38 -49.11
C GLU D 336 0.37 0.68 -48.89
N ALA D 337 -0.05 -0.09 -49.87
CA ALA D 337 -1.24 -0.94 -49.77
C ALA D 337 -1.00 -2.11 -48.81
N THR D 338 0.21 -2.70 -48.82
CA THR D 338 0.52 -3.76 -47.88
C THR D 338 0.44 -3.26 -46.44
N ILE D 339 0.94 -2.06 -46.18
CA ILE D 339 0.82 -1.50 -44.84
C ILE D 339 -0.66 -1.32 -44.48
N ARG D 340 -1.43 -0.76 -45.41
CA ARG D 340 -2.86 -0.55 -45.16
C ARG D 340 -3.55 -1.86 -44.83
N GLU D 341 -3.18 -2.93 -45.52
CA GLU D 341 -3.85 -4.20 -45.29
C GLU D 341 -3.50 -4.77 -43.93
N VAL D 342 -2.27 -4.53 -43.46
CA VAL D 342 -1.90 -4.97 -42.12
C VAL D 342 -2.67 -4.20 -41.07
N LEU D 343 -2.79 -2.87 -41.25
CA LEU D 343 -3.57 -2.06 -40.31
C LEU D 343 -5.05 -2.42 -40.34
N ARG D 344 -5.51 -3.12 -41.38
CA ARG D 344 -6.87 -3.63 -41.41
C ARG D 344 -6.97 -4.97 -40.68
N LEU D 345 -6.18 -5.94 -41.12
CA LEU D 345 -6.29 -7.30 -40.61
C LEU D 345 -5.89 -7.37 -39.14
N ARG D 346 -4.97 -6.52 -38.70
CA ARG D 346 -4.46 -6.53 -37.32
C ARG D 346 -4.33 -5.08 -36.84
N PRO D 347 -5.45 -4.45 -36.53
CA PRO D 347 -5.39 -3.05 -36.11
C PRO D 347 -4.59 -2.89 -34.82
N VAL D 348 -3.87 -1.77 -34.72
CA VAL D 348 -3.11 -1.50 -33.50
C VAL D 348 -4.03 -1.56 -32.29
N ALA D 349 -5.22 -1.05 -32.48
CA ALA D 349 -6.19 -1.02 -31.47
C ALA D 349 -7.50 -1.55 -31.99
N PRO D 350 -7.80 -2.82 -31.87
CA PRO D 350 -9.03 -3.39 -32.39
C PRO D 350 -10.29 -2.95 -31.76
N MET D 351 -10.25 -2.51 -30.53
CA MET D 351 -11.40 -1.96 -29.93
C MET D 351 -11.17 -0.50 -29.63
N LEU D 352 -10.26 0.12 -30.37
CA LEU D 352 -9.87 1.51 -30.20
C LEU D 352 -9.49 1.73 -28.67
N ILE D 353 -9.73 2.89 -28.09
CA ILE D 353 -9.68 3.11 -26.65
C ILE D 353 -11.12 3.38 -26.22
N PRO D 354 -11.55 2.92 -25.04
CA PRO D 354 -12.95 3.15 -24.65
C PRO D 354 -13.31 4.63 -24.66
N HIS D 355 -14.52 4.92 -25.16
CA HIS D 355 -15.14 6.24 -25.11
C HIS D 355 -16.20 6.26 -24.01
N LYS D 356 -16.74 7.45 -23.74
CA LYS D 356 -17.79 7.61 -22.74
C LYS D 356 -18.73 8.71 -23.20
N ALA D 357 -20.02 8.52 -22.96
CA ALA D 357 -20.99 9.56 -23.26
C ALA D 357 -20.91 10.62 -22.17
N ASN D 358 -20.54 11.83 -22.55
CA ASN D 358 -20.50 12.90 -21.62
C ASN D 358 -21.84 13.46 -21.35
N VAL D 359 -22.79 13.29 -22.26
CA VAL D 359 -24.15 13.80 -22.11
C VAL D 359 -25.13 12.73 -22.58
N ASP D 360 -26.40 12.89 -22.19
CA ASP D 360 -27.44 12.05 -22.76
C ASP D 360 -27.41 12.20 -24.26
N SER D 361 -27.31 11.12 -25.02
CA SER D 361 -27.14 11.23 -26.44
C SER D 361 -27.75 9.97 -27.11
N SER D 362 -27.44 9.66 -28.34
CA SER D 362 -28.00 8.53 -29.07
C SER D 362 -26.98 7.93 -30.03
N ILE D 363 -27.20 6.68 -30.42
CA ILE D 363 -26.41 6.13 -31.51
C ILE D 363 -27.45 5.55 -32.46
N GLY D 364 -27.45 6.03 -33.69
CA GLY D 364 -28.58 5.71 -34.56
C GLY D 364 -29.84 6.19 -33.87
N GLU D 365 -30.79 5.28 -33.63
CA GLU D 365 -32.02 5.61 -32.94
C GLU D 365 -32.06 5.09 -31.50
N PHE D 366 -30.95 4.58 -30.98
CA PHE D 366 -30.92 4.05 -29.63
C PHE D 366 -30.45 5.13 -28.64
N ALA D 367 -31.10 5.18 -27.48
CA ALA D 367 -30.72 6.14 -26.46
C ALA D 367 -29.44 5.68 -25.77
N VAL D 368 -28.60 6.65 -25.40
CA VAL D 368 -27.37 6.40 -24.65
C VAL D 368 -27.32 7.39 -23.50
N ASP D 369 -27.29 6.89 -22.27
CA ASP D 369 -27.32 7.73 -21.09
C ASP D 369 -25.95 8.35 -20.84
N LYS D 370 -25.99 9.53 -20.22
CA LYS D 370 -24.77 10.15 -19.71
C LYS D 370 -23.99 9.12 -18.89
N GLY D 371 -22.68 9.14 -19.05
CA GLY D 371 -21.81 8.26 -18.29
C GLY D 371 -21.63 6.90 -18.87
N THR D 372 -22.36 6.54 -19.93
CA THR D 372 -22.25 5.22 -20.51
C THR D 372 -20.90 5.04 -21.21
N GLU D 373 -20.30 3.88 -20.99
CA GLU D 373 -19.08 3.51 -21.69
C GLU D 373 -19.42 3.02 -23.08
N VAL D 374 -18.72 3.53 -24.08
CA VAL D 374 -18.96 3.19 -25.48
C VAL D 374 -17.67 2.68 -26.10
N ILE D 375 -17.74 1.50 -26.72
CA ILE D 375 -16.59 0.83 -27.29
C ILE D 375 -16.89 0.56 -28.76
N ILE D 376 -15.99 1.01 -29.62
CA ILE D 376 -16.06 0.73 -31.05
C ILE D 376 -15.28 -0.55 -31.32
N ASN D 377 -15.96 -1.55 -31.90
CA ASN D 377 -15.30 -2.80 -32.27
C ASN D 377 -14.73 -2.63 -33.68
N LEU D 378 -13.52 -2.03 -33.74
CA LEU D 378 -12.86 -1.79 -35.02
C LEU D 378 -12.58 -3.09 -35.75
N TRP D 379 -12.31 -4.17 -35.01
CA TRP D 379 -12.10 -5.45 -35.65
C TRP D 379 -13.33 -5.85 -36.46
N ALA D 380 -14.53 -5.61 -35.88
CA ALA D 380 -15.77 -5.92 -36.58
C ALA D 380 -15.95 -5.05 -37.82
N LEU D 381 -15.59 -3.76 -37.74
CA LEU D 381 -15.68 -2.91 -38.92
C LEU D 381 -14.75 -3.43 -40.01
N HIS D 382 -13.56 -3.89 -39.61
CA HIS D 382 -12.53 -4.29 -40.57
C HIS D 382 -12.72 -5.69 -41.11
N HIS D 383 -13.68 -6.45 -40.58
CA HIS D 383 -13.98 -7.79 -41.05
C HIS D 383 -15.43 -7.91 -41.49
N ASN D 384 -16.12 -6.78 -41.62
CA ASN D 384 -17.50 -6.80 -42.11
C ASN D 384 -17.51 -7.47 -43.46
N GLU D 385 -18.28 -8.56 -43.58
CA GLU D 385 -18.21 -9.36 -44.80
C GLU D 385 -18.93 -8.70 -45.97
N LYS D 386 -19.80 -7.72 -45.70
CA LYS D 386 -20.49 -7.00 -46.76
C LYS D 386 -19.72 -5.78 -47.24
N GLU D 387 -18.71 -5.34 -46.50
CA GLU D 387 -17.87 -4.21 -46.90
C GLU D 387 -16.50 -4.63 -47.40
N TRP D 388 -16.12 -5.89 -47.22
CA TRP D 388 -14.79 -6.37 -47.59
C TRP D 388 -14.91 -7.69 -48.34
N HIS D 389 -14.04 -7.91 -49.30
CA HIS D 389 -14.08 -9.17 -50.01
C HIS D 389 -13.02 -10.02 -49.38
N GLN D 390 -13.34 -11.21 -48.94
CA GLN D 390 -12.41 -12.06 -48.25
C GLN D 390 -11.69 -11.36 -47.15
N PRO D 391 -12.42 -11.04 -46.09
CA PRO D 391 -11.80 -10.33 -45.00
C PRO D 391 -10.95 -11.21 -44.13
N ASP D 392 -11.03 -12.52 -44.32
CA ASP D 392 -10.21 -13.44 -43.54
C ASP D 392 -8.78 -13.48 -44.03
N GLN D 393 -8.59 -13.08 -45.27
CA GLN D 393 -7.34 -13.24 -45.93
C GLN D 393 -6.47 -12.00 -46.10
N PHE D 394 -5.19 -12.23 -46.28
CA PHE D 394 -4.22 -11.13 -46.42
C PHE D 394 -4.09 -10.76 -47.91
N MET D 395 -4.69 -9.64 -48.33
CA MET D 395 -4.69 -9.24 -49.74
C MET D 395 -4.40 -7.76 -49.87
N PRO D 396 -3.12 -7.38 -49.91
CA PRO D 396 -2.79 -5.96 -50.15
C PRO D 396 -3.42 -5.41 -51.43
N GLU D 397 -3.73 -6.28 -52.39
CA GLU D 397 -4.30 -5.85 -53.66
C GLU D 397 -5.55 -5.02 -53.51
N ARG D 398 -6.35 -5.27 -52.47
CA ARG D 398 -7.64 -4.58 -52.34
C ARG D 398 -7.50 -3.06 -52.27
N PHE D 399 -6.33 -2.55 -51.94
CA PHE D 399 -6.12 -1.11 -51.85
C PHE D 399 -5.53 -0.53 -53.11
N LEU D 400 -5.52 -1.29 -54.20
CA LEU D 400 -5.10 -0.79 -55.50
C LEU D 400 -6.18 -1.07 -56.52
N ASN D 401 -6.16 -0.35 -57.63
CA ASN D 401 -7.11 -0.62 -58.70
C ASN D 401 -6.70 -1.91 -59.38
N PRO D 402 -7.57 -2.52 -60.21
CA PRO D 402 -7.21 -3.85 -60.77
C PRO D 402 -5.93 -3.92 -61.57
N ALA D 403 -5.58 -2.85 -62.23
CA ALA D 403 -4.34 -2.72 -62.89
C ALA D 403 -3.20 -2.73 -61.89
N GLY D 404 -3.36 -1.99 -60.81
CA GLY D 404 -2.27 -1.86 -59.87
C GLY D 404 -1.55 -0.52 -59.95
N THR D 405 -2.17 0.49 -60.54
CA THR D 405 -1.51 1.75 -60.66
C THR D 405 -1.90 2.90 -59.77
N GLN D 406 -2.93 2.79 -58.95
CA GLN D 406 -3.30 3.90 -58.05
C GLN D 406 -3.86 3.38 -56.76
N LEU D 407 -3.74 4.13 -55.68
CA LEU D 407 -4.32 3.65 -54.44
C LEU D 407 -5.79 3.99 -54.36
N ILE D 408 -6.57 3.08 -53.77
CA ILE D 408 -8.00 3.27 -53.57
C ILE D 408 -8.33 2.95 -52.11
N SER D 409 -9.50 3.44 -51.69
CA SER D 409 -10.10 3.11 -50.39
C SER D 409 -11.32 2.23 -50.64
N PRO D 410 -11.19 0.91 -50.68
CA PRO D 410 -12.30 0.08 -51.13
C PRO D 410 -13.50 0.05 -50.18
N SER D 411 -13.39 0.60 -48.97
CA SER D 411 -14.46 0.51 -48.00
C SER D 411 -14.42 1.72 -47.07
N VAL D 412 -15.61 2.21 -46.71
CA VAL D 412 -15.73 3.24 -45.68
C VAL D 412 -15.62 2.64 -44.29
N SER D 413 -15.54 1.31 -44.21
CA SER D 413 -15.46 0.61 -42.93
C SER D 413 -14.00 0.31 -42.61
N TYR D 414 -13.21 1.38 -42.56
CA TYR D 414 -11.76 1.30 -42.40
C TYR D 414 -11.34 2.54 -41.63
N LEU D 415 -11.04 2.35 -40.34
CA LEU D 415 -10.63 3.36 -39.44
C LEU D 415 -9.49 2.85 -38.54
N PRO D 416 -8.27 2.63 -39.16
CA PRO D 416 -7.15 2.18 -38.33
C PRO D 416 -6.71 3.20 -37.30
N PHE D 417 -6.78 4.49 -37.62
CA PHE D 417 -6.37 5.55 -36.72
C PHE D 417 -7.56 6.26 -36.09
N GLY D 418 -8.75 5.68 -36.16
CA GLY D 418 -9.89 6.33 -35.56
C GLY D 418 -10.34 7.56 -36.34
N ALA D 419 -11.09 8.42 -35.65
CA ALA D 419 -11.62 9.62 -36.26
C ALA D 419 -12.25 10.49 -35.18
N GLY D 420 -12.29 11.79 -35.45
CA GLY D 420 -12.98 12.71 -34.58
C GLY D 420 -12.16 13.17 -33.39
N PRO D 421 -12.82 13.72 -32.38
CA PRO D 421 -12.08 14.42 -31.30
C PRO D 421 -10.98 13.60 -30.64
N ARG D 422 -11.16 12.29 -30.57
CA ARG D 422 -10.20 11.41 -29.97
C ARG D 422 -9.44 10.63 -31.01
N SER D 423 -9.35 11.07 -32.29
CA SER D 423 -8.56 10.41 -33.38
C SER D 423 -7.05 10.25 -33.08
N CYS D 424 -6.29 9.40 -33.75
CA CYS D 424 -4.87 9.37 -33.42
C CYS D 424 -4.18 10.69 -33.75
N ILE D 425 -3.36 11.21 -32.85
CA ILE D 425 -2.66 12.45 -33.12
C ILE D 425 -1.26 12.18 -33.69
N GLY D 426 -0.83 10.93 -33.68
CA GLY D 426 0.47 10.59 -34.22
C GLY D 426 0.39 9.86 -35.54
N GLU D 427 -0.74 9.98 -36.20
CA GLU D 427 -0.93 9.36 -37.49
C GLU D 427 0.12 9.72 -38.52
N ILE D 428 0.45 10.99 -38.63
CA ILE D 428 1.45 11.38 -39.63
C ILE D 428 2.80 10.75 -39.31
N LEU D 429 3.20 10.80 -38.05
CA LEU D 429 4.46 10.15 -37.65
C LEU D 429 4.39 8.65 -37.90
N ALA D 430 3.27 8.02 -37.53
CA ALA D 430 3.17 6.57 -37.66
C ALA D 430 3.30 6.14 -39.12
N ARG D 431 2.64 6.85 -40.04
CA ARG D 431 2.63 6.43 -41.43
C ARG D 431 4.00 6.59 -42.09
N GLN D 432 4.71 7.67 -41.76
CA GLN D 432 6.04 7.86 -42.36
C GLN D 432 7.04 6.86 -41.82
N GLU D 433 7.05 6.65 -40.50
CA GLU D 433 7.93 5.65 -39.90
C GLU D 433 7.71 4.29 -40.53
N LEU D 434 6.45 3.88 -40.68
CA LEU D 434 6.16 2.53 -41.15
C LEU D 434 6.64 2.33 -42.58
N PHE D 435 6.38 3.29 -43.45
CA PHE D 435 6.76 3.14 -44.86
C PHE D 435 8.27 3.13 -45.02
N LEU D 436 8.96 4.03 -44.32
CA LEU D 436 10.41 4.13 -44.50
C LEU D 436 11.12 2.91 -43.91
N ILE D 437 10.67 2.43 -42.76
CA ILE D 437 11.33 1.26 -42.16
C ILE D 437 11.29 0.09 -43.12
N MET D 438 10.11 -0.23 -43.62
CA MET D 438 9.96 -1.39 -44.51
C MET D 438 10.53 -1.11 -45.88
N ALA D 439 10.59 0.16 -46.30
CA ALA D 439 11.24 0.48 -47.56
C ALA D 439 12.74 0.21 -47.49
N TRP D 440 13.42 0.74 -46.47
CA TRP D 440 14.85 0.52 -46.34
C TRP D 440 15.17 -0.96 -46.10
N LEU D 441 14.34 -1.65 -45.34
CA LEU D 441 14.62 -3.05 -45.07
C LEU D 441 14.41 -3.89 -46.31
N LEU D 442 13.35 -3.60 -47.08
CA LEU D 442 13.08 -4.36 -48.29
C LEU D 442 14.12 -4.08 -49.38
N GLN D 443 14.67 -2.87 -49.44
CA GLN D 443 15.68 -2.55 -50.44
C GLN D 443 16.95 -3.39 -50.26
N ARG D 444 17.45 -3.49 -49.04
CA ARG D 444 18.69 -4.20 -48.85
C ARG D 444 18.71 -5.41 -47.98
N PHE D 445 17.58 -5.89 -47.56
CA PHE D 445 17.58 -7.14 -46.80
C PHE D 445 16.57 -8.13 -47.35
N ASP D 446 16.94 -9.42 -47.26
CA ASP D 446 16.12 -10.55 -47.63
C ASP D 446 15.63 -11.02 -46.30
N LEU D 447 14.34 -11.28 -46.18
CA LEU D 447 13.76 -11.68 -44.93
C LEU D 447 13.14 -13.00 -45.21
N GLU D 448 13.69 -14.08 -44.70
CA GLU D 448 13.11 -15.37 -45.01
C GLU D 448 12.71 -16.11 -43.78
N VAL D 449 11.92 -17.15 -43.96
CA VAL D 449 11.46 -17.98 -42.87
C VAL D 449 12.66 -18.68 -42.32
N PRO D 450 12.73 -18.89 -41.01
CA PRO D 450 13.92 -19.49 -40.42
C PRO D 450 14.20 -20.92 -40.75
N ASP D 451 15.42 -21.31 -40.40
CA ASP D 451 15.95 -22.63 -40.61
C ASP D 451 15.07 -23.67 -40.01
N ASP D 452 14.51 -23.33 -38.86
CA ASP D 452 13.66 -24.21 -38.11
C ASP D 452 12.47 -24.70 -38.91
N GLY D 453 11.87 -23.83 -39.70
CA GLY D 453 10.71 -24.16 -40.50
C GLY D 453 9.40 -23.75 -39.87
N GLN D 454 9.47 -23.01 -38.79
CA GLN D 454 8.29 -22.59 -38.12
C GLN D 454 7.95 -21.22 -38.58
N LEU D 455 6.67 -20.92 -38.72
CA LEU D 455 6.26 -19.59 -39.10
C LEU D 455 5.69 -18.79 -37.92
N PRO D 456 5.72 -17.43 -38.01
CA PRO D 456 5.16 -16.74 -36.86
C PRO D 456 3.67 -17.00 -36.72
N SER D 457 3.21 -17.07 -35.48
CA SER D 457 1.78 -17.20 -35.22
C SER D 457 1.11 -15.84 -35.34
N LEU D 458 0.07 -15.76 -36.16
CA LEU D 458 -0.66 -14.52 -36.35
C LEU D 458 -1.87 -14.41 -35.43
N GLU D 459 -1.95 -15.27 -34.41
CA GLU D 459 -3.09 -15.25 -33.50
C GLU D 459 -3.17 -13.92 -32.74
N GLY D 460 -2.02 -13.37 -32.36
CA GLY D 460 -1.99 -12.08 -31.71
C GLY D 460 -2.22 -12.19 -30.22
N ILE D 461 -1.90 -11.10 -29.51
CA ILE D 461 -2.07 -11.00 -28.08
C ILE D 461 -2.67 -9.64 -27.76
N PRO D 462 -3.97 -9.56 -27.45
CA PRO D 462 -4.59 -8.24 -27.23
C PRO D 462 -4.12 -7.57 -25.95
N LYS D 463 -3.58 -6.36 -26.07
CA LYS D 463 -3.26 -5.52 -24.92
C LYS D 463 -3.80 -4.12 -25.19
N VAL D 464 -3.23 -3.10 -24.53
CA VAL D 464 -3.67 -1.73 -24.87
C VAL D 464 -3.38 -1.57 -26.36
N VAL D 465 -2.35 -2.30 -26.85
CA VAL D 465 -1.97 -2.48 -28.26
C VAL D 465 -2.10 -3.96 -28.61
N PHE D 466 -2.42 -4.26 -29.86
CA PHE D 466 -2.59 -5.64 -30.33
C PHE D 466 -1.22 -6.18 -30.75
N LEU D 467 -0.57 -6.92 -29.85
CA LEU D 467 0.79 -7.39 -30.08
C LEU D 467 0.84 -8.80 -30.68
N ILE D 468 1.97 -9.12 -31.30
CA ILE D 468 2.22 -10.43 -31.88
C ILE D 468 3.24 -11.19 -31.03
N ASP D 469 3.08 -12.51 -31.00
CA ASP D 469 4.06 -13.37 -30.34
C ASP D 469 5.47 -13.12 -30.89
N SER D 470 6.46 -13.17 -30.01
CA SER D 470 7.86 -13.14 -30.46
C SER D 470 8.09 -14.16 -31.57
N PHE D 471 8.88 -13.76 -32.57
CA PHE D 471 9.17 -14.67 -33.66
C PHE D 471 10.55 -14.35 -34.24
N LYS D 472 11.08 -15.32 -34.99
CA LYS D 472 12.39 -15.19 -35.59
C LYS D 472 12.28 -14.98 -37.09
N VAL D 473 13.19 -14.19 -37.65
CA VAL D 473 13.32 -13.96 -39.09
C VAL D 473 14.80 -14.07 -39.43
N LYS D 474 15.15 -14.92 -40.38
CA LYS D 474 16.53 -15.01 -40.86
C LYS D 474 16.75 -13.96 -41.93
N ILE D 475 17.70 -13.06 -41.71
CA ILE D 475 17.89 -11.98 -42.58
C ILE D 475 19.28 -12.02 -43.14
N LYS D 476 19.43 -11.86 -44.47
CA LYS D 476 20.73 -11.82 -45.12
C LYS D 476 20.66 -10.62 -46.05
N VAL D 477 21.81 -10.06 -46.35
CA VAL D 477 21.82 -8.91 -47.17
C VAL D 477 21.61 -9.38 -48.60
N ARG D 478 20.90 -8.58 -49.40
CA ARG D 478 20.55 -8.89 -50.77
C ARG D 478 21.70 -8.92 -51.73
N GLN D 479 21.61 -9.76 -52.76
CA GLN D 479 22.65 -9.81 -53.76
C GLN D 479 22.77 -8.48 -54.45
N ALA D 480 21.64 -7.88 -54.80
CA ALA D 480 21.60 -6.59 -55.46
C ALA D 480 22.14 -5.48 -54.62
N TRP D 481 22.02 -5.56 -53.29
CA TRP D 481 22.51 -4.50 -52.42
C TRP D 481 23.99 -4.29 -52.55
N ARG D 482 24.69 -5.39 -52.76
CA ARG D 482 26.14 -5.38 -52.90
C ARG D 482 26.55 -4.72 -54.21
N GLU D 483 25.78 -4.96 -55.25
CA GLU D 483 26.13 -4.50 -56.59
C GLU D 483 26.27 -3.00 -56.78
N ALA D 484 25.56 -2.20 -56.00
CA ALA D 484 25.72 -0.74 -56.07
C ALA D 484 26.89 -0.22 -55.20
N GLN D 485 27.50 -1.09 -54.40
CA GLN D 485 28.63 -0.78 -53.60
C GLN D 485 29.80 -1.47 -54.28
CHA HEM E . -17.38 -28.03 6.48
CHB HEM E . -17.45 -24.55 9.75
CHC HEM E . -13.60 -26.54 11.88
CHD HEM E . -13.89 -30.30 8.91
C1A HEM E . -17.69 -26.92 7.21
C2A HEM E . -18.79 -26.13 6.92
C3A HEM E . -18.83 -25.13 7.83
C4A HEM E . -17.75 -25.34 8.68
CMA HEM E . -19.83 -24.02 7.89
CAA HEM E . -19.67 -26.35 5.74
CBA HEM E . -21.16 -26.58 5.93
CGA HEM E . -21.73 -26.68 4.54
O1A HEM E . -22.95 -26.73 4.35
O2A HEM E . -21.04 -26.74 3.53
C1B HEM E . -16.37 -24.82 10.57
C2B HEM E . -16.00 -23.93 11.58
C3B HEM E . -14.91 -24.45 12.18
C4B HEM E . -14.65 -25.72 11.51
CMB HEM E . -16.69 -22.64 11.89
CAB HEM E . -14.16 -23.88 13.30
CBB HEM E . -14.54 -22.73 13.82
C1C HEM E . -13.36 -27.77 11.28
C2C HEM E . -12.40 -28.67 11.68
C3C HEM E . -12.48 -29.74 10.84
C4C HEM E . -13.51 -29.46 9.91
CMC HEM E . -11.44 -28.52 12.82
CAC HEM E . -11.62 -30.92 10.94
CBC HEM E . -11.73 -31.93 10.09
C1D HEM E . -14.86 -29.92 8.01
C2D HEM E . -15.16 -30.75 6.85
C3D HEM E . -16.13 -30.14 6.18
C4D HEM E . -16.43 -28.92 6.93
CMD HEM E . -14.53 -32.05 6.47
CAD HEM E . -16.76 -30.63 4.92
CBD HEM E . -18.04 -31.38 5.30
CGD HEM E . -18.64 -32.03 4.10
O1D HEM E . -19.32 -33.05 4.19
O2D HEM E . -18.47 -31.55 2.98
NA HEM E . -17.01 -26.41 8.26
NB HEM E . -15.56 -25.87 10.56
NC HEM E . -14.02 -28.24 10.20
ND HEM E . -15.65 -28.83 8.01
FE HEM E . -15.67 -27.46 9.24
HHB HEM E . -18.19 -24.05 10.16
HHC HEM E . -12.84 -26.13 12.33
HHD HEM E . -13.84 -31.25 9.11
HMA HEM E . -19.84 -23.53 7.04
HMAA HEM E . -19.59 -23.41 8.61
HMAB HEM E . -20.72 -24.39 8.06
HAA HEM E . -19.34 -27.11 5.24
HAAA HEM E . -19.58 -25.58 5.17
HBA HEM E . -21.56 -25.83 6.39
HBAA HEM E . -21.32 -27.40 6.41
HMB HEM E . -17.04 -22.27 11.08
HMBA HEM E . -16.12 -22.00 12.30
HMBB HEM E . -17.43 -22.83 12.49
HAB HEM E . -13.32 -24.28 13.57
HBB HEM E . -13.86 -22.11 14.11
HBBA HEM E . -15.42 -22.66 14.21
HMC HEM E . -10.96 -27.69 12.73
HMCA HEM E . -10.82 -29.27 12.84
HMCB HEM E . -11.95 -28.51 13.66
HAC HEM E . -11.09 -31.05 11.72
HBC HEM E . -11.78 -32.84 10.41
HBCA HEM E . -11.77 -31.76 9.13
HMD HEM E . -15.11 -32.55 5.86
HMDA HEM E . -14.37 -32.58 7.28
HMDB HEM E . -13.67 -31.88 6.04
HAD HEM E . -16.16 -31.22 4.45
HADA HEM E . -16.99 -29.88 4.35
HBD HEM E . -18.67 -30.76 5.67
HBDA HEM E . -17.82 -32.06 5.96
HHA HEM E . -17.49 -27.96 5.51
C10 U7P F . -9.57 -27.70 2.59
C13 U7P F . -10.63 -27.96 3.51
C15 U7P F . -11.98 -26.03 2.43
C17 U7P F . -9.30 -25.34 3.76
C20 U7P F . -13.57 -26.75 6.66
C22 U7P F . -14.52 -24.57 7.42
C24 U7P F . -13.76 -24.80 5.05
C26 U7P F . -11.59 -29.13 3.35
C01 U7P F . -6.81 -27.51 1.76
C02 U7P F . -5.42 -27.79 2.13
C03 U7P F . -4.57 -26.58 2.35
C05 U7P F . -5.26 -25.26 2.48
C06 U7P F . -6.65 -25.40 3.10
C07 U7P F . -7.52 -26.30 2.30
C08 U7P F . -8.10 -25.56 1.16
C09 U7P F . -8.59 -26.63 3.25
C11 U7P F . -8.81 -28.95 2.30
C12 U7P F . -7.71 -28.67 1.25
C14 U7P F . -11.55 -26.62 3.72
C16 U7P F . -10.79 -25.61 4.43
C18 U7P F . -12.78 -26.99 4.24
C19 U7P F . -13.39 -26.16 5.32
C23 U7P F . -14.34 -23.98 6.09
C25 U7P F . -12.88 -28.65 4.18
N21 U7P F . -14.09 -25.92 7.67
O04 U7P F . -3.42 -26.64 2.40
H101 U7P F . -9.94 -27.35 1.76
H131 U7P F . -10.19 -28.12 4.37
H153 U7P F . -12.55 -26.67 1.95
H151 U7P F . -11.19 -25.83 1.88
H152 U7P F . -12.49 -25.21 2.59
H171 U7P F . -9.41 -24.71 3.02
H172 U7P F . -8.73 -24.92 4.44
H201 U7P F . -13.28 -27.66 6.85
H221 U7P F . -14.90 -24.03 8.15
H241 U7P F . -13.64 -24.42 4.15
H261 U7P F . -11.26 -30.03 3.58
H262 U7P F . -11.81 -29.24 2.41
H021 U7P F . -5.00 -28.64 1.89
H052 U7P F . -5.42 -24.93 1.58
H051 U7P F . -4.71 -24.55 2.83
H061 U7P F . -6.55 -25.78 4.00
H062 U7P F . -7.06 -24.53 3.16
H082 U7P F . -9.00 -25.90 0.97
H083 U7P F . -7.53 -25.68 0.37
H081 U7P F . -8.14 -24.60 1.38
H091 U7P F . -8.16 -27.05 4.02
H111 U7P F . -8.40 -29.27 3.12
H112 U7P F . -9.43 -29.63 1.95
H122 U7P F . -8.16 -28.34 0.43
H121 U7P F . -7.25 -29.45 0.89
H161 U7P F . -10.67 -25.91 5.35
H162 U7P F . -11.29 -24.77 4.42
H231 U7P F . -14.60 -23.05 5.90
H4 U7P F . -13.69 -29.18 4.35
CHA HEM G . 32.29 -0.09 11.12
CHB HEM G . 31.51 -1.62 6.59
CHC HEM G . 30.25 -5.94 8.42
CHD HEM G . 31.86 -4.64 12.78
C1A HEM G . 32.06 -0.07 9.77
C2A HEM G . 31.97 1.08 8.91
C3A HEM G . 31.76 0.67 7.65
C4A HEM G . 31.71 -0.78 7.66
CMA HEM G . 31.58 1.54 6.37
CAA HEM G . 32.10 2.55 9.41
CBA HEM G . 33.38 3.19 8.89
CGA HEM G . 33.53 4.60 9.43
O1A HEM G . 34.48 5.30 9.02
O2A HEM G . 32.72 5.03 10.30
C1B HEM G . 31.05 -2.92 6.68
C2B HEM G . 30.56 -3.77 5.59
C3B HEM G . 30.20 -4.95 6.14
C4B HEM G . 30.48 -4.90 7.55
CMB HEM G . 30.45 -3.34 4.10
CAB HEM G . 29.63 -6.21 5.44
CBB HEM G . 29.70 -6.37 4.11
C1C HEM G . 30.65 -6.00 9.73
C2C HEM G . 30.69 -7.18 10.55
C3C HEM G . 31.11 -6.82 11.76
C4C HEM G . 31.38 -5.40 11.74
CMC HEM G . 30.27 -8.59 10.06
CAC HEM G . 31.34 -7.67 13.02
CBC HEM G . 31.29 -9.01 13.01
C1D HEM G . 32.06 -3.27 12.74
C2D HEM G . 32.34 -2.41 13.87
C3D HEM G . 32.46 -1.16 13.41
C4D HEM G . 32.26 -1.18 11.98
CMD HEM G . 32.48 -2.87 15.34
CAD HEM G . 32.76 0.09 14.27
CBD HEM G . 34.18 0.58 14.00
CGD HEM G . 34.58 1.65 14.99
O1D HEM G . 35.72 1.58 15.50
O2D HEM G . 33.74 2.55 15.26
NA HEM G . 31.91 -1.19 8.96
NB HEM G . 30.98 -3.65 7.85
NC HEM G . 31.08 -4.94 10.47
ND HEM G . 32.01 -2.48 11.61
FE HEM G . 31.52 -3.07 9.73
HHB HEM G . 31.56 -1.23 5.69
HHC HEM G . 29.73 -6.69 8.08
HHD HEM G . 32.21 -5.11 13.56
HMA HEM G . 30.90 2.22 6.53
HMAA HEM G . 31.31 0.97 5.62
HMAB HEM G . 32.43 1.98 6.17
HAA HEM G . 32.10 2.56 10.38
HAAA HEM G . 31.33 3.06 9.09
HBA HEM G . 33.36 3.23 7.92
HBAA HEM G . 34.14 2.66 9.17
HMB HEM G . 30.30 -2.39 4.05
HMBA HEM G . 29.71 -3.81 3.67
HMBB HEM G . 31.28 -3.55 3.64
HAB HEM G . 29.22 -6.89 5.97
HBB HEM G . 29.14 -7.03 3.69
HBBA HEM G . 30.38 -5.92 3.60
HMC HEM G . 29.64 -8.49 9.33
HMCA HEM G . 29.84 -9.07 10.78
HMCB HEM G . 31.06 -9.06 9.75
HAC HEM G . 31.54 -7.24 13.85
HBC HEM G . 31.13 -9.49 13.84
HBCA HEM G . 31.49 -9.50 12.20
HMD HEM G . 32.84 -2.15 15.89
HMDA HEM G . 33.09 -3.64 15.38
HMDB HEM G . 31.60 -3.15 15.68
HAD HEM G . 32.66 -0.12 15.21
HADA HEM G . 32.13 0.79 14.03
HBD HEM G . 34.22 0.93 13.11
HBDA HEM G . 34.78 -0.17 14.09
HHA HEM G . 32.52 0.78 11.53
C10 U7P H . 24.94 -1.96 15.46
C13 U7P H . 26.22 -2.16 14.74
C15 U7P H . 25.67 -0.12 13.22
C17 U7P H . 23.50 -2.32 13.30
C20 U7P H . 28.97 -2.29 10.70
C22 U7P H . 28.68 -1.39 8.33
C24 U7P H . 27.07 -0.64 10.22
C26 U7P H . 27.61 -1.69 15.27
C01 U7P H . 22.63 -2.86 17.04
C02 U7P H . 21.73 -3.69 17.87
C03 U7P H . 20.54 -4.38 17.22
C05 U7P H . 20.20 -4.14 15.73
C06 U7P H . 21.51 -3.86 14.94
C07 U7P H . 22.39 -2.74 15.52
C08 U7P H . 21.67 -1.41 15.37
C09 U7P H . 23.69 -2.80 14.79
C11 U7P H . 25.11 -2.16 16.96
C12 U7P H . 23.73 -1.91 17.67
C14 U7P H . 26.06 -1.59 13.17
C16 U7P H . 24.92 -2.22 12.44
C18 U7P H . 27.38 -1.58 12.62
C19 U7P H . 27.77 -1.50 11.16
C23 U7P H . 27.50 -0.58 8.80
C25 U7P H . 28.43 -1.36 13.90
N21 U7P H . 29.37 -2.22 9.30
O04 U7P H . 19.86 -5.16 17.86
H101 U7P H . 24.70 -1.02 15.37
H131 U7P H . 26.30 -3.13 14.66
H153 U7P H . 26.11 0.37 12.50
H151 U7P H . 25.95 0.25 14.08
H152 U7P H . 24.69 -0.02 13.13
H171 U7P H . 22.92 -2.96 12.84
H172 U7P H . 23.07 -1.45 13.28
H201 U7P H . 29.46 -2.87 11.33
H221 U7P H . 28.97 -1.36 7.39
H241 U7P H . 26.30 -0.12 10.51
H261 U7P H . 28.08 -2.27 15.90
H262 U7P H . 27.50 -0.88 15.81
H021 U7P H . 21.80 -3.67 18.85
H052 U7P H . 19.67 -3.32 15.69
H051 U7P H . 19.57 -4.77 15.33
H061 U7P H . 22.03 -4.69 14.91
H062 U7P H . 21.26 -3.62 14.03
H082 U7P H . 22.34 -0.69 15.33
H083 U7P H . 21.08 -1.28 16.13
H081 U7P H . 21.15 -1.42 14.55
H091 U7P H . 23.97 -3.73 14.76
H111 U7P H . 25.78 -1.54 17.30
H112 U7P H . 25.41 -3.09 17.13
H122 U7P H . 23.83 -2.16 18.61
H121 U7P H . 23.48 -0.97 17.77
H161 U7P H . 24.76 -1.72 11.63
H162 U7P H . 25.19 -3.13 12.20
H231 U7P H . 27.01 -0.02 8.17
H4 U7P H . 29.39 -1.19 13.83
CL CL I . 4.93 8.21 18.35
CHA HEM J . -12.54 27.31 8.84
CHB HEM J . -12.68 28.98 13.34
CHC HEM J . -16.33 25.96 14.31
CHD HEM J . -16.69 24.97 9.61
C1A HEM J . -12.24 27.95 10.00
C2A HEM J . -11.08 28.71 10.19
C3A HEM J . -11.11 29.17 11.45
C4A HEM J . -12.30 28.72 12.05
CMA HEM J . -10.07 30.04 12.10
CAA HEM J . -9.98 28.92 9.18
CBA HEM J . -9.70 30.34 8.70
CGA HEM J . -8.61 30.29 7.66
O1A HEM J . -8.12 31.31 7.19
O2A HEM J . -8.20 29.22 7.24
C1B HEM J . -13.67 28.25 13.99
C2B HEM J . -13.92 28.38 15.36
C3B HEM J . -14.92 27.54 15.67
C4B HEM J . -15.31 26.89 14.41
CMB HEM J . -13.19 29.26 16.33
CAB HEM J . -15.50 27.36 17.01
CBB HEM J . -16.48 26.52 17.19
C1C HEM J . -16.80 25.50 13.11
C2C HEM J . -17.99 24.79 12.92
C3C HEM J . -18.10 24.51 11.58
C4C HEM J . -16.96 25.05 10.94
CMC HEM J . -18.99 24.41 13.97
CAC HEM J . -19.23 23.77 11.00
CBC HEM J . -19.49 23.76 9.70
C1D HEM J . -15.53 25.51 9.06
C2D HEM J . -15.18 25.29 7.66
C3D HEM J . -14.05 25.95 7.43
C4D HEM J . -13.69 26.56 8.71
CMD HEM J . -15.94 24.49 6.64
CAD HEM J . -13.29 25.99 6.14
CBD HEM J . -13.54 27.29 5.37
CGD HEM J . -12.85 27.25 4.04
O1D HEM J . -13.33 27.79 3.05
O2D HEM J . -11.77 26.70 3.91
NA HEM J . -12.95 27.91 11.17
NB HEM J . -14.49 27.33 13.47
NC HEM J . -16.19 25.63 11.90
ND HEM J . -14.60 26.27 9.65
FE HEM J . -14.57 26.83 11.41
HHB HEM J . -12.47 29.87 13.70
HHC HEM J . -16.41 25.33 15.06
HHD HEM J . -17.09 24.21 9.13
HMA HEM J . -9.21 29.59 12.03
HMAA HEM J . -10.30 30.17 13.04
HMAB HEM J . -10.04 30.90 11.64
HAA HEM J . -10.18 28.38 8.40
HAAA HEM J . -9.15 28.58 9.57
HBA HEM J . -9.42 30.89 9.44
HBAA HEM J . -10.51 30.71 8.30
HMB HEM J . -12.24 29.16 16.23
HMBA HEM J . -13.44 29.04 17.25
HMBB HEM J . -13.43 30.18 16.16
HAB HEM J . -15.27 27.99 17.71
HBB HEM J . -16.49 25.96 17.99
HBBA HEM J . -17.20 26.45 16.56
HMC HEM J . -18.55 23.89 14.65
HMCA HEM J . -19.70 23.88 13.57
HMCB HEM J . -19.36 25.21 14.36
HAC HEM J . -19.71 23.15 11.55
HBC HEM J . -19.99 23.04 9.32
HBCA HEM J . -19.20 24.50 9.15
HMD HEM J . -15.74 24.84 5.74
HMDA HEM J . -16.90 24.58 6.81
HMDB HEM J . -15.68 23.55 6.71
HAD HEM J . -13.57 25.24 5.59
HADA HEM J . -12.35 25.92 6.32
HBD HEM J . -13.20 28.04 5.89
HBDA HEM J . -14.50 27.40 5.23
HHA HEM J . -12.16 27.68 8.01
C10 U7P K . -11.86 18.36 9.15
C13 U7P K . -12.45 19.69 9.20
C15 U7P K . -10.18 20.51 9.88
C17 U7P K . -11.43 18.58 11.73
C20 U7P K . -13.05 23.88 11.12
C22 U7P K . -11.94 25.27 12.78
C24 U7P K . -10.68 23.38 11.73
C26 U7P K . -12.71 20.52 7.96
C01 U7P K . -11.95 15.48 9.49
C02 U7P K . -13.00 14.48 9.73
C03 U7P K . -12.89 13.82 11.05
C05 U7P K . -11.94 14.35 12.11
C06 U7P K . -11.74 15.85 12.02
C07 U7P K . -11.41 16.33 10.64
C08 U7P K . -9.93 16.39 10.55
C09 U7P K . -11.99 17.69 10.60
C11 U7P K . -12.56 17.50 8.17
C12 U7P K . -11.86 16.13 8.08
C14 U7P K . -11.60 20.64 10.23
C16 U7P K . -11.76 20.19 11.57
C18 U7P K . -11.88 21.96 9.94
C19 U7P K . -11.84 23.09 10.94
C23 U7P K . -10.71 24.49 12.64
C25 U7P K . -12.88 21.97 8.63
N21 U7P K . -13.10 24.97 12.02
O04 U7P K . -13.55 12.88 11.24
H101 U7P K . -10.92 18.42 8.90
H131 U7P K . -13.32 19.55 9.60
H153 U7P K . -9.80 19.75 10.35
H151 U7P K . -10.10 20.39 8.91
H152 U7P K . -9.71 21.33 10.15
H171 U7P K . -11.81 18.28 12.59
H172 U7P K . -10.48 18.44 11.76
H201 U7P K . -13.83 23.67 10.58
H221 U7P K . -11.94 26.00 13.42
H241 U7P K . -9.86 22.85 11.61
H261 U7P K . -13.42 20.25 7.35
H262 U7P K . -11.93 20.49 7.37
H021 U7P K . -13.39 14.00 8.98
H052 U7P K . -12.38 14.19 12.97
H051 U7P K . -11.14 13.83 12.26
H061 U7P K . -11.00 16.10 12.62
H062 U7P K . -12.55 16.29 12.32
H082 U7P K . -9.60 15.66 9.98
H083 U7P K . -9.67 17.25 10.15
H081 U7P K . -9.54 16.32 11.44
H091 U7P K . -12.94 17.59 10.77
H111 U7P K . -13.49 17.37 8.46
H112 U7P K . -12.55 17.93 7.29
H122 U7P K . -10.91 16.29 7.89
H121 U7P K . -12.12 15.56 7.33
H161 U7P K . -11.17 20.69 12.14
H162 U7P K . -12.70 20.35 11.85
H231 U7P K . -9.92 24.70 13.18
H4 U7P K . -13.24 22.77 8.18
CL CL L . -3.56 14.49 -8.15
CHA HEM M . -4.96 7.35 -30.05
CHB HEM M . -4.22 4.44 -33.67
CHC HEM M . 0.42 5.44 -33.51
CHD HEM M . -0.42 8.78 -30.28
C1A HEM M . -5.11 6.44 -31.04
C2A HEM M . -6.31 5.81 -31.27
C3A HEM M . -6.12 5.00 -32.28
C4A HEM M . -4.81 5.13 -32.70
CMA HEM M . -7.18 4.12 -32.83
CAA HEM M . -7.55 6.02 -30.49
CBA HEM M . -8.79 6.03 -31.33
CGA HEM M . -9.94 6.42 -30.47
O1A HEM M . -10.95 6.93 -30.85
O2A HEM M . -9.89 6.25 -29.30
C1B HEM M . -2.86 4.47 -33.88
C2B HEM M . -2.26 3.66 -34.81
C3B HEM M . -0.94 3.90 -34.80
C4B HEM M . -0.81 4.92 -33.81
CMB HEM M . -3.11 2.79 -35.64
CAB HEM M . 0.27 3.46 -35.51
CBB HEM M . 0.33 2.66 -36.53
C1C HEM M . 0.58 6.44 -32.62
C2C HEM M . 1.74 7.06 -32.49
C3C HEM M . 1.57 8.03 -31.58
C4C HEM M . 0.23 7.99 -31.18
CMC HEM M . 2.97 6.70 -33.23
CAC HEM M . 2.72 8.88 -31.25
CBC HEM M . 2.62 9.88 -30.45
C1D HEM M . -1.76 8.58 -29.99
C2D HEM M . -2.41 9.34 -28.94
C3D HEM M . -3.65 8.95 -28.89
C4D HEM M . -3.76 7.95 -29.88
CMD HEM M . -1.86 10.37 -28.05
CAD HEM M . -4.68 9.44 -27.92
CBD HEM M . -5.65 10.47 -28.46
CGD HEM M . -6.61 11.00 -27.47
O1D HEM M . -7.16 12.06 -27.64
O2D HEM M . -6.95 10.43 -26.49
NA HEM M . -4.16 5.98 -31.89
NB HEM M . -1.97 5.20 -33.31
NC HEM M . -0.34 6.96 -31.85
ND HEM M . -2.62 7.74 -30.53
FE HEM M . -2.33 6.55 -31.90
HHB HEM M . -4.79 4.19 -34.43
HHC HEM M . 1.18 4.82 -33.57
HHD HEM M . 0.12 9.17 -29.56
HMA HEM M . -7.63 3.64 -32.10
HMAA HEM M . -6.77 3.46 -33.43
HMAB HEM M . -7.82 4.64 -33.34
HAA HEM M . -7.50 6.86 -30.01
HAAA HEM M . -7.62 5.30 -29.83
HBA HEM M . -9.00 5.15 -31.65
HBAA HEM M . -8.69 6.65 -32.06
HMB HEM M . -3.62 2.20 -35.07
HMBA HEM M . -2.55 2.26 -36.24
HMBB HEM M . -3.71 3.33 -36.17
HAB HEM M . 1.12 3.69 -35.13
HBB HEM M . 1.20 2.33 -36.83
HBBA HEM M . -0.47 2.32 -36.93
HMC HEM M . 3.62 7.42 -33.21
HMCA HEM M . 2.75 6.51 -34.16
HMCB HEM M . 3.36 5.90 -32.84
HAC HEM M . 3.59 8.56 -31.46
HBC HEM M . 3.37 10.47 -30.34
HBCA HEM M . 1.75 10.17 -30.12
HMD HEM M . -2.55 11.02 -27.82
HMDA HEM M . -1.12 10.83 -28.52
HMDB HEM M . -1.50 9.95 -27.24
HAD HEM M . -4.24 9.82 -27.15
HADA HEM M . -5.18 8.67 -27.63
HBD HEM M . -6.15 10.05 -29.18
HBDA HEM M . -5.14 11.20 -28.82
HHA HEM M . -5.51 7.23 -29.24
C10 U7P N . 0.35 4.69 -23.38
C13 U7P N . -0.02 5.28 -24.69
C15 U7P N . -2.07 3.77 -24.75
C17 U7P N . 0.66 2.37 -24.58
C20 U7P N . -1.83 5.18 -29.27
C22 U7P N . -2.72 3.26 -30.73
C24 U7P N . -2.50 2.98 -28.16
C26 U7P N . -0.68 6.68 -24.91
C01 U7P N . 2.72 3.96 -21.59
C02 U7P N . 4.13 3.92 -21.11
C03 U7P N . 5.01 2.71 -21.45
C05 U7P N . 4.39 1.50 -22.20
C06 U7P N . 3.22 1.97 -23.12
C07 U7P N . 2.13 2.85 -22.49
C08 U7P N . 1.21 2.01 -21.64
C09 U7P N . 1.37 3.45 -23.64
C11 U7P N . 1.10 5.75 -22.59
C12 U7P N . 1.82 5.23 -21.31
C14 U7P N . -0.92 4.22 -25.62
C16 U7P N . -0.09 3.05 -25.92
C18 U7P N . -1.57 4.93 -26.68
C19 U7P N . -1.96 4.34 -28.04
C23 U7P N . -2.87 2.42 -29.48
C25 U7P N . -1.69 6.53 -26.20
N21 U7P N . -2.20 4.61 -30.58
O04 U7P N . 6.16 2.70 -21.08
H101 U7P N . -0.42 4.41 -22.88
H131 U7P N . 0.83 5.36 -25.16
H153 U7P N . -2.75 3.37 -25.31
H151 U7P N . -2.44 4.54 -24.28
H152 U7P N . -1.76 3.10 -24.09
H171 U7P N . 0.00 1.88 -24.05
H172 U7P N . 1.34 1.74 -24.90
H201 U7P N . -1.48 6.09 -29.22
H221 U7P N . -2.97 2.91 -31.61
H241 U7P N . -2.59 2.44 -27.36
H261 U7P N . -0.08 7.46 -24.96
H262 U7P N . -1.19 6.91 -24.11
H021 U7P N . 4.45 4.59 -20.47
H052 U7P N . 3.99 0.92 -21.53
H051 U7P N . 5.04 0.88 -22.60
H061 U7P N . 3.62 2.45 -23.87
H062 U7P N . 2.80 1.16 -23.47
H082 U7P N . 1.35 1.05 -21.83
H083 U7P N . 0.27 2.25 -21.85
H081 U7P N . 1.39 2.19 -20.70
H091 U7P N . 2.06 3.84 -24.21
H111 U7P N . 0.48 6.45 -22.34
H112 U7P N . 1.79 6.12 -23.19
H122 U7P N . 1.11 4.95 -20.69
H121 U7P N . 2.24 5.93 -20.77
H161 U7P N . 0.61 3.31 -26.56
H162 U7P N . -0.65 2.36 -26.33
H231 U7P N . -3.22 1.51 -29.54
H4 U7P N . -2.04 7.26 -26.74
CL CL O . -9.84 -3.13 -11.39
#